data_5ER4
# 
_entry.id   5ER4 
# 
_audit_conform.dict_name       mmcif_pdbx.dic 
_audit_conform.dict_version    5.379 
_audit_conform.dict_location   http://mmcif.pdb.org/dictionaries/ascii/mmcif_pdbx.dic 
# 
loop_
_database_2.database_id 
_database_2.database_code 
_database_2.pdbx_database_accession 
_database_2.pdbx_DOI 
PDB   5ER4         pdb_00005er4 10.2210/pdb5er4/pdb 
WWPDB D_1000215385 ?            ?                   
# 
loop_
_pdbx_database_related.db_name 
_pdbx_database_related.details 
_pdbx_database_related.db_id 
_pdbx_database_related.content_type 
PDB '4PE7 contains the same protein complexed with SC1982' 4PE7 unspecified 
PDB '5DKR contains the same protein complexed with SBi29'  5DKR unspecified 
PDB .                                                      5ER5 unspecified 
# 
_pdbx_database_status.status_code                     REL 
_pdbx_database_status.status_code_sf                  REL 
_pdbx_database_status.status_code_mr                  ? 
_pdbx_database_status.entry_id                        5ER4 
_pdbx_database_status.recvd_initial_deposition_date   2015-11-13 
_pdbx_database_status.SG_entry                        N 
_pdbx_database_status.deposit_site                    RCSB 
_pdbx_database_status.process_site                    RCSB 
_pdbx_database_status.status_code_cs                  ? 
_pdbx_database_status.methods_development_category    ? 
_pdbx_database_status.pdb_format_compatible           Y 
_pdbx_database_status.status_code_nmr_data            ? 
# 
loop_
_audit_author.name 
_audit_author.pdbx_ordinal 
'Cavalier, M.C.'      1 
'Melville, Z.E.'      2 
'Aligholizadeh, E.'   3 
'Fang, L.'            4 
'Alasady, M.J.'       5 
'Pierce, A.D.'        6 
'Wilder, P.T.'        7 
'MacKerell Jr., A.D.' 8 
'Weber, D.J.'         9 
# 
_citation.abstract                  ? 
_citation.abstract_id_CAS           ? 
_citation.book_id_ISBN              ? 
_citation.book_publisher            ? 
_citation.book_publisher_city       ? 
_citation.book_title                ? 
_citation.coordinate_linkage        ? 
_citation.country                   ? 
_citation.database_id_Medline       ? 
_citation.details                   ? 
_citation.id                        primary 
_citation.journal_abbrev            'Acta Crystallogr D Struct Biol' 
_citation.journal_id_ASTM           ? 
_citation.journal_id_CSD            ? 
_citation.journal_id_ISSN           2059-7983 
_citation.journal_full              ? 
_citation.journal_issue             ? 
_citation.journal_volume            72 
_citation.language                  ? 
_citation.page_first                753 
_citation.page_last                 760 
_citation.title                     
'Novel protein-inhibitor interactions in site 3 of Ca(2+)-bound S100B as discovered by X-ray crystallography.' 
_citation.year                      2016 
_citation.database_id_CSD           ? 
_citation.pdbx_database_id_DOI      10.1107/S2059798316005532 
_citation.pdbx_database_id_PubMed   27303795 
_citation.unpublished_flag          ? 
# 
loop_
_citation_author.citation_id 
_citation_author.name 
_citation_author.ordinal 
_citation_author.identifier_ORCID 
primary 'Cavalier, M.C.'    1  ? 
primary 'Melville, Z.'      2  ? 
primary 'Aligholizadeh, E.' 3  ? 
primary 'Raman, E.P.'       4  ? 
primary 'Yu, W.'            5  ? 
primary 'Fang, L.'          6  ? 
primary 'Alasady, M.'       7  ? 
primary 'Pierce, A.D.'      8  ? 
primary 'Wilder, P.T.'      9  ? 
primary 'MacKerell, A.D.'   10 ? 
primary 'Weber, D.J.'       11 ? 
# 
_cell.angle_alpha                  90.000 
_cell.angle_alpha_esd              ? 
_cell.angle_beta                   90.000 
_cell.angle_beta_esd               ? 
_cell.angle_gamma                  90.000 
_cell.angle_gamma_esd              ? 
_cell.entry_id                     5ER4 
_cell.details                      ? 
_cell.formula_units_Z              ? 
_cell.length_a                     34.910 
_cell.length_a_esd                 ? 
_cell.length_b                     89.240 
_cell.length_b_esd                 ? 
_cell.length_c                     60.270 
_cell.length_c_esd                 ? 
_cell.volume                       ? 
_cell.volume_esd                   ? 
_cell.Z_PDB                        8 
_cell.reciprocal_angle_alpha       ? 
_cell.reciprocal_angle_beta        ? 
_cell.reciprocal_angle_gamma       ? 
_cell.reciprocal_angle_alpha_esd   ? 
_cell.reciprocal_angle_beta_esd    ? 
_cell.reciprocal_angle_gamma_esd   ? 
_cell.reciprocal_length_a          ? 
_cell.reciprocal_length_b          ? 
_cell.reciprocal_length_c          ? 
_cell.reciprocal_length_a_esd      ? 
_cell.reciprocal_length_b_esd      ? 
_cell.reciprocal_length_c_esd      ? 
_cell.pdbx_unique_axis             ? 
# 
_symmetry.entry_id                         5ER4 
_symmetry.cell_setting                     ? 
_symmetry.Int_Tables_number                20 
_symmetry.space_group_name_Hall            ? 
_symmetry.space_group_name_H-M             'C 2 2 21' 
_symmetry.pdbx_full_space_group_name_H-M   ? 
# 
loop_
_entity.id 
_entity.type 
_entity.src_method 
_entity.pdbx_description 
_entity.formula_weight 
_entity.pdbx_number_of_molecules 
_entity.pdbx_ec 
_entity.pdbx_mutation 
_entity.pdbx_fragment 
_entity.details 
1 polymer     man 'Protein S100-B'                                                          10681.974 1   ? ? ? ? 
2 non-polymer syn 'CALCIUM ION'                                                             40.078    3   ? ? ? ? 
3 non-polymer syn '6-methyl-5,6,6~{a},7-tetrahydro-4~{H}-dibenzo[de,g]quinoline-10,11-diol' 267.322   1   ? ? ? ? 
4 water       nat water                                                                     18.015    138 ? ? ? ? 
# 
_entity_name_com.entity_id   1 
_entity_name_com.name        'S-100 protein beta chain,S-100 protein subunit beta,S100 calcium-binding protein B' 
# 
_entity_poly.entity_id                      1 
_entity_poly.type                           'polypeptide(L)' 
_entity_poly.nstd_linkage                   no 
_entity_poly.nstd_monomer                   no 
_entity_poly.pdbx_seq_one_letter_code       
;MSELEKAVVALIDVFHQYSGREGDKHKLKKSELKELINNELSHFLEEIKEQEVVDKVMETLDSDGDGECDFQEFMAFVAM
ITTACHEFFEHE
;
_entity_poly.pdbx_seq_one_letter_code_can   
;MSELEKAVVALIDVFHQYSGREGDKHKLKKSELKELINNELSHFLEEIKEQEVVDKVMETLDSDGDGECDFQEFMAFVAM
ITTACHEFFEHE
;
_entity_poly.pdbx_strand_id                 X 
_entity_poly.pdbx_target_identifier         ? 
# 
loop_
_entity_poly_seq.entity_id 
_entity_poly_seq.num 
_entity_poly_seq.mon_id 
_entity_poly_seq.hetero 
1 1  MET n 
1 2  SER n 
1 3  GLU n 
1 4  LEU n 
1 5  GLU n 
1 6  LYS n 
1 7  ALA n 
1 8  VAL n 
1 9  VAL n 
1 10 ALA n 
1 11 LEU n 
1 12 ILE n 
1 13 ASP n 
1 14 VAL n 
1 15 PHE n 
1 16 HIS n 
1 17 GLN n 
1 18 TYR n 
1 19 SER n 
1 20 GLY n 
1 21 ARG n 
1 22 GLU n 
1 23 GLY n 
1 24 ASP n 
1 25 LYS n 
1 26 HIS n 
1 27 LYS n 
1 28 LEU n 
1 29 LYS n 
1 30 LYS n 
1 31 SER n 
1 32 GLU n 
1 33 LEU n 
1 34 LYS n 
1 35 GLU n 
1 36 LEU n 
1 37 ILE n 
1 38 ASN n 
1 39 ASN n 
1 40 GLU n 
1 41 LEU n 
1 42 SER n 
1 43 HIS n 
1 44 PHE n 
1 45 LEU n 
1 46 GLU n 
1 47 GLU n 
1 48 ILE n 
1 49 LYS n 
1 50 GLU n 
1 51 GLN n 
1 52 GLU n 
1 53 VAL n 
1 54 VAL n 
1 55 ASP n 
1 56 LYS n 
1 57 VAL n 
1 58 MET n 
1 59 GLU n 
1 60 THR n 
1 61 LEU n 
1 62 ASP n 
1 63 SER n 
1 64 ASP n 
1 65 GLY n 
1 66 ASP n 
1 67 GLY n 
1 68 GLU n 
1 69 CYS n 
1 70 ASP n 
1 71 PHE n 
1 72 GLN n 
1 73 GLU n 
1 74 PHE n 
1 75 MET n 
1 76 ALA n 
1 77 PHE n 
1 78 VAL n 
1 79 ALA n 
1 80 MET n 
1 81 ILE n 
1 82 THR n 
1 83 THR n 
1 84 ALA n 
1 85 CYS n 
1 86 HIS n 
1 87 GLU n 
1 88 PHE n 
1 89 PHE n 
1 90 GLU n 
1 91 HIS n 
1 92 GLU n 
# 
_entity_src_gen.entity_id                          1 
_entity_src_gen.pdbx_src_id                        1 
_entity_src_gen.pdbx_alt_source_flag               sample 
_entity_src_gen.pdbx_seq_type                      'Biological sequence' 
_entity_src_gen.pdbx_beg_seq_num                   1 
_entity_src_gen.pdbx_end_seq_num                   92 
_entity_src_gen.gene_src_common_name               Bovine 
_entity_src_gen.gene_src_genus                     ? 
_entity_src_gen.pdbx_gene_src_gene                 S100B 
_entity_src_gen.gene_src_species                   ? 
_entity_src_gen.gene_src_strain                    ? 
_entity_src_gen.gene_src_tissue                    ? 
_entity_src_gen.gene_src_tissue_fraction           ? 
_entity_src_gen.gene_src_details                   ? 
_entity_src_gen.pdbx_gene_src_fragment             ? 
_entity_src_gen.pdbx_gene_src_scientific_name      'Bos taurus' 
_entity_src_gen.pdbx_gene_src_ncbi_taxonomy_id     9913 
_entity_src_gen.pdbx_gene_src_variant              ? 
_entity_src_gen.pdbx_gene_src_cell_line            ? 
_entity_src_gen.pdbx_gene_src_atcc                 ? 
_entity_src_gen.pdbx_gene_src_organ                ? 
_entity_src_gen.pdbx_gene_src_organelle            ? 
_entity_src_gen.pdbx_gene_src_cell                 ? 
_entity_src_gen.pdbx_gene_src_cellular_location    ? 
_entity_src_gen.host_org_common_name               ? 
_entity_src_gen.pdbx_host_org_scientific_name      'Escherichia coli' 
_entity_src_gen.pdbx_host_org_ncbi_taxonomy_id     562 
_entity_src_gen.host_org_genus                     ? 
_entity_src_gen.pdbx_host_org_gene                 ? 
_entity_src_gen.pdbx_host_org_organ                ? 
_entity_src_gen.host_org_species                   ? 
_entity_src_gen.pdbx_host_org_tissue               ? 
_entity_src_gen.pdbx_host_org_tissue_fraction      ? 
_entity_src_gen.pdbx_host_org_strain               ? 
_entity_src_gen.pdbx_host_org_variant              ? 
_entity_src_gen.pdbx_host_org_cell_line            ? 
_entity_src_gen.pdbx_host_org_atcc                 ? 
_entity_src_gen.pdbx_host_org_culture_collection   ? 
_entity_src_gen.pdbx_host_org_cell                 ? 
_entity_src_gen.pdbx_host_org_organelle            ? 
_entity_src_gen.pdbx_host_org_cellular_location    ? 
_entity_src_gen.pdbx_host_org_vector_type          ? 
_entity_src_gen.pdbx_host_org_vector               ? 
_entity_src_gen.host_org_details                   ? 
_entity_src_gen.expression_system_id               ? 
_entity_src_gen.plasmid_name                       ? 
_entity_src_gen.plasmid_details                    ? 
_entity_src_gen.pdbx_description                   ? 
# 
_struct_ref.db_code                    S100B_BOVIN 
_struct_ref.db_name                    UNP 
_struct_ref.details                    ? 
_struct_ref.entity_id                  1 
_struct_ref.id                         1 
_struct_ref.seq_align                  ? 
_struct_ref.seq_dif                    ? 
_struct_ref.pdbx_db_accession          P02638 
_struct_ref.pdbx_db_isoform            ? 
_struct_ref.pdbx_seq_one_letter_code   
;MSELEKAVVALIDVFHQYSGREGDKHKLKKSELKELINNELSHFLEEIKEQEVVDKVMETLDSDGDGECDFQEFMAFVAM
ITTACHEFFEHE
;
_struct_ref.pdbx_align_begin           1 
_struct_ref.pdbx_align_end             ? 
# 
_struct_ref_seq.align_id                      1 
_struct_ref_seq.ref_id                        1 
_struct_ref_seq.pdbx_PDB_id_code              5ER4 
_struct_ref_seq.pdbx_strand_id                X 
_struct_ref_seq.seq_align_beg                 1 
_struct_ref_seq.pdbx_seq_align_beg_ins_code   ? 
_struct_ref_seq.seq_align_end                 92 
_struct_ref_seq.pdbx_seq_align_end_ins_code   ? 
_struct_ref_seq.pdbx_db_accession             P02638 
_struct_ref_seq.db_align_beg                  1 
_struct_ref_seq.pdbx_db_align_beg_ins_code    ? 
_struct_ref_seq.db_align_end                  92 
_struct_ref_seq.pdbx_db_align_end_ins_code    ? 
_struct_ref_seq.pdbx_auth_seq_align_beg       0 
_struct_ref_seq.pdbx_auth_seq_align_end       91 
# 
loop_
_chem_comp.id 
_chem_comp.type 
_chem_comp.mon_nstd_flag 
_chem_comp.name 
_chem_comp.pdbx_synonyms 
_chem_comp.formula 
_chem_comp.formula_weight 
5RL non-polymer         . '6-methyl-5,6,6~{a},7-tetrahydro-4~{H}-dibenzo[de,g]quinoline-10,11-diol' Apomorphine 'C17 H17 N O2'   
267.322 
ALA 'L-peptide linking' y ALANINE                                                                   ?           'C3 H7 N O2'     
89.093  
ARG 'L-peptide linking' y ARGININE                                                                  ?           'C6 H15 N4 O2 1' 
175.209 
ASN 'L-peptide linking' y ASPARAGINE                                                                ?           'C4 H8 N2 O3'    
132.118 
ASP 'L-peptide linking' y 'ASPARTIC ACID'                                                           ?           'C4 H7 N O4'     
133.103 
CA  non-polymer         . 'CALCIUM ION'                                                             ?           'Ca 2'           
40.078  
CYS 'L-peptide linking' y CYSTEINE                                                                  ?           'C3 H7 N O2 S'   
121.158 
GLN 'L-peptide linking' y GLUTAMINE                                                                 ?           'C5 H10 N2 O3'   
146.144 
GLU 'L-peptide linking' y 'GLUTAMIC ACID'                                                           ?           'C5 H9 N O4'     
147.129 
GLY 'peptide linking'   y GLYCINE                                                                   ?           'C2 H5 N O2'     
75.067  
HIS 'L-peptide linking' y HISTIDINE                                                                 ?           'C6 H10 N3 O2 1' 
156.162 
HOH non-polymer         . WATER                                                                     ?           'H2 O'           
18.015  
ILE 'L-peptide linking' y ISOLEUCINE                                                                ?           'C6 H13 N O2'    
131.173 
LEU 'L-peptide linking' y LEUCINE                                                                   ?           'C6 H13 N O2'    
131.173 
LYS 'L-peptide linking' y LYSINE                                                                    ?           'C6 H15 N2 O2 1' 
147.195 
MET 'L-peptide linking' y METHIONINE                                                                ?           'C5 H11 N O2 S'  
149.211 
PHE 'L-peptide linking' y PHENYLALANINE                                                             ?           'C9 H11 N O2'    
165.189 
SER 'L-peptide linking' y SERINE                                                                    ?           'C3 H7 N O3'     
105.093 
THR 'L-peptide linking' y THREONINE                                                                 ?           'C4 H9 N O3'     
119.119 
TYR 'L-peptide linking' y TYROSINE                                                                  ?           'C9 H11 N O3'    
181.189 
VAL 'L-peptide linking' y VALINE                                                                    ?           'C5 H11 N O2'    
117.146 
# 
_exptl.absorpt_coefficient_mu     ? 
_exptl.absorpt_correction_T_max   ? 
_exptl.absorpt_correction_T_min   ? 
_exptl.absorpt_correction_type    ? 
_exptl.absorpt_process_details    ? 
_exptl.entry_id                   5ER4 
_exptl.crystals_number            1 
_exptl.details                    ? 
_exptl.method                     'X-RAY DIFFRACTION' 
_exptl.method_details             ? 
# 
_exptl_crystal.colour                      ? 
_exptl_crystal.density_diffrn              ? 
_exptl_crystal.density_Matthews            2.20 
_exptl_crystal.density_method              ? 
_exptl_crystal.density_percent_sol         44.02 
_exptl_crystal.description                 ? 
_exptl_crystal.F_000                       ? 
_exptl_crystal.id                          1 
_exptl_crystal.preparation                 ? 
_exptl_crystal.size_max                    ? 
_exptl_crystal.size_mid                    ? 
_exptl_crystal.size_min                    ? 
_exptl_crystal.size_rad                    ? 
_exptl_crystal.colour_lustre               ? 
_exptl_crystal.colour_modifier             ? 
_exptl_crystal.colour_primary              ? 
_exptl_crystal.density_meas                ? 
_exptl_crystal.density_meas_esd            ? 
_exptl_crystal.density_meas_gt             ? 
_exptl_crystal.density_meas_lt             ? 
_exptl_crystal.density_meas_temp           ? 
_exptl_crystal.density_meas_temp_esd       ? 
_exptl_crystal.density_meas_temp_gt        ? 
_exptl_crystal.density_meas_temp_lt        ? 
_exptl_crystal.pdbx_crystal_image_url      ? 
_exptl_crystal.pdbx_crystal_image_format   ? 
_exptl_crystal.pdbx_mosaicity              ? 
_exptl_crystal.pdbx_mosaicity_esd          ? 
# 
_exptl_crystal_grow.apparatus       ? 
_exptl_crystal_grow.atmosphere      ? 
_exptl_crystal_grow.crystal_id      1 
_exptl_crystal_grow.details         ? 
_exptl_crystal_grow.method          'VAPOR DIFFUSION, SITTING DROP' 
_exptl_crystal_grow.method_ref      ? 
_exptl_crystal_grow.pH              8.0 
_exptl_crystal_grow.pressure        ? 
_exptl_crystal_grow.pressure_esd    ? 
_exptl_crystal_grow.seeding         ? 
_exptl_crystal_grow.seeding_ref     ? 
_exptl_crystal_grow.temp            295 
_exptl_crystal_grow.temp_details    ? 
_exptl_crystal_grow.temp_esd        ? 
_exptl_crystal_grow.time            ? 
_exptl_crystal_grow.pdbx_details    '25% polyethylene glycol monomethyl ether 550; 0.1M Hepes, pH8.0; 5% Glycerol; 7.5mM CaCl2' 
_exptl_crystal_grow.pdbx_pH_range   ? 
# 
_diffrn.ambient_environment    ? 
_diffrn.ambient_temp           100 
_diffrn.ambient_temp_details   ? 
_diffrn.ambient_temp_esd       ? 
_diffrn.crystal_id             1 
_diffrn.crystal_support        ? 
_diffrn.crystal_treatment      ? 
_diffrn.details                ? 
_diffrn.id                     1 
_diffrn.ambient_pressure       ? 
_diffrn.ambient_pressure_esd   ? 
_diffrn.ambient_pressure_gt    ? 
_diffrn.ambient_pressure_lt    ? 
_diffrn.ambient_temp_gt        ? 
_diffrn.ambient_temp_lt        ? 
# 
_diffrn_detector.details                      ? 
_diffrn_detector.detector                     'IMAGE PLATE' 
_diffrn_detector.diffrn_id                    1 
_diffrn_detector.type                         'RIGAKU RAXIS IV++' 
_diffrn_detector.area_resol_mean              ? 
_diffrn_detector.dtime                        ? 
_diffrn_detector.pdbx_frames_total            ? 
_diffrn_detector.pdbx_collection_time_total   ? 
_diffrn_detector.pdbx_collection_date         2013-02-04 
# 
_diffrn_radiation.collimation                      ? 
_diffrn_radiation.diffrn_id                        1 
_diffrn_radiation.filter_edge                      ? 
_diffrn_radiation.inhomogeneity                    ? 
_diffrn_radiation.monochromator                    ? 
_diffrn_radiation.polarisn_norm                    ? 
_diffrn_radiation.polarisn_ratio                   ? 
_diffrn_radiation.probe                            ? 
_diffrn_radiation.type                             ? 
_diffrn_radiation.xray_symbol                      ? 
_diffrn_radiation.wavelength_id                    1 
_diffrn_radiation.pdbx_monochromatic_or_laue_m_l   M 
_diffrn_radiation.pdbx_wavelength_list             ? 
_diffrn_radiation.pdbx_wavelength                  ? 
_diffrn_radiation.pdbx_diffrn_protocol             'SINGLE WAVELENGTH' 
_diffrn_radiation.pdbx_analyzer                    ? 
_diffrn_radiation.pdbx_scattering_type             x-ray 
# 
_diffrn_radiation_wavelength.id           1 
_diffrn_radiation_wavelength.wavelength   1.54178 
_diffrn_radiation_wavelength.wt           1.0 
# 
_diffrn_source.current                     ? 
_diffrn_source.details                     ? 
_diffrn_source.diffrn_id                   1 
_diffrn_source.power                       ? 
_diffrn_source.size                        ? 
_diffrn_source.source                      'ROTATING ANODE' 
_diffrn_source.target                      ? 
_diffrn_source.type                        'RIGAKU MICROMAX-007' 
_diffrn_source.voltage                     ? 
_diffrn_source.take-off_angle              ? 
_diffrn_source.pdbx_wavelength_list        1.54178 
_diffrn_source.pdbx_wavelength             ? 
_diffrn_source.pdbx_synchrotron_beamline   ? 
_diffrn_source.pdbx_synchrotron_site       ? 
# 
_reflns.B_iso_Wilson_estimate            ? 
_reflns.entry_id                         5ER4 
_reflns.data_reduction_details           ? 
_reflns.data_reduction_method            ? 
_reflns.d_resolution_high                1.810 
_reflns.d_resolution_low                 35.860 
_reflns.details                          ? 
_reflns.limit_h_max                      ? 
_reflns.limit_h_min                      ? 
_reflns.limit_k_max                      ? 
_reflns.limit_k_min                      ? 
_reflns.limit_l_max                      ? 
_reflns.limit_l_min                      ? 
_reflns.number_all                       ? 
_reflns.number_obs                       8890 
_reflns.observed_criterion               ? 
_reflns.observed_criterion_F_max         ? 
_reflns.observed_criterion_F_min         ? 
_reflns.observed_criterion_I_max         ? 
_reflns.observed_criterion_I_min         ? 
_reflns.observed_criterion_sigma_F       ? 
_reflns.observed_criterion_sigma_I       ? 
_reflns.percent_possible_obs             99.900 
_reflns.R_free_details                   ? 
_reflns.Rmerge_F_all                     ? 
_reflns.Rmerge_F_obs                     ? 
_reflns.Friedel_coverage                 ? 
_reflns.number_gt                        ? 
_reflns.threshold_expression             ? 
_reflns.pdbx_redundancy                  5.000 
_reflns.pdbx_Rmerge_I_obs                0.064 
_reflns.pdbx_Rmerge_I_all                ? 
_reflns.pdbx_Rsym_value                  ? 
_reflns.pdbx_netI_over_av_sigmaI         ? 
_reflns.pdbx_netI_over_sigmaI            14.900 
_reflns.pdbx_res_netI_over_av_sigmaI_2   ? 
_reflns.pdbx_res_netI_over_sigmaI_2      ? 
_reflns.pdbx_chi_squared                 ? 
_reflns.pdbx_scaling_rejects             133 
_reflns.pdbx_d_res_high_opt              ? 
_reflns.pdbx_d_res_low_opt               ? 
_reflns.pdbx_d_res_opt_method            ? 
_reflns.phase_calculation_details        ? 
_reflns.pdbx_Rrim_I_all                  ? 
_reflns.pdbx_Rpim_I_all                  0.033 
_reflns.pdbx_d_opt                       ? 
_reflns.pdbx_number_measured_all         44341 
_reflns.pdbx_diffrn_id                   1 
_reflns.pdbx_ordinal                     1 
_reflns.pdbx_CC_half                     0.996 
_reflns.pdbx_R_split                     ? 
# 
loop_
_reflns_shell.d_res_high 
_reflns_shell.d_res_low 
_reflns_shell.meanI_over_sigI_all 
_reflns_shell.meanI_over_sigI_obs 
_reflns_shell.number_measured_all 
_reflns_shell.number_measured_obs 
_reflns_shell.number_possible 
_reflns_shell.number_unique_all 
_reflns_shell.number_unique_obs 
_reflns_shell.percent_possible_all 
_reflns_shell.percent_possible_obs 
_reflns_shell.Rmerge_F_all 
_reflns_shell.Rmerge_F_obs 
_reflns_shell.Rmerge_I_all 
_reflns_shell.Rmerge_I_obs 
_reflns_shell.meanI_over_sigI_gt 
_reflns_shell.meanI_over_uI_all 
_reflns_shell.meanI_over_uI_gt 
_reflns_shell.number_measured_gt 
_reflns_shell.number_unique_gt 
_reflns_shell.percent_possible_gt 
_reflns_shell.Rmerge_F_gt 
_reflns_shell.Rmerge_I_gt 
_reflns_shell.pdbx_redundancy 
_reflns_shell.pdbx_Rsym_value 
_reflns_shell.pdbx_chi_squared 
_reflns_shell.pdbx_netI_over_sigmaI_all 
_reflns_shell.pdbx_netI_over_sigmaI_obs 
_reflns_shell.pdbx_Rrim_I_all 
_reflns_shell.pdbx_Rpim_I_all 
_reflns_shell.pdbx_rejects 
_reflns_shell.pdbx_ordinal 
_reflns_shell.pdbx_diffrn_id 
_reflns_shell.pdbx_CC_half 
_reflns_shell.pdbx_R_split 
1.810 1.850  ? 4.800  2477 ? ? 521 ? 98.300 ? ? ? ? 0.134 ? ? ? ? ? ? ? ? 4.800 ? ? ? ? ? 0.067 0 1 1 0.984 ? 
9.070 35.860 ? 23.600 337  ? ? 86  ? 96.600 ? ? ? ? 0.041 ? ? ? ? ? ? ? ? 3.900 ? ? ? ? ? 0.022 0 2 1 0.997 ? 
# 
_refine.aniso_B[1][1]                            ? 
_refine.aniso_B[1][2]                            ? 
_refine.aniso_B[1][3]                            ? 
_refine.aniso_B[2][2]                            ? 
_refine.aniso_B[2][3]                            ? 
_refine.aniso_B[3][3]                            ? 
_refine.B_iso_max                                55.570 
_refine.B_iso_mean                               24.8300 
_refine.B_iso_min                                13.410 
_refine.correlation_coeff_Fo_to_Fc               ? 
_refine.correlation_coeff_Fo_to_Fc_free          ? 
_refine.details                                  ? 
_refine.diff_density_max                         ? 
_refine.diff_density_max_esd                     ? 
_refine.diff_density_min                         ? 
_refine.diff_density_min_esd                     ? 
_refine.diff_density_rms                         ? 
_refine.diff_density_rms_esd                     ? 
_refine.entry_id                                 5ER4 
_refine.pdbx_refine_id                           'X-RAY DIFFRACTION' 
_refine.ls_abs_structure_details                 ? 
_refine.ls_abs_structure_Flack                   ? 
_refine.ls_abs_structure_Flack_esd               ? 
_refine.ls_abs_structure_Rogers                  ? 
_refine.ls_abs_structure_Rogers_esd              ? 
_refine.ls_d_res_high                            1.8130 
_refine.ls_d_res_low                             32.5110 
_refine.ls_extinction_coef                       ? 
_refine.ls_extinction_coef_esd                   ? 
_refine.ls_extinction_expression                 ? 
_refine.ls_extinction_method                     ? 
_refine.ls_goodness_of_fit_all                   ? 
_refine.ls_goodness_of_fit_all_esd               ? 
_refine.ls_goodness_of_fit_obs                   ? 
_refine.ls_goodness_of_fit_obs_esd               ? 
_refine.ls_hydrogen_treatment                    ? 
_refine.ls_matrix_type                           ? 
_refine.ls_number_constraints                    ? 
_refine.ls_number_parameters                     ? 
_refine.ls_number_reflns_all                     ? 
_refine.ls_number_reflns_obs                     8860 
_refine.ls_number_reflns_R_free                  886 
_refine.ls_number_reflns_R_work                  7974 
_refine.ls_number_restraints                     ? 
_refine.ls_percent_reflns_obs                    99.6800 
_refine.ls_percent_reflns_R_free                 10.0000 
_refine.ls_R_factor_all                          ? 
_refine.ls_R_factor_obs                          0.1853 
_refine.ls_R_factor_R_free                       0.2243 
_refine.ls_R_factor_R_free_error                 ? 
_refine.ls_R_factor_R_free_error_details         ? 
_refine.ls_R_factor_R_work                       0.1813 
_refine.ls_R_Fsqd_factor_obs                     ? 
_refine.ls_R_I_factor_obs                        ? 
_refine.ls_redundancy_reflns_all                 ? 
_refine.ls_redundancy_reflns_obs                 ? 
_refine.ls_restrained_S_all                      ? 
_refine.ls_restrained_S_obs                      ? 
_refine.ls_shift_over_esd_max                    ? 
_refine.ls_shift_over_esd_mean                   ? 
_refine.ls_structure_factor_coef                 ? 
_refine.ls_weighting_details                     ? 
_refine.ls_weighting_scheme                      ? 
_refine.ls_wR_factor_all                         ? 
_refine.ls_wR_factor_obs                         ? 
_refine.ls_wR_factor_R_free                      ? 
_refine.ls_wR_factor_R_work                      ? 
_refine.occupancy_max                            ? 
_refine.occupancy_min                            ? 
_refine.solvent_model_details                    'FLAT BULK SOLVENT MODEL' 
_refine.solvent_model_param_bsol                 ? 
_refine.solvent_model_param_ksol                 ? 
_refine.ls_R_factor_gt                           ? 
_refine.ls_goodness_of_fit_gt                    ? 
_refine.ls_goodness_of_fit_ref                   ? 
_refine.ls_shift_over_su_max                     ? 
_refine.ls_shift_over_su_max_lt                  ? 
_refine.ls_shift_over_su_mean                    ? 
_refine.ls_shift_over_su_mean_lt                 ? 
_refine.pdbx_ls_sigma_I                          ? 
_refine.pdbx_ls_sigma_F                          1.350 
_refine.pdbx_ls_sigma_Fsqd                       ? 
_refine.pdbx_data_cutoff_high_absF               ? 
_refine.pdbx_data_cutoff_high_rms_absF           ? 
_refine.pdbx_data_cutoff_low_absF                ? 
_refine.pdbx_isotropic_thermal_model             ? 
_refine.pdbx_ls_cross_valid_method               'FREE R-VALUE' 
_refine.pdbx_method_to_determine_struct          'MOLECULAR REPLACEMENT' 
_refine.pdbx_starting_model                      1MHO 
_refine.pdbx_stereochemistry_target_values       ML 
_refine.pdbx_R_Free_selection_details            ? 
_refine.pdbx_stereochem_target_val_spec_case     ? 
_refine.pdbx_overall_ESU_R                       ? 
_refine.pdbx_overall_ESU_R_Free                  ? 
_refine.pdbx_solvent_vdw_probe_radii             1.1100 
_refine.pdbx_solvent_ion_probe_radii             ? 
_refine.pdbx_solvent_shrinkage_radii             0.9000 
_refine.pdbx_real_space_R                        ? 
_refine.pdbx_density_correlation                 ? 
_refine.pdbx_pd_number_of_powder_patterns        ? 
_refine.pdbx_pd_number_of_points                 ? 
_refine.pdbx_pd_meas_number_of_points            ? 
_refine.pdbx_pd_proc_ls_prof_R_factor            ? 
_refine.pdbx_pd_proc_ls_prof_wR_factor           ? 
_refine.pdbx_pd_Marquardt_correlation_coeff      ? 
_refine.pdbx_pd_Fsqrd_R_factor                   ? 
_refine.pdbx_pd_ls_matrix_band_width             ? 
_refine.pdbx_overall_phase_error                 20.3400 
_refine.pdbx_overall_SU_R_free_Cruickshank_DPI   ? 
_refine.pdbx_overall_SU_R_free_Blow_DPI          ? 
_refine.pdbx_overall_SU_R_Blow_DPI               ? 
_refine.pdbx_TLS_residual_ADP_flag               ? 
_refine.pdbx_diffrn_id                           1 
_refine.overall_SU_B                             ? 
_refine.overall_SU_ML                            0.1500 
_refine.overall_SU_R_Cruickshank_DPI             ? 
_refine.overall_SU_R_free                        ? 
_refine.overall_FOM_free_R_set                   ? 
_refine.overall_FOM_work_R_set                   0.8595 
_refine.pdbx_average_fsc_overall                 ? 
_refine.pdbx_average_fsc_work                    ? 
_refine.pdbx_average_fsc_free                    ? 
# 
_refine_hist.cycle_id                         final 
_refine_hist.pdbx_refine_id                   'X-RAY DIFFRACTION' 
_refine_hist.d_res_high                       1.8130 
_refine_hist.d_res_low                        32.5110 
_refine_hist.pdbx_number_atoms_ligand         23 
_refine_hist.number_atoms_solvent             138 
_refine_hist.number_atoms_total               888 
_refine_hist.pdbx_number_residues_total       90 
_refine_hist.pdbx_B_iso_mean_ligand           26.48 
_refine_hist.pdbx_B_iso_mean_solvent          33.12 
_refine_hist.pdbx_number_atoms_protein        727 
_refine_hist.pdbx_number_atoms_nucleic_acid   0 
# 
loop_
_refine_ls_restr.pdbx_refine_id 
_refine_ls_restr.criterion 
_refine_ls_restr.dev_ideal 
_refine_ls_restr.dev_ideal_target 
_refine_ls_restr.number 
_refine_ls_restr.rejects 
_refine_ls_restr.type 
_refine_ls_restr.weight 
_refine_ls_restr.pdbx_restraint_function 
'X-RAY DIFFRACTION' ? 0.010  ? 773  ? f_bond_d           ? ? 
'X-RAY DIFFRACTION' ? 0.954  ? 1052 ? f_angle_d          ? ? 
'X-RAY DIFFRACTION' ? 0.072  ? 109  ? f_chiral_restr     ? ? 
'X-RAY DIFFRACTION' ? 0.003  ? 130  ? f_plane_restr      ? ? 
'X-RAY DIFFRACTION' ? 15.030 ? 281  ? f_dihedral_angle_d ? ? 
# 
loop_
_refine_ls_shell.pdbx_refine_id 
_refine_ls_shell.d_res_high 
_refine_ls_shell.d_res_low 
_refine_ls_shell.number_reflns_all 
_refine_ls_shell.number_reflns_obs 
_refine_ls_shell.number_reflns_R_free 
_refine_ls_shell.number_reflns_R_work 
_refine_ls_shell.percent_reflns_obs 
_refine_ls_shell.percent_reflns_R_free 
_refine_ls_shell.R_factor_all 
_refine_ls_shell.R_factor_obs 
_refine_ls_shell.R_factor_R_free 
_refine_ls_shell.R_factor_R_free_error 
_refine_ls_shell.R_factor_R_work 
_refine_ls_shell.redundancy_reflns_all 
_refine_ls_shell.redundancy_reflns_obs 
_refine_ls_shell.wR_factor_all 
_refine_ls_shell.wR_factor_obs 
_refine_ls_shell.wR_factor_R_free 
_refine_ls_shell.wR_factor_R_work 
_refine_ls_shell.pdbx_total_number_of_bins_used 
_refine_ls_shell.pdbx_phase_error 
_refine_ls_shell.pdbx_fsc_work 
_refine_ls_shell.pdbx_fsc_free 
'X-RAY DIFFRACTION' 1.8130 1.9266  1449 . 144 1305 99.0000  . . . 0.2204 . 0.1755 . . . . . . 6 . . . 
'X-RAY DIFFRACTION' 1.9266 2.0753  1450 . 145 1305 100.0000 . . . 0.1927 . 0.1648 . . . . . . 6 . . . 
'X-RAY DIFFRACTION' 2.0753 2.2841  1452 . 146 1306 100.0000 . . . 0.2137 . 0.1585 . . . . . . 6 . . . 
'X-RAY DIFFRACTION' 2.2841 2.6145  1459 . 146 1313 100.0000 . . . 0.2250 . 0.1809 . . . . . . 6 . . . 
'X-RAY DIFFRACTION' 2.6145 3.2935  1490 . 148 1342 100.0000 . . . 0.1995 . 0.1855 . . . . . . 6 . . . 
'X-RAY DIFFRACTION' 3.2935 32.5161 1560 . 157 1403 100.0000 . . . 0.2539 . 0.1910 . . . . . . 6 . . . 
# 
_struct.entry_id                     5ER4 
_struct.title                        'Crystal Structure of Calcium-loaded S100B bound to SC0025' 
_struct.pdbx_model_details           ? 
_struct.pdbx_formula_weight          ? 
_struct.pdbx_formula_weight_method   ? 
_struct.pdbx_model_type_details      ? 
_struct.pdbx_CASP_flag               ? 
# 
_struct_keywords.entry_id        5ER4 
_struct_keywords.text            
'malignant melanoma, calcium binding, complex, covalent inhibitor, METAL BINDING PROTEIN-INHIBITOR complex' 
_struct_keywords.pdbx_keywords   'METAL BINDING PROTEIN/INHIBITOR' 
# 
loop_
_struct_asym.id 
_struct_asym.pdbx_blank_PDB_chainid_flag 
_struct_asym.pdbx_modified 
_struct_asym.entity_id 
_struct_asym.details 
A N N 1 ? 
B N N 2 ? 
C N N 2 ? 
D N N 3 ? 
E N N 2 ? 
F N N 4 ? 
# 
loop_
_struct_conf.conf_type_id 
_struct_conf.id 
_struct_conf.pdbx_PDB_helix_id 
_struct_conf.beg_label_comp_id 
_struct_conf.beg_label_asym_id 
_struct_conf.beg_label_seq_id 
_struct_conf.pdbx_beg_PDB_ins_code 
_struct_conf.end_label_comp_id 
_struct_conf.end_label_asym_id 
_struct_conf.end_label_seq_id 
_struct_conf.pdbx_end_PDB_ins_code 
_struct_conf.beg_auth_comp_id 
_struct_conf.beg_auth_asym_id 
_struct_conf.beg_auth_seq_id 
_struct_conf.end_auth_comp_id 
_struct_conf.end_auth_asym_id 
_struct_conf.end_auth_seq_id 
_struct_conf.pdbx_PDB_helix_class 
_struct_conf.details 
_struct_conf.pdbx_PDB_helix_length 
HELX_P HELX_P1 AA1 SER A 2  ? GLY A 20 ? SER X 1  GLY X 19 1 ? 19 
HELX_P HELX_P2 AA2 LYS A 29 ? LEU A 41 ? LYS X 28 LEU X 40 1 ? 13 
HELX_P HELX_P3 AA3 GLU A 50 ? ASP A 62 ? GLU X 49 ASP X 61 1 ? 13 
HELX_P HELX_P4 AA4 ASP A 70 ? PHE A 88 ? ASP X 69 PHE X 87 1 ? 19 
# 
_struct_conf_type.id          HELX_P 
_struct_conf_type.criteria    ? 
_struct_conf_type.reference   ? 
# 
loop_
_struct_conn.id 
_struct_conn.conn_type_id 
_struct_conn.pdbx_leaving_atom_flag 
_struct_conn.pdbx_PDB_id 
_struct_conn.ptnr1_label_asym_id 
_struct_conn.ptnr1_label_comp_id 
_struct_conn.ptnr1_label_seq_id 
_struct_conn.ptnr1_label_atom_id 
_struct_conn.pdbx_ptnr1_label_alt_id 
_struct_conn.pdbx_ptnr1_PDB_ins_code 
_struct_conn.pdbx_ptnr1_standard_comp_id 
_struct_conn.ptnr1_symmetry 
_struct_conn.ptnr2_label_asym_id 
_struct_conn.ptnr2_label_comp_id 
_struct_conn.ptnr2_label_seq_id 
_struct_conn.ptnr2_label_atom_id 
_struct_conn.pdbx_ptnr2_label_alt_id 
_struct_conn.pdbx_ptnr2_PDB_ins_code 
_struct_conn.ptnr1_auth_asym_id 
_struct_conn.ptnr1_auth_comp_id 
_struct_conn.ptnr1_auth_seq_id 
_struct_conn.ptnr2_auth_asym_id 
_struct_conn.ptnr2_auth_comp_id 
_struct_conn.ptnr2_auth_seq_id 
_struct_conn.ptnr2_symmetry 
_struct_conn.pdbx_ptnr3_label_atom_id 
_struct_conn.pdbx_ptnr3_label_seq_id 
_struct_conn.pdbx_ptnr3_label_comp_id 
_struct_conn.pdbx_ptnr3_label_asym_id 
_struct_conn.pdbx_ptnr3_label_alt_id 
_struct_conn.pdbx_ptnr3_PDB_ins_code 
_struct_conn.details 
_struct_conn.pdbx_dist_value 
_struct_conn.pdbx_value_order 
_struct_conn.pdbx_role 
metalc1  metalc ? ? A SER 19 O   ? ? ? 1_555 B CA  . CA ? ? X SER 18  X CA  101 1_555 ? ? ? ? ? ? ? 2.429 ? ? 
metalc2  metalc ? ? A GLU 22 O   ? ? ? 1_555 B CA  . CA ? ? X GLU 21  X CA  101 1_555 ? ? ? ? ? ? ? 2.370 ? ? 
metalc3  metalc ? ? A ASP 24 O   ? ? ? 1_555 B CA  . CA ? ? X ASP 23  X CA  101 1_555 ? ? ? ? ? ? ? 2.401 ? ? 
metalc4  metalc ? ? A LYS 27 O   ? ? ? 1_555 B CA  . CA ? ? X LYS 26  X CA  101 1_555 ? ? ? ? ? ? ? 2.459 ? ? 
metalc5  metalc ? ? A GLU 32 OE1 ? ? ? 1_555 B CA  . CA ? ? X GLU 31  X CA  101 1_555 ? ? ? ? ? ? ? 2.383 ? ? 
metalc6  metalc ? ? A GLU 32 OE2 ? ? ? 1_555 B CA  . CA ? ? X GLU 31  X CA  101 1_555 ? ? ? ? ? ? ? 2.412 ? ? 
metalc7  metalc ? ? A ASP 62 OD1 ? ? ? 1_555 C CA  . CA ? ? X ASP 61  X CA  102 1_555 ? ? ? ? ? ? ? 2.326 ? ? 
metalc8  metalc ? ? A ASP 64 OD1 ? ? ? 1_555 C CA  . CA ? ? X ASP 63  X CA  102 1_555 ? ? ? ? ? ? ? 2.340 ? ? 
metalc9  metalc ? ? A ASP 66 OD1 ? ? ? 1_555 C CA  . CA ? ? X ASP 65  X CA  102 1_555 ? ? ? ? ? ? ? 2.407 ? ? 
metalc10 metalc ? ? A GLU 68 O   ? ? ? 1_555 C CA  . CA ? ? X GLU 67  X CA  102 1_555 ? ? ? ? ? ? ? 2.344 ? ? 
metalc11 metalc ? ? A GLU 73 OE1 ? ? ? 1_555 C CA  . CA ? ? X GLU 72  X CA  102 1_555 ? ? ? ? ? ? ? 2.401 ? ? 
metalc12 metalc ? ? A GLU 73 OE2 ? ? ? 1_555 C CA  . CA ? ? X GLU 72  X CA  102 1_555 ? ? ? ? ? ? ? 2.546 ? ? 
metalc13 metalc ? ? B CA  .  CA  ? ? ? 1_555 F HOH . O  ? ? X CA  101 X HOH 226 1_555 ? ? ? ? ? ? ? 2.414 ? ? 
metalc14 metalc ? ? C CA  .  CA  ? ? ? 1_555 F HOH . O  ? ? X CA  102 X HOH 220 1_555 ? ? ? ? ? ? ? 2.375 ? ? 
metalc15 metalc ? ? E CA  .  CA  ? ? ? 1_555 F HOH . O  ? ? X CA  104 X HOH 248 1_555 ? ? ? ? ? ? ? 2.599 ? ? 
metalc16 metalc ? ? E CA  .  CA  ? ? ? 1_555 F HOH . O  ? ? X CA  104 X HOH 248 3_754 ? ? ? ? ? ? ? 2.600 ? ? 
metalc17 metalc ? ? E CA  .  CA  ? ? ? 1_555 F HOH . O  ? ? X CA  104 X HOH 262 8_455 ? ? ? ? ? ? ? 2.567 ? ? 
metalc18 metalc ? ? E CA  .  CA  ? ? ? 1_555 F HOH . O  ? ? X CA  104 X HOH 266 8_455 ? ? ? ? ? ? ? 2.425 ? ? 
metalc19 metalc ? ? E CA  .  CA  ? ? ? 1_555 F HOH . O  ? ? X CA  104 X HOH 272 1_555 ? ? ? ? ? ? ? 2.544 ? ? 
metalc20 metalc ? ? E CA  .  CA  ? ? ? 1_555 F HOH . O  ? ? X CA  104 X HOH 272 3_754 ? ? ? ? ? ? ? 2.549 ? ? 
# 
_struct_conn_type.id          metalc 
_struct_conn_type.criteria    ? 
_struct_conn_type.reference   ? 
# 
loop_
_struct_site.id 
_struct_site.pdbx_evidence_code 
_struct_site.pdbx_auth_asym_id 
_struct_site.pdbx_auth_comp_id 
_struct_site.pdbx_auth_seq_id 
_struct_site.pdbx_auth_ins_code 
_struct_site.pdbx_num_residues 
_struct_site.details 
AC1 Software X CA  101 ? 6 'binding site for residue CA X 101'  
AC2 Software X CA  102 ? 6 'binding site for residue CA X 102'  
AC3 Software X 5RL 103 ? 6 'binding site for residue 5RL X 103' 
AC4 Software X CA  104 ? 8 'binding site for residue CA X 104'  
# 
loop_
_struct_site_gen.id 
_struct_site_gen.site_id 
_struct_site_gen.pdbx_num_res 
_struct_site_gen.label_comp_id 
_struct_site_gen.label_asym_id 
_struct_site_gen.label_seq_id 
_struct_site_gen.pdbx_auth_ins_code 
_struct_site_gen.auth_comp_id 
_struct_site_gen.auth_asym_id 
_struct_site_gen.auth_seq_id 
_struct_site_gen.label_atom_id 
_struct_site_gen.label_alt_id 
_struct_site_gen.symmetry 
_struct_site_gen.details 
1  AC1 6 SER A 19 ? SER X 18  . ? 1_555 ? 
2  AC1 6 GLU A 22 ? GLU X 21  . ? 1_555 ? 
3  AC1 6 ASP A 24 ? ASP X 23  . ? 1_555 ? 
4  AC1 6 LYS A 27 ? LYS X 26  . ? 1_555 ? 
5  AC1 6 GLU A 32 ? GLU X 31  . ? 1_555 ? 
6  AC1 6 HOH F .  ? HOH X 226 . ? 1_555 ? 
7  AC2 6 ASP A 62 ? ASP X 61  . ? 1_555 ? 
8  AC2 6 ASP A 64 ? ASP X 63  . ? 1_555 ? 
9  AC2 6 ASP A 66 ? ASP X 65  . ? 1_555 ? 
10 AC2 6 GLU A 68 ? GLU X 67  . ? 1_555 ? 
11 AC2 6 GLU A 73 ? GLU X 72  . ? 1_555 ? 
12 AC2 6 HOH F .  ? HOH X 220 . ? 1_555 ? 
13 AC3 6 ASP A 13 ? ASP X 12  . ? 4_555 ? 
14 AC3 6 CYS A 85 ? CYS X 84  . ? 1_555 ? 
15 AC3 6 HIS A 86 ? HIS X 85  . ? 1_555 ? 
16 AC3 6 PHE A 89 ? PHE X 88  . ? 1_555 ? 
17 AC3 6 PHE A 89 ? PHE X 88  . ? 3_755 ? 
18 AC3 6 HOH F .  ? HOH X 208 . ? 1_555 ? 
19 AC4 8 HOH F .  ? HOH X 248 . ? 1_555 ? 
20 AC4 8 HOH F .  ? HOH X 248 . ? 3_754 ? 
21 AC4 8 HOH F .  ? HOH X 262 . ? 6_754 ? 
22 AC4 8 HOH F .  ? HOH X 262 . ? 8_455 ? 
23 AC4 8 HOH F .  ? HOH X 266 . ? 8_455 ? 
24 AC4 8 HOH F .  ? HOH X 266 . ? 6_754 ? 
25 AC4 8 HOH F .  ? HOH X 272 . ? 3_754 ? 
26 AC4 8 HOH F .  ? HOH X 272 . ? 1_555 ? 
# 
_atom_sites.entry_id                    5ER4 
_atom_sites.fract_transf_matrix[1][1]   0.02439692 
_atom_sites.fract_transf_matrix[1][2]   0.00859345 
_atom_sites.fract_transf_matrix[1][3]   -0.01230768 
_atom_sites.fract_transf_matrix[2][1]   -0.00521887 
_atom_sites.fract_transf_matrix[2][2]   0.00064374 
_atom_sites.fract_transf_matrix[2][3]   -0.00989563 
_atom_sites.fract_transf_matrix[3][1]   -0.00398599 
_atom_sites.fract_transf_matrix[3][2]   0.01579904 
_atom_sites.fract_transf_matrix[3][3]   0.00312995 
_atom_sites.fract_transf_vector[1]      1.237166 
_atom_sites.fract_transf_vector[2]      0.119411 
_atom_sites.fract_transf_vector[3]      -0.004377 
# 
loop_
_atom_type.symbol 
C  
CA 
N  
O  
S  
# 
loop_
_atom_site.group_PDB 
_atom_site.id 
_atom_site.type_symbol 
_atom_site.label_atom_id 
_atom_site.label_alt_id 
_atom_site.label_comp_id 
_atom_site.label_asym_id 
_atom_site.label_entity_id 
_atom_site.label_seq_id 
_atom_site.pdbx_PDB_ins_code 
_atom_site.Cartn_x 
_atom_site.Cartn_y 
_atom_site.Cartn_z 
_atom_site.occupancy 
_atom_site.B_iso_or_equiv 
_atom_site.pdbx_formal_charge 
_atom_site.auth_seq_id 
_atom_site.auth_comp_id 
_atom_site.auth_asym_id 
_atom_site.auth_atom_id 
_atom_site.pdbx_PDB_model_num 
ATOM   1   N  N   . MET A 1 1  ? -2.765  -11.926 21.452  1.00 34.49 ? 0   MET X N   1 
ATOM   2   C  CA  . MET A 1 1  ? -1.796  -11.007 20.855  1.00 29.49 ? 0   MET X CA  1 
ATOM   3   C  C   . MET A 1 1  ? -2.017  -9.587  21.362  1.00 27.35 ? 0   MET X C   1 
ATOM   4   O  O   . MET A 1 1  ? -3.153  -9.198  21.649  1.00 30.95 ? 0   MET X O   1 
ATOM   5   C  CB  . MET A 1 1  ? -1.905  -11.015 19.329  1.00 28.32 ? 0   MET X CB  1 
ATOM   6   C  CG  . MET A 1 1  ? -1.216  -12.187 18.643  1.00 32.66 ? 0   MET X CG  1 
ATOM   7   S  SD  . MET A 1 1  ? -1.028  -11.911 16.866  1.00 40.98 ? 0   MET X SD  1 
ATOM   8   C  CE  . MET A 1 1  ? -2.731  -12.082 16.313  1.00 32.96 ? 0   MET X CE  1 
ATOM   9   N  N   . SER A 1 2  ? -0.939  -8.810  21.464  1.00 23.37 ? 1   SER X N   1 
ATOM   10  C  CA  . SER A 1 2  ? -1.056  -7.384  21.793  1.00 21.45 ? 1   SER X CA  1 
ATOM   11  C  C   . SER A 1 2  ? -1.617  -6.616  20.606  1.00 21.14 ? 1   SER X C   1 
ATOM   12  O  O   . SER A 1 2  ? -1.732  -7.162  19.508  1.00 20.25 ? 1   SER X O   1 
ATOM   13  C  CB  . SER A 1 2  ? 0.315   -6.805  22.128  1.00 20.61 ? 1   SER X CB  1 
ATOM   14  O  OG  . SER A 1 2  ? 1.114   -6.763  20.956  1.00 18.57 ? 1   SER X OG  1 
ATOM   15  N  N   . GLU A 1 3  ? -1.955  -5.346  20.818  1.00 18.21 ? 2   GLU X N   1 
ATOM   16  C  CA  . GLU A 1 3  ? -2.400  -4.496  19.722  1.00 20.10 ? 2   GLU X CA  1 
ATOM   17  C  C   . GLU A 1 3  ? -1.314  -4.357  18.662  1.00 16.67 ? 2   GLU X C   1 
ATOM   18  O  O   . GLU A 1 3  ? -1.598  -4.392  17.467  1.00 17.70 ? 2   GLU X O   1 
ATOM   19  C  CB  . GLU A 1 3  ? -2.820  -3.119  20.244  1.00 23.50 ? 2   GLU X CB  1 
ATOM   20  C  CG  . GLU A 1 3  ? -4.012  -3.175  21.194  1.00 28.42 ? 2   GLU X CG  1 
ATOM   21  C  CD  . GLU A 1 3  ? -5.215  -3.853  20.561  1.00 34.95 ? 2   GLU X CD  1 
ATOM   22  O  OE1 . GLU A 1 3  ? -5.642  -3.406  19.475  1.00 32.63 ? 2   GLU X OE1 1 
ATOM   23  O  OE2 . GLU A 1 3  ? -5.729  -4.833  21.141  1.00 36.96 ? 2   GLU X OE2 1 
ATOM   24  N  N   . LEU A 1 4  ? -0.070  -4.207  19.097  1.00 17.95 ? 3   LEU X N   1 
ATOM   25  C  CA  . LEU A 1 4  ? 1.056   -4.100  18.169  1.00 17.43 ? 3   LEU X CA  1 
ATOM   26  C  C   . LEU A 1 4  ? 1.207   -5.377  17.344  1.00 16.73 ? 3   LEU X C   1 
ATOM   27  O  O   . LEU A 1 4  ? 1.378   -5.329  16.127  1.00 16.16 ? 3   LEU X O   1 
ATOM   28  C  CB  . LEU A 1 4  ? 2.354   -3.791  18.937  1.00 17.92 ? 3   LEU X CB  1 
ATOM   29  C  CG  . LEU A 1 4  ? 3.656   -3.758  18.126  1.00 14.25 ? 3   LEU X CG  1 
ATOM   30  C  CD1 . LEU A 1 4  ? 3.525   -2.833  16.895  1.00 18.44 ? 3   LEU X CD1 1 
ATOM   31  C  CD2 . LEU A 1 4  ? 4.813   -3.306  19.026  1.00 16.40 ? 3   LEU X CD2 1 
ATOM   32  N  N   . GLU A 1 5  ? 1.110   -6.526  17.996  1.00 16.33 ? 4   GLU X N   1 
ATOM   33  C  CA  . GLU A 1 5  ? 1.223   -7.786  17.280  1.00 18.44 ? 4   GLU X CA  1 
ATOM   34  C  C   . GLU A 1 5  ? 0.077   -7.957  16.288  1.00 17.80 ? 4   GLU X C   1 
ATOM   35  O  O   . GLU A 1 5  ? 0.287   -8.402  15.164  1.00 19.31 ? 4   GLU X O   1 
ATOM   36  C  CB  . GLU A 1 5  ? 1.280   -8.955  18.256  1.00 20.36 ? 4   GLU X CB  1 
ATOM   37  C  CG  . GLU A 1 5  ? 2.596   -9.013  19.000  1.00 18.81 ? 4   GLU X CG  1 
ATOM   38  C  CD  . GLU A 1 5  ? 2.572   -9.960  20.175  1.00 24.22 ? 4   GLU X CD  1 
ATOM   39  O  OE1 . GLU A 1 5  ? 1.494   -10.176 20.768  1.00 25.09 ? 4   GLU X OE1 1 
ATOM   40  O  OE2 . GLU A 1 5  ? 3.655   -10.481 20.510  1.00 23.72 ? 4   GLU X OE2 1 
ATOM   41  N  N   . LYS A 1 6  ? -1.133  -7.610  16.709  1.00 17.69 ? 5   LYS X N   1 
ATOM   42  C  CA  . LYS A 1 6  ? -2.271  -7.625  15.786  1.00 18.00 ? 5   LYS X CA  1 
ATOM   43  C  C   . LYS A 1 6  ? -2.031  -6.713  14.586  1.00 16.74 ? 5   LYS X C   1 
ATOM   44  O  O   . LYS A 1 6  ? -2.396  -7.048  13.459  1.00 17.49 ? 5   LYS X O   1 
ATOM   45  C  CB  . LYS A 1 6  ? -3.550  -7.183  16.492  1.00 19.25 ? 5   LYS X CB  1 
ATOM   46  C  CG  . LYS A 1 6  ? -4.125  -8.179  17.505  1.00 24.58 ? 5   LYS X CG  1 
ATOM   47  C  CD  . LYS A 1 6  ? -5.362  -7.546  18.144  1.00 27.24 ? 5   LYS X CD  1 
ATOM   48  C  CE  . LYS A 1 6  ? -5.915  -8.365  19.305  1.00 39.30 ? 5   LYS X CE  1 
ATOM   49  N  NZ  . LYS A 1 6  ? -6.886  -7.559  20.104  1.00 45.52 ? 5   LYS X NZ  1 
ATOM   50  N  N   . ALA A 1 7  ? -1.424  -5.557  14.823  1.00 16.40 ? 6   ALA X N   1 
ATOM   51  C  CA  . ALA A 1 7  ? -1.173  -4.615  13.731  1.00 17.16 ? 6   ALA X CA  1 
ATOM   52  C  C   . ALA A 1 7  ? -0.167  -5.190  12.732  1.00 15.59 ? 6   ALA X C   1 
ATOM   53  O  O   . ALA A 1 7  ? -0.360  -5.098  11.511  1.00 14.37 ? 6   ALA X O   1 
ATOM   54  C  CB  . ALA A 1 7  ? -0.698  -3.275  14.274  1.00 16.28 ? 6   ALA X CB  1 
ATOM   55  N  N   . VAL A 1 8  ? 0.887   -5.814  13.252  1.00 18.51 ? 7   VAL X N   1 
ATOM   56  C  CA  . VAL A 1 8  ? 1.907   -6.416  12.390  1.00 17.23 ? 7   VAL X CA  1 
ATOM   57  C  C   . VAL A 1 8  ? 1.291   -7.468  11.472  1.00 18.87 ? 7   VAL X C   1 
ATOM   58  O  O   . VAL A 1 8  ? 1.560   -7.490  10.266  1.00 16.09 ? 7   VAL X O   1 
ATOM   59  C  CB  . VAL A 1 8  ? 3.049   -7.043  13.207  1.00 20.18 ? 7   VAL X CB  1 
ATOM   60  C  CG1 . VAL A 1 8  ? 3.912   -7.934  12.319  1.00 18.04 ? 7   VAL X CG1 1 
ATOM   61  C  CG2 . VAL A 1 8  ? 3.895   -5.955  13.846  1.00 19.78 ? 7   VAL X CG2 1 
ATOM   62  N  N   . VAL A 1 9  ? 0.451   -8.324  12.043  1.00 18.50 ? 8   VAL X N   1 
ATOM   63  C  CA  . VAL A 1 9  ? -0.217  -9.376  11.279  1.00 16.69 ? 8   VAL X CA  1 
ATOM   64  C  C   . VAL A 1 9  ? -1.206  -8.780  10.284  1.00 18.39 ? 8   VAL X C   1 
ATOM   65  O  O   . VAL A 1 9  ? -1.339  -9.271  9.169   1.00 17.04 ? 8   VAL X O   1 
ATOM   66  C  CB  . VAL A 1 9  ? -0.914  -10.391 12.207  1.00 20.64 ? 8   VAL X CB  1 
ATOM   67  C  CG1 . VAL A 1 9  ? -1.637  -11.467 11.387  1.00 21.54 ? 8   VAL X CG1 1 
ATOM   68  C  CG2 . VAL A 1 9  ? 0.111   -11.033 13.141  1.00 20.84 ? 8   VAL X CG2 1 
ATOM   69  N  N   . ALA A 1 10 ? -1.868  -7.692  10.669  1.00 16.80 ? 9   ALA X N   1 
ATOM   70  C  CA  . ALA A 1 10 ? -2.791  -7.004  9.753   1.00 15.39 ? 9   ALA X CA  1 
ATOM   71  C  C   . ALA A 1 10 ? -2.085  -6.431  8.521   1.00 16.46 ? 9   ALA X C   1 
ATOM   72  O  O   . ALA A 1 10 ? -2.642  -6.446  7.414   1.00 15.13 ? 9   ALA X O   1 
ATOM   73  C  CB  . ALA A 1 10 ? -3.572  -5.913  10.485  1.00 16.56 ? 9   ALA X CB  1 
ATOM   74  N  N   . LEU A 1 11 ? -0.869  -5.922  8.698   1.00 15.45 ? 10  LEU X N   1 
ATOM   75  C  CA  . LEU A 1 11 ? -0.077  -5.459  7.559   1.00 14.61 ? 10  LEU X CA  1 
ATOM   76  C  C   . LEU A 1 11 ? 0.216   -6.593  6.589   1.00 16.48 ? 10  LEU X C   1 
ATOM   77  O  O   . LEU A 1 11 ? 0.055   -6.455  5.369   1.00 16.04 ? 10  LEU X O   1 
ATOM   78  C  CB  . LEU A 1 11 ? 1.241   -4.870  8.033   1.00 14.97 ? 10  LEU X CB  1 
ATOM   79  C  CG  . LEU A 1 11 ? 1.082   -3.661  8.947   1.00 15.42 ? 10  LEU X CG  1 
ATOM   80  C  CD1 . LEU A 1 11 ? 2.473   -3.152  9.295   1.00 18.61 ? 10  LEU X CD1 1 
ATOM   81  C  CD2 . LEU A 1 11 ? 0.259   -2.581  8.241   1.00 18.36 ? 10  LEU X CD2 1 
ATOM   82  N  N   . ILE A 1 12 ? 0.661   -7.714  7.134   1.00 15.99 ? 11  ILE X N   1 
ATOM   83  C  CA  . ILE A 1 12 ? 0.925   -8.885  6.304   1.00 14.08 ? 11  ILE X CA  1 
ATOM   84  C  C   . ILE A 1 12 ? -0.367  -9.320  5.591   1.00 15.21 ? 11  ILE X C   1 
ATOM   85  O  O   . ILE A 1 12 ? -0.349  -9.574  4.381   1.00 16.11 ? 11  ILE X O   1 
ATOM   86  C  CB  . ILE A 1 12 ? 1.545   -10.022 7.125   1.00 16.11 ? 11  ILE X CB  1 
ATOM   87  C  CG1 . ILE A 1 12 ? 2.935   -9.590  7.603   1.00 18.08 ? 11  ILE X CG1 1 
ATOM   88  C  CG2 . ILE A 1 12 ? 1.658   -11.290 6.289   1.00 19.82 ? 11  ILE X CG2 1 
ATOM   89  C  CD1 . ILE A 1 12 ? 3.558   -10.482 8.687   1.00 20.86 ? 11  ILE X CD1 1 
ATOM   90  N  N   . ASP A 1 13 ? -1.480  -9.367  6.323   1.00 15.03 ? 12  ASP X N   1 
ATOM   91  C  CA  . ASP A 1 13 ? -2.749  -9.859  5.764   1.00 16.29 ? 12  ASP X CA  1 
ATOM   92  C  C   . ASP A 1 13 ? -3.243  -8.992  4.624   1.00 17.71 ? 12  ASP X C   1 
ATOM   93  O  O   . ASP A 1 13 ? -3.627  -9.511  3.577   1.00 14.43 ? 12  ASP X O   1 
ATOM   94  C  CB  . ASP A 1 13 ? -3.845  -9.960  6.829   1.00 18.29 ? 12  ASP X CB  1 
ATOM   95  C  CG  . ASP A 1 13 ? -3.767  -11.245 7.632   1.00 26.41 ? 12  ASP X CG  1 
ATOM   96  O  OD1 . ASP A 1 13 ? -3.026  -12.141 7.206   1.00 28.51 ? 12  ASP X OD1 1 
ATOM   97  O  OD2 . ASP A 1 13 ? -4.445  -11.364 8.669   1.00 23.43 ? 12  ASP X OD2 1 
ATOM   98  N  N   . VAL A 1 14 ? -3.257  -7.672  4.825   1.00 15.04 ? 13  VAL X N   1 
ATOM   99  C  CA  . VAL A 1 14 ? -3.752  -6.793  3.763   1.00 15.81 ? 13  VAL X CA  1 
ATOM   100 C  C   . VAL A 1 14 ? -2.869  -6.838  2.511   1.00 15.61 ? 13  VAL X C   1 
ATOM   101 O  O   . VAL A 1 14 ? -3.375  -6.778  1.386   1.00 15.82 ? 13  VAL X O   1 
ATOM   102 C  CB  . VAL A 1 14 ? -3.994  -5.333  4.250   1.00 16.31 ? 13  VAL X CB  1 
ATOM   103 C  CG1 . VAL A 1 14 ? -2.656  -4.592  4.451   1.00 17.55 ? 13  VAL X CG1 1 
ATOM   104 C  CG2 . VAL A 1 14 ? -4.879  -4.577  3.266   1.00 19.02 ? 13  VAL X CG2 1 
ATOM   105 N  N   . PHE A 1 15 ? -1.557  -6.960  2.687   1.00 15.08 ? 14  PHE X N   1 
ATOM   106 C  CA  . PHE A 1 15 ? -0.656  -7.024  1.540   1.00 15.79 ? 14  PHE X CA  1 
ATOM   107 C  C   . PHE A 1 15 ? -0.999  -8.221  0.652   1.00 18.20 ? 14  PHE X C   1 
ATOM   108 O  O   . PHE A 1 15 ? -1.128  -8.102  -0.567  1.00 17.81 ? 14  PHE X O   1 
ATOM   109 C  CB  . PHE A 1 15 ? 0.799   -7.144  1.992   1.00 16.34 ? 14  PHE X CB  1 
ATOM   110 C  CG  . PHE A 1 15 ? 1.767   -7.298  0.856   1.00 15.29 ? 14  PHE X CG  1 
ATOM   111 C  CD1 . PHE A 1 15 ? 2.149   -6.192  0.101   1.00 15.47 ? 14  PHE X CD1 1 
ATOM   112 C  CD2 . PHE A 1 15 ? 2.276   -8.547  0.517   1.00 20.48 ? 14  PHE X CD2 1 
ATOM   113 C  CE1 . PHE A 1 15 ? 3.040   -6.327  -0.962  1.00 17.05 ? 14  PHE X CE1 1 
ATOM   114 C  CE2 . PHE A 1 15 ? 3.161   -8.697  -0.556  1.00 20.15 ? 14  PHE X CE2 1 
ATOM   115 C  CZ  . PHE A 1 15 ? 3.548   -7.585  -1.288  1.00 18.98 ? 14  PHE X CZ  1 
ATOM   116 N  N   . HIS A 1 16 ? -1.164  -9.373  1.284   1.00 16.55 ? 15  HIS X N   1 
ATOM   117 C  CA  . HIS A 1 16 ? -1.387  -10.611 0.549   1.00 20.03 ? 15  HIS X CA  1 
ATOM   118 C  C   . HIS A 1 16 ? -2.785  -10.704 -0.034  1.00 19.73 ? 15  HIS X C   1 
ATOM   119 O  O   . HIS A 1 16 ? -2.966  -11.271 -1.112  1.00 20.43 ? 15  HIS X O   1 
ATOM   120 C  CB  . HIS A 1 16 ? -1.079  -11.811 1.435   1.00 21.52 ? 15  HIS X CB  1 
ATOM   121 C  CG  . HIS A 1 16 ? 0.381   -12.087 1.550   1.00 21.44 ? 15  HIS X CG  1 
ATOM   122 N  ND1 . HIS A 1 16 ? 1.091   -12.728 0.557   1.00 25.39 ? 15  HIS X ND1 1 
ATOM   123 C  CD2 . HIS A 1 16 ? 1.274   -11.787 2.520   1.00 18.44 ? 15  HIS X CD2 1 
ATOM   124 C  CE1 . HIS A 1 16 ? 2.357   -12.820 0.918   1.00 21.86 ? 15  HIS X CE1 1 
ATOM   125 N  NE2 . HIS A 1 16 ? 2.493   -12.260 2.104   1.00 24.95 ? 15  HIS X NE2 1 
ATOM   126 N  N   . GLN A 1 17 ? -3.763  -10.137 0.668   1.00 20.48 ? 16  GLN X N   1 
ATOM   127 C  CA  . GLN A 1 17 ? -5.118  -10.055 0.144   1.00 17.88 ? 16  GLN X CA  1 
ATOM   128 C  C   . GLN A 1 17 ? -5.114  -9.428  -1.227  1.00 20.54 ? 16  GLN X C   1 
ATOM   129 O  O   . GLN A 1 17 ? -5.819  -9.885  -2.129  1.00 22.20 ? 16  GLN X O   1 
ATOM   130 C  CB  . GLN A 1 17 ? -6.008  -9.233  1.059   1.00 20.20 ? 16  GLN X CB  1 
ATOM   131 C  CG  . GLN A 1 17 ? -6.612  -10.018 2.193   1.00 25.28 ? 16  GLN X CG  1 
ATOM   132 C  CD  . GLN A 1 17 ? -7.001  -9.122  3.343   1.00 25.23 ? 16  GLN X CD  1 
ATOM   133 O  OE1 . GLN A 1 17 ? -7.250  -7.922  3.156   1.00 24.74 ? 16  GLN X OE1 1 
ATOM   134 N  NE2 . GLN A 1 17 ? -7.044  -9.693  4.549   1.00 27.37 ? 16  GLN X NE2 1 
ATOM   135 N  N   . TYR A 1 18 ? -4.307  -8.382  -1.386  1.00 17.88 ? 17  TYR X N   1 
ATOM   136 C  CA  . TYR A 1 18 ? -4.224  -7.674  -2.665  1.00 18.10 ? 17  TYR X CA  1 
ATOM   137 C  C   . TYR A 1 18 ? -3.167  -8.180  -3.641  1.00 19.51 ? 17  TYR X C   1 
ATOM   138 O  O   . TYR A 1 18 ? -3.406  -8.215  -4.843  1.00 17.51 ? 17  TYR X O   1 
ATOM   139 C  CB  . TYR A 1 18 ? -4.102  -6.162  -2.433  1.00 15.61 ? 17  TYR X CB  1 
ATOM   140 C  CG  . TYR A 1 18 ? -5.420  -5.624  -1.955  1.00 14.00 ? 17  TYR X CG  1 
ATOM   141 C  CD1 . TYR A 1 18 ? -5.783  -5.715  -0.613  1.00 16.61 ? 17  TYR X CD1 1 
ATOM   142 C  CD2 . TYR A 1 18 ? -6.332  -5.093  -2.852  1.00 17.87 ? 17  TYR X CD2 1 
ATOM   143 C  CE1 . TYR A 1 18 ? -7.020  -5.265  -0.175  1.00 18.17 ? 17  TYR X CE1 1 
ATOM   144 C  CE2 . TYR A 1 18 ? -7.554  -4.640  -2.430  1.00 18.10 ? 17  TYR X CE2 1 
ATOM   145 C  CZ  . TYR A 1 18 ? -7.891  -4.724  -1.093  1.00 15.52 ? 17  TYR X CZ  1 
ATOM   146 O  OH  . TYR A 1 18 ? -9.122  -4.272  -0.696  1.00 18.93 ? 17  TYR X OH  1 
ATOM   147 N  N   . SER A 1 19 ? -2.003  -8.569  -3.140  1.00 15.51 ? 18  SER X N   1 
ATOM   148 C  CA  . SER A 1 19 ? -0.923  -9.005  -4.019  1.00 17.46 ? 18  SER X CA  1 
ATOM   149 C  C   . SER A 1 19 ? -1.241  -10.360 -4.653  1.00 18.15 ? 18  SER X C   1 
ATOM   150 O  O   . SER A 1 19 ? -0.726  -10.684 -5.728  1.00 19.86 ? 18  SER X O   1 
ATOM   151 C  CB  . SER A 1 19 ? 0.415   -9.070  -3.275  1.00 15.73 ? 18  SER X CB  1 
ATOM   152 O  OG  . SER A 1 19 ? 0.459   -10.183 -2.387  1.00 17.96 ? 18  SER X OG  1 
ATOM   153 N  N   . GLY A 1 20 ? -2.100  -11.134 -3.999  1.00 19.43 ? 19  GLY X N   1 
ATOM   154 C  CA  . GLY A 1 20 ? -2.425  -12.471 -4.478  1.00 19.94 ? 19  GLY X CA  1 
ATOM   155 C  C   . GLY A 1 20 ? -3.477  -12.501 -5.571  1.00 22.30 ? 19  GLY X C   1 
ATOM   156 O  O   . GLY A 1 20 ? -3.796  -13.566 -6.097  1.00 21.31 ? 19  GLY X O   1 
ATOM   157 N  N   . ARG A 1 21 ? -4.017  -11.340 -5.931  1.00 18.03 ? 20  ARG X N   1 
ATOM   158 C  CA  . ARG A 1 21 ? -5.115  -11.298 -6.903  1.00 19.56 ? 20  ARG X CA  1 
ATOM   159 C  C   . ARG A 1 21 ? -4.692  -11.653 -8.328  1.00 22.12 ? 20  ARG X C   1 
ATOM   160 O  O   . ARG A 1 21 ? -5.364  -12.441 -9.026  1.00 22.00 ? 20  ARG X O   1 
ATOM   161 C  CB  . ARG A 1 21 ? -5.767  -9.912  -6.900  1.00 18.81 ? 20  ARG X CB  1 
ATOM   162 C  CG  . ARG A 1 21 ? -6.626  -9.636  -5.682  1.00 20.01 ? 20  ARG X CG  1 
ATOM   163 C  CD  . ARG A 1 21 ? -7.101  -8.185  -5.680  1.00 21.36 ? 20  ARG X CD  1 
ATOM   164 N  NE  . ARG A 1 21 ? -8.068  -7.920  -4.621  1.00 21.85 ? 20  ARG X NE  1 
ATOM   165 C  CZ  . ARG A 1 21 ? -8.887  -6.875  -4.609  1.00 19.49 ? 20  ARG X CZ  1 
ATOM   166 N  NH1 . ARG A 1 21 ? -8.855  -6.011  -5.608  1.00 19.57 ? 20  ARG X NH1 1 
ATOM   167 N  NH2 . ARG A 1 21 ? -9.741  -6.703  -3.609  1.00 20.19 ? 20  ARG X NH2 1 
ATOM   168 N  N   . GLU A 1 22 ? -3.607  -11.045 -8.786  1.00 20.81 ? 21  GLU X N   1 
ATOM   169 C  CA  . GLU A 1 22 ? -3.177  -11.234 -10.172 1.00 23.40 ? 21  GLU X CA  1 
ATOM   170 C  C   . GLU A 1 22 ? -1.663  -11.364 -10.264 1.00 23.76 ? 21  GLU X C   1 
ATOM   171 O  O   . GLU A 1 22 ? -0.935  -10.878 -9.389  1.00 21.14 ? 21  GLU X O   1 
ATOM   172 C  CB  . GLU A 1 22 ? -3.645  -10.061 -11.052 1.00 25.95 ? 21  GLU X CB  1 
ATOM   173 C  CG  . GLU A 1 22 ? -5.152  -9.821  -11.084 1.00 30.35 ? 21  GLU X CG  1 
ATOM   174 C  CD  . GLU A 1 22 ? -5.535  -8.667  -11.998 1.00 36.26 ? 21  GLU X CD  1 
ATOM   175 O  OE1 . GLU A 1 22 ? -4.666  -8.219  -12.777 1.00 40.12 ? 21  GLU X OE1 1 
ATOM   176 O  OE2 . GLU A 1 22 ? -6.698  -8.207  -11.936 1.00 34.82 ? 21  GLU X OE2 1 
ATOM   177 N  N   . GLY A 1 23 ? -1.192  -12.001 -11.335 1.00 22.15 ? 22  GLY X N   1 
ATOM   178 C  CA  . GLY A 1 23 ? 0.233   -12.086 -11.613 1.00 19.66 ? 22  GLY X CA  1 
ATOM   179 C  C   . GLY A 1 23 ? 1.063   -12.656 -10.478 1.00 22.00 ? 22  GLY X C   1 
ATOM   180 O  O   . GLY A 1 23 ? 0.672   -13.652 -9.855  1.00 24.78 ? 22  GLY X O   1 
ATOM   181 N  N   . ASP A 1 24 ? 2.205   -12.027 -10.210 1.00 22.23 ? 23  ASP X N   1 
ATOM   182 C  CA  . ASP A 1 24 ? 3.039   -12.410 -9.078  1.00 24.86 ? 23  ASP X CA  1 
ATOM   183 C  C   . ASP A 1 24 ? 2.189   -12.247 -7.820  1.00 24.91 ? 23  ASP X C   1 
ATOM   184 O  O   . ASP A 1 24 ? 1.686   -11.154 -7.547  1.00 21.75 ? 23  ASP X O   1 
ATOM   185 C  CB  . ASP A 1 24 ? 4.278   -11.518 -9.011  1.00 22.67 ? 23  ASP X CB  1 
ATOM   186 C  CG  . ASP A 1 24 ? 5.290   -11.993 -7.982  1.00 25.21 ? 23  ASP X CG  1 
ATOM   187 O  OD1 . ASP A 1 24 ? 4.889   -12.550 -6.936  1.00 24.63 ? 23  ASP X OD1 1 
ATOM   188 O  OD2 . ASP A 1 24 ? 6.500   -11.795 -8.222  1.00 26.34 ? 23  ASP X OD2 1 
ATOM   189 N  N   . LYS A 1 25 ? 2.018   -13.335 -7.067  1.00 22.47 ? 24  LYS X N   1 
ATOM   190 C  CA  . LYS A 1 25 ? 1.162   -13.297 -5.883  1.00 24.15 ? 24  LYS X CA  1 
ATOM   191 C  C   . LYS A 1 25 ? 1.854   -12.643 -4.704  1.00 22.89 ? 24  LYS X C   1 
ATOM   192 O  O   . LYS A 1 25 ? 1.265   -12.498 -3.633  1.00 22.97 ? 24  LYS X O   1 
ATOM   193 C  CB  . LYS A 1 25 ? 0.703   -14.701 -5.495  1.00 24.12 ? 24  LYS X CB  1 
ATOM   194 C  CG  . LYS A 1 25 ? -0.158  -15.391 -6.544  1.00 24.21 ? 24  LYS X CG  1 
ATOM   195 C  CD  . LYS A 1 25 ? -1.063  -16.443 -5.914  1.00 27.17 ? 24  LYS X CD  1 
ATOM   196 C  CE  . LYS A 1 25 ? -1.970  -17.064 -6.964  1.00 27.86 ? 24  LYS X CE  1 
ATOM   197 N  NZ  . LYS A 1 25 ? -3.066  -17.875 -6.379  1.00 34.34 ? 24  LYS X NZ  1 
ATOM   198 N  N   . HIS A 1 26 ? 3.109   -12.258 -4.894  1.00 22.05 ? 25  HIS X N   1 
ATOM   199 C  CA  . HIS A 1 26 ? 3.876   -11.677 -3.800  1.00 19.75 ? 25  HIS X CA  1 
ATOM   200 C  C   . HIS A 1 26 ? 4.259   -10.231 -4.077  1.00 20.44 ? 25  HIS X C   1 
ATOM   201 O  O   . HIS A 1 26 ? 5.070   -9.646  -3.358  1.00 19.49 ? 25  HIS X O   1 
ATOM   202 C  CB  . HIS A 1 26 ? 5.110   -12.530 -3.496  1.00 26.59 ? 25  HIS X CB  1 
ATOM   203 C  CG  . HIS A 1 26 ? 4.778   -13.940 -3.136  1.00 25.56 ? 25  HIS X CG  1 
ATOM   204 N  ND1 . HIS A 1 26 ? 4.549   -14.343 -1.838  1.00 30.71 ? 25  HIS X ND1 1 
ATOM   205 C  CD2 . HIS A 1 26 ? 4.610   -15.044 -3.906  1.00 29.58 ? 25  HIS X CD2 1 
ATOM   206 C  CE1 . HIS A 1 26 ? 4.265   -15.632 -1.820  1.00 30.54 ? 25  HIS X CE1 1 
ATOM   207 N  NE2 . HIS A 1 26 ? 4.290   -16.078 -3.067  1.00 32.22 ? 25  HIS X NE2 1 
ATOM   208 N  N   . LYS A 1 27 ? 3.667   -9.658  -5.120  1.00 19.30 ? 26  LYS X N   1 
ATOM   209 C  CA  . LYS A 1 27 ? 3.850   -8.241  -5.426  1.00 19.16 ? 26  LYS X CA  1 
ATOM   210 C  C   . LYS A 1 27 ? 2.523   -7.605  -5.828  1.00 18.87 ? 26  LYS X C   1 
ATOM   211 O  O   . LYS A 1 27 ? 1.626   -8.284  -6.330  1.00 19.30 ? 26  LYS X O   1 
ATOM   212 C  CB  . LYS A 1 27 ? 4.856   -8.036  -6.564  1.00 22.74 ? 26  LYS X CB  1 
ATOM   213 C  CG  . LYS A 1 27 ? 6.238   -8.627  -6.325  1.00 24.83 ? 26  LYS X CG  1 
ATOM   214 C  CD  . LYS A 1 27 ? 7.147   -8.301  -7.502  1.00 27.15 ? 26  LYS X CD  1 
ATOM   215 C  CE  . LYS A 1 27 ? 8.459   -9.048  -7.415  1.00 32.56 ? 26  LYS X CE  1 
ATOM   216 N  NZ  . LYS A 1 27 ? 9.296   -8.814  -8.635  1.00 31.95 ? 26  LYS X NZ  1 
ATOM   217 N  N   . LEU A 1 28 ? 2.417   -6.298  -5.613  1.00 16.32 ? 27  LEU X N   1 
ATOM   218 C  CA  . LEU A 1 28 ? 1.235   -5.537  -6.007  1.00 16.61 ? 27  LEU X CA  1 
ATOM   219 C  C   . LEU A 1 28 ? 1.467   -4.878  -7.353  1.00 16.67 ? 27  LEU X C   1 
ATOM   220 O  O   . LEU A 1 28 ? 2.375   -4.058  -7.476  1.00 17.32 ? 27  LEU X O   1 
ATOM   221 C  CB  . LEU A 1 28 ? 0.977   -4.424  -4.992  1.00 15.29 ? 27  LEU X CB  1 
ATOM   222 C  CG  . LEU A 1 28 ? 0.707   -4.825  -3.548  1.00 13.49 ? 27  LEU X CG  1 
ATOM   223 C  CD1 . LEU A 1 28 ? 0.913   -3.613  -2.637  1.00 20.02 ? 27  LEU X CD1 1 
ATOM   224 C  CD2 . LEU A 1 28 ? -0.719  -5.358  -3.418  1.00 16.43 ? 27  LEU X CD2 1 
ATOM   225 N  N   . LYS A 1 29 ? 0.656   -5.194  -8.358  1.00 19.02 ? 28  LYS X N   1 
ATOM   226 C  CA  . LYS A 1 29 ? 0.717   -4.428  -9.605  1.00 19.01 ? 28  LYS X CA  1 
ATOM   227 C  C   . LYS A 1 29 ? -0.115  -3.160  -9.423  1.00 19.17 ? 28  LYS X C   1 
ATOM   228 O  O   . LYS A 1 29 ? -0.732  -2.975  -8.364  1.00 18.57 ? 28  LYS X O   1 
ATOM   229 C  CB  . LYS A 1 29 ? 0.184   -5.238  -10.794 1.00 21.77 ? 28  LYS X CB  1 
ATOM   230 C  CG  . LYS A 1 29 ? -1.190  -5.848  -10.564 1.00 22.84 ? 28  LYS X CG  1 
ATOM   231 C  CD  . LYS A 1 29 ? -1.836  -6.299  -11.876 1.00 30.70 ? 28  LYS X CD  1 
ATOM   232 C  CE  . LYS A 1 29 ? -0.924  -7.193  -12.684 1.00 38.53 ? 28  LYS X CE  1 
ATOM   233 N  NZ  . LYS A 1 29 ? -1.704  -8.010  -13.661 1.00 35.43 ? 28  LYS X NZ  1 
ATOM   234 N  N   . LYS A 1 30 ? -0.141  -2.300  -10.443 1.00 18.93 ? 29  LYS X N   1 
ATOM   235 C  CA  . LYS A 1 30 ? -0.872  -1.030  -10.341 1.00 17.97 ? 29  LYS X CA  1 
ATOM   236 C  C   . LYS A 1 30 ? -2.324  -1.214  -9.908  1.00 19.60 ? 29  LYS X C   1 
ATOM   237 O  O   . LYS A 1 30 ? -2.795  -0.540  -8.992  1.00 18.26 ? 29  LYS X O   1 
ATOM   238 C  CB  . LYS A 1 30 ? -0.825  -0.259  -11.658 1.00 17.08 ? 29  LYS X CB  1 
ATOM   239 C  CG  . LYS A 1 30 ? 0.466   0.500   -11.906 1.00 22.57 ? 29  LYS X CG  1 
ATOM   240 C  CD  . LYS A 1 30 ? 0.446   1.086   -13.313 1.00 24.63 ? 29  LYS X CD  1 
ATOM   241 C  CE  . LYS A 1 30 ? 1.739   1.802   -13.649 1.00 26.93 ? 29  LYS X CE  1 
ATOM   242 N  NZ  . LYS A 1 30 ? 1.633   2.448   -14.993 1.00 24.37 ? 29  LYS X NZ  1 
ATOM   243 N  N   . SER A 1 31 ? -3.030  -2.141  -10.537 1.00 20.07 ? 30  SER X N   1 
ATOM   244 C  CA  . SER A 1 31 ? -4.442  -2.318  -10.203 1.00 20.50 ? 30  SER X CA  1 
ATOM   245 C  C   . SER A 1 31 ? -4.655  -2.823  -8.773  1.00 19.38 ? 30  SER X C   1 
ATOM   246 O  O   . SER A 1 31 ? -5.593  -2.398  -8.098  1.00 19.54 ? 30  SER X O   1 
ATOM   247 C  CB  . SER A 1 31 ? -5.139  -3.237  -11.212 1.00 21.43 ? 30  SER X CB  1 
ATOM   248 O  OG  . SER A 1 31 ? -4.538  -4.515  -11.220 1.00 23.19 ? 30  SER X OG  1 
ATOM   249 N  N   . GLU A 1 32 ? -3.787  -3.722  -8.312  1.00 18.77 ? 31  GLU X N   1 
ATOM   250 C  CA  . GLU A 1 32 ? -3.881  -4.229  -6.944  1.00 17.56 ? 31  GLU X CA  1 
ATOM   251 C  C   . GLU A 1 32 ? -3.616  -3.122  -5.923  1.00 19.07 ? 31  GLU X C   1 
ATOM   252 O  O   . GLU A 1 32 ? -4.298  -3.028  -4.899  1.00 17.88 ? 31  GLU X O   1 
ATOM   253 C  CB  . GLU A 1 32 ? -2.912  -5.401  -6.720  1.00 18.64 ? 31  GLU X CB  1 
ATOM   254 C  CG  . GLU A 1 32 ? -3.214  -6.632  -7.573  1.00 18.12 ? 31  GLU X CG  1 
ATOM   255 C  CD  . GLU A 1 32 ? -2.095  -7.687  -7.525  1.00 18.18 ? 31  GLU X CD  1 
ATOM   256 O  OE1 . GLU A 1 32 ? -0.935  -7.309  -7.318  1.00 17.77 ? 31  GLU X OE1 1 
ATOM   257 O  OE2 . GLU A 1 32 ? -2.364  -8.896  -7.702  1.00 20.80 ? 31  GLU X OE2 1 
ATOM   258 N  N   . LEU A 1 33 ? -2.617  -2.294  -6.216  1.00 16.95 ? 32  LEU X N   1 
ATOM   259 C  CA  . LEU A 1 33 ? -2.232  -1.190  -5.351  1.00 15.79 ? 32  LEU X CA  1 
ATOM   260 C  C   . LEU A 1 33 ? -3.354  -0.159  -5.287  1.00 15.91 ? 32  LEU X C   1 
ATOM   261 O  O   . LEU A 1 33 ? -3.681  0.345   -4.209  1.00 17.66 ? 32  LEU X O   1 
ATOM   262 C  CB  . LEU A 1 33 ? -0.929  -0.560  -5.860  1.00 16.61 ? 32  LEU X CB  1 
ATOM   263 C  CG  . LEU A 1 33 ? -0.383  0.650   -5.094  1.00 17.49 ? 32  LEU X CG  1 
ATOM   264 C  CD1 . LEU A 1 33 ? -0.135  0.274   -3.655  1.00 19.25 ? 32  LEU X CD1 1 
ATOM   265 C  CD2 . LEU A 1 33 ? 0.916   1.139   -5.728  1.00 20.57 ? 32  LEU X CD2 1 
ATOM   266 N  N   . LYS A 1 34 ? -3.962  0.121   -6.435  1.00 15.22 ? 33  LYS X N   1 
ATOM   267 C  CA  . LYS A 1 34 ? -5.048  1.094   -6.506  1.00 15.26 ? 33  LYS X CA  1 
ATOM   268 C  C   . LYS A 1 34 ? -6.217  0.640   -5.626  1.00 17.51 ? 33  LYS X C   1 
ATOM   269 O  O   . LYS A 1 34 ? -6.759  1.423   -4.825  1.00 17.41 ? 33  LYS X O   1 
ATOM   270 C  CB  . LYS A 1 34 ? -5.497  1.323   -7.952  1.00 15.38 ? 33  LYS X CB  1 
ATOM   271 C  CG  . LYS A 1 34 ? -6.730  2.205   -8.067  1.00 18.12 ? 33  LYS X CG  1 
ATOM   272 C  CD  . LYS A 1 34 ? -7.250  2.267   -9.503  1.00 18.71 ? 33  LYS X CD  1 
ATOM   273 C  CE  . LYS A 1 34 ? -8.571  3.023   -9.548  1.00 23.51 ? 33  LYS X CE  1 
ATOM   274 N  NZ  . LYS A 1 34 ? -9.098  3.103   -10.939 1.00 23.49 ? 33  LYS X NZ  1 
ATOM   275 N  N   . GLU A 1 35 ? -6.580  -0.630  -5.729  1.00 14.01 ? 34  GLU X N   1 
ATOM   276 C  CA  . GLU A 1 35 ? -7.730  -1.109  -4.978  1.00 17.73 ? 34  GLU X CA  1 
ATOM   277 C  C   . GLU A 1 35 ? -7.406  -1.171  -3.507  1.00 16.79 ? 34  GLU X C   1 
ATOM   278 O  O   . GLU A 1 35 ? -8.275  -0.898  -2.676  1.00 17.73 ? 34  GLU X O   1 
ATOM   279 C  CB  . GLU A 1 35 ? -8.202  -2.472  -5.476  1.00 19.08 ? 34  GLU X CB  1 
ATOM   280 C  CG  . GLU A 1 35 ? -8.570  -2.496  -6.955  1.00 18.47 ? 34  GLU X CG  1 
ATOM   281 C  CD  . GLU A 1 35 ? -9.813  -1.693  -7.324  1.00 21.25 ? 34  GLU X CD  1 
ATOM   282 O  OE1 . GLU A 1 35 ? -10.440 -1.025  -6.460  1.00 22.70 ? 34  GLU X OE1 1 
ATOM   283 O  OE2 . GLU A 1 35 ? -10.154 -1.724  -8.525  1.00 23.89 ? 34  GLU X OE2 1 
ATOM   284 N  N   . LEU A 1 36 ? -6.157  -1.512  -3.177  1.00 17.93 ? 35  LEU X N   1 
ATOM   285 C  CA  . LEU A 1 36 ? -5.742  -1.499  -1.779  1.00 15.50 ? 35  LEU X CA  1 
ATOM   286 C  C   . LEU A 1 36 ? -5.966  -0.111  -1.177  1.00 15.98 ? 35  LEU X C   1 
ATOM   287 O  O   . LEU A 1 36 ? -6.568  0.029   -0.102  1.00 17.20 ? 35  LEU X O   1 
ATOM   288 C  CB  . LEU A 1 36 ? -4.277  -1.936  -1.618  1.00 15.72 ? 35  LEU X CB  1 
ATOM   289 C  CG  . LEU A 1 36 ? -3.807  -2.111  -0.169  1.00 15.92 ? 35  LEU X CG  1 
ATOM   290 C  CD1 . LEU A 1 36 ? -2.768  -3.203  -0.058  1.00 16.26 ? 35  LEU X CD1 1 
ATOM   291 C  CD2 . LEU A 1 36 ? -3.224  -0.802  0.374   1.00 15.70 ? 35  LEU X CD2 1 
ATOM   292 N  N   . ILE A 1 37 ? -5.507  0.919   -1.879  1.00 13.41 ? 36  ILE X N   1 
ATOM   293 C  CA  . ILE A 1 37 ? -5.636  2.286   -1.358  1.00 15.49 ? 36  ILE X CA  1 
ATOM   294 C  C   . ILE A 1 37 ? -7.111  2.691   -1.285  1.00 16.19 ? 36  ILE X C   1 
ATOM   295 O  O   . ILE A 1 37 ? -7.574  3.227   -0.282  1.00 15.27 ? 36  ILE X O   1 
ATOM   296 C  CB  . ILE A 1 37 ? -4.805  3.286   -2.200  1.00 16.26 ? 36  ILE X CB  1 
ATOM   297 C  CG1 . ILE A 1 37 ? -3.310  3.097   -1.907  1.00 18.28 ? 36  ILE X CG1 1 
ATOM   298 C  CG2 . ILE A 1 37 ? -5.228  4.734   -1.941  1.00 17.25 ? 36  ILE X CG2 1 
ATOM   299 C  CD1 . ILE A 1 37 ? -2.407  3.541   -3.043  1.00 18.68 ? 36  ILE X CD1 1 
ATOM   300 N  N   . ASN A 1 38 ? -7.855  2.414   -2.348  1.00 15.67 ? 37  ASN X N   1 
ATOM   301 C  CA  . ASN A 1 38 ? -9.249  2.836   -2.406  1.00 15.98 ? 37  ASN X CA  1 
ATOM   302 C  C   . ASN A 1 38 ? -10.173 2.104   -1.437  1.00 21.26 ? 37  ASN X C   1 
ATOM   303 O  O   . ASN A 1 38 ? -11.107 2.694   -0.893  1.00 19.83 ? 37  ASN X O   1 
ATOM   304 C  CB  . ASN A 1 38 ? -9.769  2.734   -3.836  1.00 16.83 ? 37  ASN X CB  1 
ATOM   305 C  CG  . ASN A 1 38 ? -9.155  3.776   -4.729  1.00 18.11 ? 37  ASN X CG  1 
ATOM   306 O  OD1 . ASN A 1 38 ? -8.479  4.684   -4.239  1.00 20.60 ? 37  ASN X OD1 1 
ATOM   307 N  ND2 . ASN A 1 38 ? -9.393  3.671   -6.042  1.00 20.59 ? 37  ASN X ND2 1 
ATOM   308 N  N   . ASN A 1 39 ? -9.911  0.825   -1.220  1.00 15.34 ? 38  ASN X N   1 
ATOM   309 C  CA  . ASN A 1 39 ? -10.731 0.030   -0.310  1.00 17.33 ? 38  ASN X CA  1 
ATOM   310 C  C   . ASN A 1 39 ? -10.309 0.114   1.146   1.00 18.91 ? 38  ASN X C   1 
ATOM   311 O  O   . ASN A 1 39 ? -11.155 0.070   2.044   1.00 18.78 ? 38  ASN X O   1 
ATOM   312 C  CB  . ASN A 1 39 ? -10.705 -1.445  -0.716  1.00 17.59 ? 38  ASN X CB  1 
ATOM   313 C  CG  . ASN A 1 39 ? -11.360 -1.699  -2.051  1.00 22.11 ? 38  ASN X CG  1 
ATOM   314 O  OD1 . ASN A 1 39 ? -12.210 -0.925  -2.497  1.00 20.11 ? 38  ASN X OD1 1 
ATOM   315 N  ND2 . ASN A 1 39 ? -10.967 -2.787  -2.703  1.00 20.42 ? 38  ASN X ND2 1 
ATOM   316 N  N   . GLU A 1 40 ? -9.006  0.224   1.385   1.00 18.09 ? 39  GLU X N   1 
ATOM   317 C  CA  . GLU A 1 40 ? -8.486  0.054   2.746   1.00 16.59 ? 39  GLU X CA  1 
ATOM   318 C  C   . GLU A 1 40 ? -7.930  1.306   3.423   1.00 18.31 ? 39  GLU X C   1 
ATOM   319 O  O   . GLU A 1 40 ? -7.577  1.261   4.603   1.00 18.87 ? 39  GLU X O   1 
ATOM   320 C  CB  . GLU A 1 40 ? -7.425  -1.057  2.790   1.00 16.77 ? 39  GLU X CB  1 
ATOM   321 C  CG  . GLU A 1 40 ? -7.808  -2.345  2.058   1.00 17.98 ? 39  GLU X CG  1 
ATOM   322 C  CD  . GLU A 1 40 ? -9.080  -3.005  2.578   1.00 19.03 ? 39  GLU X CD  1 
ATOM   323 O  OE1 . GLU A 1 40 ? -9.467  -2.772  3.751   1.00 19.37 ? 39  GLU X OE1 1 
ATOM   324 O  OE2 . GLU A 1 40 ? -9.693  -3.775  1.802   1.00 19.02 ? 39  GLU X OE2 1 
ATOM   325 N  N   . LEU A 1 41 ? -7.835  2.404   2.683   1.00 17.47 ? 40  LEU X N   1 
ATOM   326 C  CA  . LEU A 1 41 ? -7.381  3.675   3.238   1.00 18.98 ? 40  LEU X CA  1 
ATOM   327 C  C   . LEU A 1 41 ? -8.379  4.785   2.894   1.00 19.79 ? 40  LEU X C   1 
ATOM   328 O  O   . LEU A 1 41 ? -8.011  5.951   2.730   1.00 22.02 ? 40  LEU X O   1 
ATOM   329 C  CB  . LEU A 1 41 ? -5.975  4.016   2.733   1.00 18.64 ? 40  LEU X CB  1 
ATOM   330 C  CG  . LEU A 1 41 ? -4.872  3.049   3.176   1.00 18.02 ? 40  LEU X CG  1 
ATOM   331 C  CD1 . LEU A 1 41 ? -3.624  3.295   2.366   1.00 19.10 ? 40  LEU X CD1 1 
ATOM   332 C  CD2 . LEU A 1 41 ? -4.574  3.242   4.655   1.00 19.77 ? 40  LEU X CD2 1 
ATOM   333 N  N   . SER A 1 42 ? -9.653  4.410   2.795   1.00 20.50 ? 41  SER X N   1 
ATOM   334 C  CA  . SER A 1 42 ? -10.695 5.341   2.360   1.00 23.14 ? 41  SER X CA  1 
ATOM   335 C  C   . SER A 1 42 ? -10.919 6.513   3.316   1.00 26.30 ? 41  SER X C   1 
ATOM   336 O  O   . SER A 1 42 ? -11.504 7.525   2.930   1.00 26.91 ? 41  SER X O   1 
ATOM   337 C  CB  . SER A 1 42 ? -12.016 4.601   2.137   1.00 25.10 ? 41  SER X CB  1 
ATOM   338 O  OG  . SER A 1 42 ? -12.512 4.072   3.353   1.00 25.66 ? 41  SER X OG  1 
ATOM   339 N  N   . HIS A 1 43 ? -10.466 6.384   4.560   1.00 22.73 ? 42  HIS X N   1 
ATOM   340 C  CA  . HIS A 1 43 ? -10.642 7.461   5.542   1.00 26.98 ? 42  HIS X CA  1 
ATOM   341 C  C   . HIS A 1 43 ? -9.432  8.395   5.643   1.00 26.02 ? 42  HIS X C   1 
ATOM   342 O  O   . HIS A 1 43 ? -9.544  9.517   6.154   1.00 36.38 ? 42  HIS X O   1 
ATOM   343 C  CB  . HIS A 1 43 ? -10.978 6.885   6.926   1.00 27.68 ? 42  HIS X CB  1 
ATOM   344 C  CG  . HIS A 1 43 ? -12.154 5.959   6.929   1.00 25.38 ? 42  HIS X CG  1 
ATOM   345 N  ND1 . HIS A 1 43 ? -12.024 4.586   6.979   1.00 27.00 ? 42  HIS X ND1 1 
ATOM   346 C  CD2 . HIS A 1 43 ? -13.488 6.206   6.888   1.00 30.68 ? 42  HIS X CD2 1 
ATOM   347 C  CE1 . HIS A 1 43 ? -13.222 4.028   6.966   1.00 28.35 ? 42  HIS X CE1 1 
ATOM   348 N  NE2 . HIS A 1 43 ? -14.126 4.990   6.911   1.00 31.97 ? 42  HIS X NE2 1 
ATOM   349 N  N   . PHE A 1 44 ? -8.286  7.930   5.158   1.00 26.35 ? 43  PHE X N   1 
ATOM   350 C  CA  . PHE A 1 44 ? -7.017  8.639   5.301   1.00 30.96 ? 43  PHE X CA  1 
ATOM   351 C  C   . PHE A 1 44 ? -6.627  9.322   3.997   1.00 32.46 ? 43  PHE X C   1 
ATOM   352 O  O   . PHE A 1 44 ? -6.245  10.492  3.985   1.00 27.65 ? 43  PHE X O   1 
ATOM   353 C  CB  . PHE A 1 44 ? -5.895  7.659   5.673   1.00 30.23 ? 43  PHE X CB  1 
ATOM   354 C  CG  . PHE A 1 44 ? -5.955  7.139   7.092   1.00 37.30 ? 43  PHE X CG  1 
ATOM   355 C  CD1 . PHE A 1 44 ? -5.080  6.139   7.500   1.00 35.67 ? 43  PHE X CD1 1 
ATOM   356 C  CD2 . PHE A 1 44 ? -6.869  7.642   8.015   1.00 38.26 ? 43  PHE X CD2 1 
ATOM   357 C  CE1 . PHE A 1 44 ? -5.107  5.646   8.799   1.00 30.06 ? 43  PHE X CE1 1 
ATOM   358 C  CE2 . PHE A 1 44 ? -6.902  7.151   9.327   1.00 35.30 ? 43  PHE X CE2 1 
ATOM   359 C  CZ  . PHE A 1 44 ? -6.021  6.150   9.713   1.00 28.86 ? 43  PHE X CZ  1 
ATOM   360 N  N   . LEU A 1 45 ? -6.719  8.566   2.905   1.00 27.17 ? 44  LEU X N   1 
ATOM   361 C  CA  . LEU A 1 45 ? -6.249  9.009   1.599   1.00 26.05 ? 44  LEU X CA  1 
ATOM   362 C  C   . LEU A 1 45 ? -7.413  9.250   0.652   1.00 28.30 ? 44  LEU X C   1 
ATOM   363 O  O   . LEU A 1 45 ? -8.390  8.508   0.658   1.00 25.73 ? 44  LEU X O   1 
ATOM   364 C  CB  . LEU A 1 45 ? -5.316  7.962   0.973   1.00 29.87 ? 44  LEU X CB  1 
ATOM   365 C  CG  . LEU A 1 45 ? -4.026  7.575   1.693   1.00 30.61 ? 44  LEU X CG  1 
ATOM   366 C  CD1 . LEU A 1 45 ? -3.040  6.907   0.716   1.00 28.56 ? 44  LEU X CD1 1 
ATOM   367 C  CD2 . LEU A 1 45 ? -3.408  8.801   2.349   1.00 35.29 ? 44  LEU X CD2 1 
ATOM   368 N  N   . GLU A 1 46 ? -7.297  10.301  -0.149  1.00 26.90 ? 45  GLU X N   1 
ATOM   369 C  CA  . GLU A 1 46 ? -8.237  10.562  -1.229  1.00 29.38 ? 45  GLU X CA  1 
ATOM   370 C  C   . GLU A 1 46 ? -8.376  9.344   -2.139  1.00 27.85 ? 45  GLU X C   1 
ATOM   371 O  O   . GLU A 1 46 ? -7.371  8.722   -2.499  1.00 25.85 ? 45  GLU X O   1 
ATOM   372 C  CB  . GLU A 1 46 ? -7.706  11.718  -2.061  1.00 36.75 ? 45  GLU X CB  1 
ATOM   373 C  CG  . GLU A 1 46 ? -8.727  12.394  -2.928  1.00 36.30 ? 45  GLU X CG  1 
ATOM   374 C  CD  . GLU A 1 46 ? -8.612  13.897  -2.814  1.00 49.38 ? 45  GLU X CD  1 
ATOM   375 O  OE1 . GLU A 1 46 ? -7.912  14.500  -3.651  1.00 50.79 ? 45  GLU X OE1 1 
ATOM   376 O  OE2 . GLU A 1 46 ? -9.194  14.466  -1.862  1.00 51.61 ? 45  GLU X OE2 1 
ATOM   377 N  N   . GLU A 1 47 ? -9.609  9.007   -2.518  1.00 27.61 ? 46  GLU X N   1 
ATOM   378 C  CA  . GLU A 1 47 ? -9.827  7.917   -3.459  1.00 21.09 ? 46  GLU X CA  1 
ATOM   379 C  C   . GLU A 1 47 ? -9.114  8.247   -4.767  1.00 25.09 ? 46  GLU X C   1 
ATOM   380 O  O   . GLU A 1 47 ? -9.143  9.393   -5.239  1.00 24.01 ? 46  GLU X O   1 
ATOM   381 C  CB  . GLU A 1 47 ? -11.323 7.689   -3.721  1.00 24.24 ? 46  GLU X CB  1 
ATOM   382 C  CG  . GLU A 1 47 ? -11.615 6.660   -4.836  1.00 24.30 ? 46  GLU X CG  1 
ATOM   383 C  CD  . GLU A 1 47 ? -13.104 6.468   -5.099  1.00 29.96 ? 46  GLU X CD  1 
ATOM   384 O  OE1 . GLU A 1 47 ? -13.920 7.142   -4.435  1.00 34.23 ? 46  GLU X OE1 1 
ATOM   385 O  OE2 . GLU A 1 47 ? -13.455 5.636   -5.966  1.00 29.32 ? 46  GLU X OE2 1 
ATOM   386 N  N   . ILE A 1 48 ? -8.458  7.246   -5.344  1.00 20.44 ? 47  ILE X N   1 
ATOM   387 C  CA  . ILE A 1 48 ? -7.725  7.440   -6.584  1.00 20.08 ? 47  ILE X CA  1 
ATOM   388 C  C   . ILE A 1 48 ? -8.641  7.132   -7.751  1.00 22.77 ? 47  ILE X C   1 
ATOM   389 O  O   . ILE A 1 48 ? -9.162  6.012   -7.865  1.00 20.45 ? 47  ILE X O   1 
ATOM   390 C  CB  . ILE A 1 48 ? -6.481  6.527   -6.661  1.00 22.30 ? 47  ILE X CB  1 
ATOM   391 C  CG1 . ILE A 1 48 ? -5.511  6.864   -5.530  1.00 22.17 ? 47  ILE X CG1 1 
ATOM   392 C  CG2 . ILE A 1 48 ? -5.797  6.683   -8.015  1.00 22.03 ? 47  ILE X CG2 1 
ATOM   393 C  CD1 . ILE A 1 48 ? -4.315  5.918   -5.427  1.00 23.57 ? 47  ILE X CD1 1 
ATOM   394 N  N   . LYS A 1 49 ? -8.849  8.135   -8.608  1.00 20.41 ? 48  LYS X N   1 
ATOM   395 C  CA  . LYS A 1 49 ? -9.707  7.984   -9.779  1.00 22.55 ? 48  LYS X CA  1 
ATOM   396 C  C   . LYS A 1 49 ? -9.020  8.338   -11.104 1.00 22.67 ? 48  LYS X C   1 
ATOM   397 O  O   . LYS A 1 49 ? -9.667  8.340   -12.147 1.00 27.72 ? 48  LYS X O   1 
ATOM   398 C  CB  . LYS A 1 49 ? -10.956 8.860   -9.637  1.00 25.74 ? 48  LYS X CB  1 
ATOM   399 C  CG  . LYS A 1 49 ? -11.716 8.702   -8.337  1.00 27.41 ? 48  LYS X CG  1 
ATOM   400 C  CD  . LYS A 1 49 ? -12.901 9.660   -8.298  1.00 27.24 ? 48  LYS X CD  1 
ATOM   401 C  CE  . LYS A 1 49 ? -13.623 9.565   -6.970  1.00 32.82 ? 48  LYS X CE  1 
ATOM   402 N  NZ  . LYS A 1 49 ? -14.727 10.551  -6.899  1.00 31.85 ? 48  LYS X NZ  1 
ATOM   403 N  N   . GLU A 1 50 ? -7.733  8.676   -11.067 1.00 20.98 ? 49  GLU X N   1 
ATOM   404 C  CA  . GLU A 1 50 ? -7.021  9.074   -12.291 1.00 22.19 ? 49  GLU X CA  1 
ATOM   405 C  C   . GLU A 1 50 ? -5.840  8.153   -12.522 1.00 21.65 ? 49  GLU X C   1 
ATOM   406 O  O   . GLU A 1 50 ? -5.123  7.846   -11.574 1.00 22.59 ? 49  GLU X O   1 
ATOM   407 C  CB  . GLU A 1 50 ? -6.494  10.510  -12.176 1.00 25.71 ? 49  GLU X CB  1 
ATOM   408 C  CG  . GLU A 1 50 ? -7.553  11.603  -12.266 1.00 22.99 ? 49  GLU X CG  1 
ATOM   409 C  CD  . GLU A 1 50 ? -8.331  11.571  -13.574 1.00 28.31 ? 49  GLU X CD  1 
ATOM   410 O  OE1 . GLU A 1 50 ? -7.741  11.251  -14.634 1.00 27.34 ? 49  GLU X OE1 1 
ATOM   411 O  OE2 . GLU A 1 50 ? -9.541  11.875  -13.543 1.00 30.10 ? 49  GLU X OE2 1 
ATOM   412 N  N   . GLN A 1 51 ? -5.626  7.732   -13.771 1.00 24.19 ? 50  GLN X N   1 
ATOM   413 C  CA  . GLN A 1 51 ? -4.490  6.873   -14.105 1.00 23.25 ? 50  GLN X CA  1 
ATOM   414 C  C   . GLN A 1 51 ? -3.182  7.544   -13.694 1.00 19.95 ? 50  GLN X C   1 
ATOM   415 O  O   . GLN A 1 51 ? -2.246  6.883   -13.230 1.00 21.49 ? 50  GLN X O   1 
ATOM   416 C  CB  . GLN A 1 51 ? -4.456  6.590   -15.611 1.00 24.00 ? 50  GLN X CB  1 
ATOM   417 C  CG  . GLN A 1 51 ? -3.384  5.576   -16.039 1.00 22.31 ? 50  GLN X CG  1 
ATOM   418 C  CD  . GLN A 1 51 ? -3.662  4.193   -15.500 1.00 26.28 ? 50  GLN X CD  1 
ATOM   419 O  OE1 . GLN A 1 51 ? -4.739  3.643   -15.723 1.00 31.95 ? 50  GLN X OE1 1 
ATOM   420 N  NE2 . GLN A 1 51 ? -2.703  3.629   -14.768 1.00 24.32 ? 50  GLN X NE2 1 
ATOM   421 N  N   . GLU A 1 52 ? -3.119  8.860   -13.871 1.00 20.16 ? 51  GLU X N   1 
ATOM   422 C  CA  . GLU A 1 52 ? -1.883  9.583   -13.610 1.00 20.90 ? 51  GLU X CA  1 
ATOM   423 C  C   . GLU A 1 52 ? -1.521  9.506   -12.133 1.00 21.39 ? 51  GLU X C   1 
ATOM   424 O  O   . GLU A 1 52 ? -0.342  9.471   -11.775 1.00 18.56 ? 51  GLU X O   1 
ATOM   425 C  CB  . GLU A 1 52 ? -1.967  11.039  -14.096 1.00 22.94 ? 51  GLU X CB  1 
ATOM   426 C  CG  . GLU A 1 52 ? -2.980  11.894  -13.342 1.00 26.12 ? 51  GLU X CG  1 
ATOM   427 C  CD  . GLU A 1 52 ? -3.306  13.207  -14.039 1.00 31.68 ? 51  GLU X CD  1 
ATOM   428 O  OE1 . GLU A 1 52 ? -2.962  13.383  -15.232 1.00 30.53 ? 51  GLU X OE1 1 
ATOM   429 O  OE2 . GLU A 1 52 ? -3.937  14.062  -13.384 1.00 31.54 ? 51  GLU X OE2 1 
ATOM   430 N  N   . VAL A 1 53 ? -2.536  9.445   -11.274 1.00 20.69 ? 52  VAL X N   1 
ATOM   431 C  CA  . VAL A 1 53 ? -2.273  9.350   -9.842  1.00 20.16 ? 52  VAL X CA  1 
ATOM   432 C  C   . VAL A 1 53 ? -1.789  7.949   -9.494  1.00 19.88 ? 52  VAL X C   1 
ATOM   433 O  O   . VAL A 1 53 ? -0.814  7.800   -8.753  1.00 20.10 ? 52  VAL X O   1 
ATOM   434 C  CB  . VAL A 1 53 ? -3.500  9.726   -9.015  1.00 21.65 ? 52  VAL X CB  1 
ATOM   435 C  CG1 . VAL A 1 53 ? -3.233  9.527   -7.523  1.00 20.70 ? 52  VAL X CG1 1 
ATOM   436 C  CG2 . VAL A 1 53 ? -3.871  11.179  -9.293  1.00 22.70 ? 52  VAL X CG2 1 
ATOM   437 N  N   . VAL A 1 54 ? -2.461  6.934   -10.030 1.00 18.92 ? 53  VAL X N   1 
ATOM   438 C  CA  . VAL A 1 54 ? -2.004  5.542   -9.872  1.00 21.42 ? 53  VAL X CA  1 
ATOM   439 C  C   . VAL A 1 54 ? -0.550  5.383   -10.334 1.00 19.85 ? 53  VAL X C   1 
ATOM   440 O  O   . VAL A 1 54 ? 0.268   4.770   -9.647  1.00 18.41 ? 53  VAL X O   1 
ATOM   441 C  CB  . VAL A 1 54 ? -2.848  4.525   -10.668 1.00 23.66 ? 53  VAL X CB  1 
ATOM   442 C  CG1 . VAL A 1 54 ? -2.322  3.119   -10.411 1.00 29.21 ? 53  VAL X CG1 1 
ATOM   443 C  CG2 . VAL A 1 54 ? -4.313  4.586   -10.286 1.00 22.47 ? 53  VAL X CG2 1 
ATOM   444 N  N   . ASP A 1 55 ? -0.240  5.920   -11.513 1.00 18.08 ? 54  ASP X N   1 
ATOM   445 C  CA  . ASP A 1 55 ? 1.130   5.877   -12.038 1.00 20.82 ? 54  ASP X CA  1 
ATOM   446 C  C   . ASP A 1 55 ? 2.140   6.554   -11.114 1.00 21.72 ? 54  ASP X C   1 
ATOM   447 O  O   . ASP A 1 55 ? 3.218   6.011   -10.846 1.00 21.43 ? 54  ASP X O   1 
ATOM   448 C  CB  . ASP A 1 55 ? 1.205   6.531   -13.422 1.00 23.11 ? 54  ASP X CB  1 
ATOM   449 C  CG  . ASP A 1 55 ? 0.391   5.795   -14.468 1.00 20.58 ? 54  ASP X CG  1 
ATOM   450 O  OD1 . ASP A 1 55 ? -0.031  4.654   -14.202 1.00 20.65 ? 54  ASP X OD1 1 
ATOM   451 O  OD2 . ASP A 1 55 ? 0.170   6.365   -15.564 1.00 19.32 ? 54  ASP X OD2 1 
ATOM   452 N  N   . LYS A 1 56 ? 1.805   7.753   -10.649 1.00 18.63 ? 55  LYS X N   1 
ATOM   453 C  CA  . LYS A 1 56 ? 2.704   8.499   -9.782  1.00 23.58 ? 55  LYS X CA  1 
ATOM   454 C  C   . LYS A 1 56 ? 2.920   7.779   -8.448  1.00 21.80 ? 55  LYS X C   1 
ATOM   455 O  O   . LYS A 1 56 ? 4.042   7.745   -7.928  1.00 22.03 ? 55  LYS X O   1 
ATOM   456 C  CB  . LYS A 1 56 ? 2.188   9.923   -9.552  1.00 26.28 ? 55  LYS X CB  1 
ATOM   457 C  CG  . LYS A 1 56 ? 3.145   10.814  -8.776  1.00 29.35 ? 55  LYS X CG  1 
ATOM   458 C  CD  . LYS A 1 56 ? 4.516   10.908  -9.462  1.00 30.36 ? 55  LYS X CD  1 
ATOM   459 C  CE  . LYS A 1 56 ? 4.435   11.631  -10.806 1.00 34.71 ? 55  LYS X CE  1 
ATOM   460 N  NZ  . LYS A 1 56 ? 5.785   11.807  -11.428 1.00 35.55 ? 55  LYS X NZ  1 
ATOM   461 N  N   . VAL A 1 57 ? 1.861   7.191   -7.890  1.00 19.63 ? 56  VAL X N   1 
ATOM   462 C  CA  . VAL A 1 57 ? 2.018   6.424   -6.649  1.00 21.93 ? 56  VAL X CA  1 
ATOM   463 C  C   . VAL A 1 57 ? 2.959   5.235   -6.819  1.00 20.57 ? 56  VAL X C   1 
ATOM   464 O  O   . VAL A 1 57 ? 3.882   5.045   -6.026  1.00 21.13 ? 56  VAL X O   1 
ATOM   465 C  CB  . VAL A 1 57 ? 0.665   5.943   -6.076  1.00 22.43 ? 56  VAL X CB  1 
ATOM   466 C  CG1 . VAL A 1 57 ? 0.890   5.069   -4.840  1.00 22.64 ? 56  VAL X CG1 1 
ATOM   467 C  CG2 . VAL A 1 57 ? -0.193  7.133   -5.719  1.00 22.62 ? 56  VAL X CG2 1 
ATOM   468 N  N   . MET A 1 58 ? 2.737   4.439   -7.857  1.00 19.71 ? 57  MET X N   1 
ATOM   469 C  CA  . MET A 1 58 ? 3.614   3.300   -8.127  1.00 21.00 ? 57  MET X CA  1 
ATOM   470 C  C   . MET A 1 58 ? 5.058   3.737   -8.362  1.00 20.08 ? 57  MET X C   1 
ATOM   471 O  O   . MET A 1 58 ? 5.984   3.107   -7.868  1.00 23.04 ? 57  MET X O   1 
ATOM   472 C  CB  . MET A 1 58 ? 3.112   2.490   -9.327  1.00 19.20 ? 57  MET X CB  1 
ATOM   473 C  CG  . MET A 1 58 ? 3.979   1.260   -9.647  1.00 20.67 ? 57  MET X CG  1 
ATOM   474 S  SD  . MET A 1 58 ? 4.050   0.058   -8.292  1.00 20.64 ? 57  MET X SD  1 
ATOM   475 C  CE  . MET A 1 58 ? 2.564   -0.889  -8.610  1.00 17.18 ? 57  MET X CE  1 
ATOM   476 N  N   . GLU A 1 59 ? 5.241   4.816   -9.116  1.00 22.34 ? 58  GLU X N   1 
ATOM   477 C  CA  . GLU A 1 59 ? 6.577   5.328   -9.420  1.00 21.19 ? 58  GLU X CA  1 
ATOM   478 C  C   . GLU A 1 59 ? 7.285   5.714   -8.124  1.00 24.71 ? 58  GLU X C   1 
ATOM   479 O  O   . GLU A 1 59 ? 8.484   5.485   -7.955  1.00 23.13 ? 58  GLU X O   1 
ATOM   480 C  CB  . GLU A 1 59 ? 6.458   6.538   -10.362 1.00 25.79 ? 58  GLU X CB  1 
ATOM   481 C  CG  . GLU A 1 59 ? 7.779   7.243   -10.692 1.00 30.23 ? 58  GLU X CG  1 
ATOM   482 C  CD  . GLU A 1 59 ? 7.606   8.396   -11.676 1.00 38.01 ? 58  GLU X CD  1 
ATOM   483 O  OE1 . GLU A 1 59 ? 6.462   8.873   -11.856 1.00 37.42 ? 58  GLU X OE1 1 
ATOM   484 O  OE2 . GLU A 1 59 ? 8.615   8.826   -12.277 1.00 41.19 ? 58  GLU X OE2 1 
ATOM   485 N  N   . THR A 1 60 ? 6.528   6.293   -7.201  1.00 24.05 ? 59  THR X N   1 
ATOM   486 C  CA  . THR A 1 60 ? 7.081   6.697   -5.912  1.00 22.38 ? 59  THR X CA  1 
ATOM   487 C  C   . THR A 1 60 ? 7.481   5.490   -5.076  1.00 25.93 ? 59  THR X C   1 
ATOM   488 O  O   . THR A 1 60 ? 8.527   5.499   -4.427  1.00 25.45 ? 59  THR X O   1 
ATOM   489 C  CB  . THR A 1 60 ? 6.086   7.557   -5.112  1.00 26.23 ? 59  THR X CB  1 
ATOM   490 O  OG1 . THR A 1 60 ? 5.709   8.698   -5.891  1.00 30.09 ? 59  THR X OG1 1 
ATOM   491 C  CG2 . THR A 1 60 ? 6.708   8.021   -3.808  1.00 28.19 ? 59  THR X CG2 1 
ATOM   492 N  N   . LEU A 1 61 ? 6.650   4.449   -5.088  1.00 22.19 ? 60  LEU X N   1 
ATOM   493 C  CA  . LEU A 1 61 ? 6.877   3.301   -4.203  1.00 23.70 ? 60  LEU X CA  1 
ATOM   494 C  C   . LEU A 1 61 ? 7.835   2.260   -4.772  1.00 24.37 ? 60  LEU X C   1 
ATOM   495 O  O   . LEU A 1 61 ? 8.429   1.484   -4.022  1.00 21.16 ? 60  LEU X O   1 
ATOM   496 C  CB  . LEU A 1 61 ? 5.546   2.621   -3.846  1.00 24.13 ? 60  LEU X CB  1 
ATOM   497 C  CG  . LEU A 1 61 ? 4.502   3.552   -3.228  1.00 25.42 ? 60  LEU X CG  1 
ATOM   498 C  CD1 . LEU A 1 61 ? 3.199   2.805   -2.931  1.00 25.69 ? 60  LEU X CD1 1 
ATOM   499 C  CD2 . LEU A 1 61 ? 5.058   4.208   -1.966  1.00 27.51 ? 60  LEU X CD2 1 
ATOM   500 N  N   . ASP A 1 62 ? 7.976   2.246   -6.093  1.00 20.26 ? 61  ASP X N   1 
ATOM   501 C  CA  . ASP A 1 62 ? 8.730   1.207   -6.792  1.00 23.35 ? 61  ASP X CA  1 
ATOM   502 C  C   . ASP A 1 62 ? 10.226  1.524   -6.783  1.00 25.96 ? 61  ASP X C   1 
ATOM   503 O  O   . ASP A 1 62 ? 10.798  1.926   -7.799  1.00 22.81 ? 61  ASP X O   1 
ATOM   504 C  CB  . ASP A 1 62 ? 8.226   1.083   -8.239  1.00 24.68 ? 61  ASP X CB  1 
ATOM   505 C  CG  . ASP A 1 62 ? 8.908   -0.032  -9.015  1.00 24.75 ? 61  ASP X CG  1 
ATOM   506 O  OD1 . ASP A 1 62 ? 9.436   -0.980  -8.394  1.00 24.36 ? 61  ASP X OD1 1 
ATOM   507 O  OD2 . ASP A 1 62 ? 8.913   0.039   -10.262 1.00 23.34 ? 61  ASP X OD2 1 
ATOM   508 N  N   . SER A 1 63 ? 10.858  1.323   -5.632  1.00 23.44 ? 62  SER X N   1 
ATOM   509 C  CA  . SER A 1 63 ? 12.270  1.634   -5.455  1.00 27.42 ? 62  SER X CA  1 
ATOM   510 C  C   . SER A 1 63 ? 13.218  0.892   -6.390  1.00 27.68 ? 62  SER X C   1 
ATOM   511 O  O   . SER A 1 63 ? 14.212  1.468   -6.843  1.00 33.61 ? 62  SER X O   1 
ATOM   512 C  CB  . SER A 1 63 ? 12.672  1.393   -3.999  1.00 25.41 ? 62  SER X CB  1 
ATOM   513 O  OG  . SER A 1 63 ? 12.000  2.314   -3.162  1.00 33.97 ? 62  SER X OG  1 
ATOM   514 N  N   . ASP A 1 64 ? 12.922  -0.371  -6.677  1.00 26.24 ? 63  ASP X N   1 
ATOM   515 C  CA  . ASP A 1 64 ? 13.810  -1.161  -7.528  1.00 31.08 ? 63  ASP X CA  1 
ATOM   516 C  C   . ASP A 1 64 ? 13.459  -1.080  -9.013  1.00 28.45 ? 63  ASP X C   1 
ATOM   517 O  O   . ASP A 1 64 ? 14.191  -1.602  -9.853  1.00 31.17 ? 63  ASP X O   1 
ATOM   518 C  CB  . ASP A 1 64 ? 13.936  -2.623  -7.059  1.00 27.78 ? 63  ASP X CB  1 
ATOM   519 C  CG  . ASP A 1 64 ? 12.632  -3.408  -7.159  1.00 30.61 ? 63  ASP X CG  1 
ATOM   520 O  OD1 . ASP A 1 64 ? 11.620  -2.898  -7.686  1.00 25.46 ? 63  ASP X OD1 1 
ATOM   521 O  OD2 . ASP A 1 64 ? 12.627  -4.570  -6.710  1.00 30.51 ? 63  ASP X OD2 1 
ATOM   522 N  N   . GLY A 1 65 ? 12.341  -0.427  -9.327  1.00 28.53 ? 64  GLY X N   1 
ATOM   523 C  CA  . GLY A 1 65 ? 11.980  -0.153  -10.709 1.00 27.04 ? 64  GLY X CA  1 
ATOM   524 C  C   . GLY A 1 65 ? 11.377  -1.289  -11.526 1.00 27.55 ? 64  GLY X C   1 
ATOM   525 O  O   . GLY A 1 65 ? 11.307  -1.181  -12.753 1.00 27.89 ? 64  GLY X O   1 
ATOM   526 N  N   . ASP A 1 66 ? 10.938  -2.372  -10.882 1.00 26.33 ? 65  ASP X N   1 
ATOM   527 C  CA  . ASP A 1 66 ? 10.354  -3.491  -11.624 1.00 24.92 ? 65  ASP X CA  1 
ATOM   528 C  C   . ASP A 1 66 ? 8.868   -3.292  -11.952 1.00 24.02 ? 65  ASP X C   1 
ATOM   529 O  O   . ASP A 1 66 ? 8.196   -4.192  -12.467 1.00 22.84 ? 65  ASP X O   1 
ATOM   530 C  CB  . ASP A 1 66 ? 10.601  -4.841  -10.927 1.00 30.06 ? 65  ASP X CB  1 
ATOM   531 C  CG  . ASP A 1 66 ? 9.843   -4.984  -9.618  1.00 27.18 ? 65  ASP X CG  1 
ATOM   532 O  OD1 . ASP A 1 66 ? 9.116   -4.046  -9.220  1.00 21.53 ? 65  ASP X OD1 1 
ATOM   533 O  OD2 . ASP A 1 66 ? 9.998   -6.044  -8.971  1.00 26.35 ? 65  ASP X OD2 1 
ATOM   534 N  N   . GLY A 1 67 ? 8.363   -2.096  -11.675 1.00 20.99 ? 66  GLY X N   1 
ATOM   535 C  CA  . GLY A 1 67 ? 6.988   -1.781  -12.018 1.00 22.59 ? 66  GLY X CA  1 
ATOM   536 C  C   . GLY A 1 67 ? 5.954   -2.344  -11.058 1.00 23.62 ? 66  GLY X C   1 
ATOM   537 O  O   . GLY A 1 67 ? 4.757   -2.192  -11.296 1.00 21.99 ? 66  GLY X O   1 
ATOM   538 N  N   . GLU A 1 68 ? 6.395   -2.988  -9.976  1.00 20.59 ? 67  GLU X N   1 
ATOM   539 C  CA  . GLU A 1 68 ? 5.460   -3.499  -8.977  1.00 16.84 ? 67  GLU X CA  1 
ATOM   540 C  C   . GLU A 1 68 ? 5.907   -3.100  -7.585  1.00 18.25 ? 67  GLU X C   1 
ATOM   541 O  O   . GLU A 1 68 ? 7.040   -2.656  -7.396  1.00 19.15 ? 67  GLU X O   1 
ATOM   542 C  CB  . GLU A 1 68 ? 5.332   -5.027  -9.063  1.00 19.70 ? 67  GLU X CB  1 
ATOM   543 C  CG  . GLU A 1 68 ? 4.811   -5.528  -10.393 1.00 20.21 ? 67  GLU X CG  1 
ATOM   544 C  CD  . GLU A 1 68 ? 4.193   -6.910  -10.301 1.00 26.68 ? 67  GLU X CD  1 
ATOM   545 O  OE1 . GLU A 1 68 ? 3.405   -7.160  -9.362  1.00 24.72 ? 67  GLU X OE1 1 
ATOM   546 O  OE2 . GLU A 1 68 ? 4.495   -7.749  -11.174 1.00 29.32 ? 67  GLU X OE2 1 
ATOM   547 N  N   . CYS A 1 69 ? 5.010   -3.269  -6.620  1.00 17.62 ? 68  CYS X N   1 
ATOM   548 C  CA  . CYS A 1 69 ? 5.332   -3.005  -5.220  1.00 17.44 ? 68  CYS X CA  1 
ATOM   549 C  C   . CYS A 1 69 ? 5.471   -4.314  -4.458  1.00 18.37 ? 68  CYS X C   1 
ATOM   550 O  O   . CYS A 1 69 ? 4.471   -5.019  -4.245  1.00 20.37 ? 68  CYS X O   1 
ATOM   551 C  CB  . CYS A 1 69 ? 4.238   -2.148  -4.569  1.00 15.91 ? 68  CYS X CB  1 
ATOM   552 S  SG  . CYS A 1 69 ? 4.655   -1.615  -2.875  1.00 17.74 ? 68  CYS X SG  1 
ATOM   553 N  N   . ASP A 1 70 ? 6.697   -4.650  -4.053  1.00 19.30 ? 69  ASP X N   1 
ATOM   554 C  CA  . ASP A 1 70 ? 6.924   -5.883  -3.303  1.00 20.04 ? 69  ASP X CA  1 
ATOM   555 C  C   . ASP A 1 70 ? 6.711   -5.647  -1.801  1.00 20.00 ? 69  ASP X C   1 
ATOM   556 O  O   . ASP A 1 70 ? 6.302   -4.556  -1.385  1.00 17.54 ? 69  ASP X O   1 
ATOM   557 C  CB  . ASP A 1 70 ? 8.302   -6.507  -3.613  1.00 19.70 ? 69  ASP X CB  1 
ATOM   558 C  CG  . ASP A 1 70 ? 9.484   -5.619  -3.203  1.00 26.06 ? 69  ASP X CG  1 
ATOM   559 O  OD1 . ASP A 1 70 ? 9.352   -4.754  -2.306  1.00 24.04 ? 69  ASP X OD1 1 
ATOM   560 O  OD2 . ASP A 1 70 ? 10.584  -5.809  -3.771  1.00 25.09 ? 69  ASP X OD2 1 
ATOM   561 N  N   . PHE A 1 71 ? 6.961   -6.661  -0.986  1.00 17.73 ? 70  PHE X N   1 
ATOM   562 C  CA  . PHE A 1 71 ? 6.686   -6.518  0.439   1.00 19.49 ? 70  PHE X CA  1 
ATOM   563 C  C   . PHE A 1 71 ? 7.515   -5.410  1.099   1.00 22.67 ? 70  PHE X C   1 
ATOM   564 O  O   . PHE A 1 71 ? 6.994   -4.632  1.901   1.00 20.51 ? 70  PHE X O   1 
ATOM   565 C  CB  . PHE A 1 71 ? 6.850   -7.837  1.196   1.00 21.12 ? 70  PHE X CB  1 
ATOM   566 C  CG  . PHE A 1 71 ? 6.317   -7.776  2.604   1.00 21.39 ? 70  PHE X CG  1 
ATOM   567 C  CD1 . PHE A 1 71 ? 4.944   -7.784  2.837   1.00 24.24 ? 70  PHE X CD1 1 
ATOM   568 C  CD2 . PHE A 1 71 ? 7.181   -7.660  3.686   1.00 22.40 ? 70  PHE X CD2 1 
ATOM   569 C  CE1 . PHE A 1 71 ? 4.435   -7.709  4.135   1.00 24.01 ? 70  PHE X CE1 1 
ATOM   570 C  CE2 . PHE A 1 71 ? 6.686   -7.589  4.984   1.00 24.64 ? 70  PHE X CE2 1 
ATOM   571 C  CZ  . PHE A 1 71 ? 5.309   -7.612  5.206   1.00 21.90 ? 70  PHE X CZ  1 
ATOM   572 N  N   . GLN A 1 72 ? 8.794   -5.335  0.745   1.00 20.52 ? 71  GLN X N   1 
ATOM   573 C  CA  . GLN A 1 72 ? 9.693   -4.345  1.321   1.00 22.40 ? 71  GLN X CA  1 
ATOM   574 C  C   . GLN A 1 72 ? 9.230   -2.949  0.945   1.00 20.98 ? 71  GLN X C   1 
ATOM   575 O  O   . GLN A 1 72 ? 9.214   -2.043  1.779   1.00 19.46 ? 71  GLN X O   1 
ATOM   576 C  CB  . GLN A 1 72 ? 11.121  -4.577  0.823   1.00 26.01 ? 71  GLN X CB  1 
ATOM   577 C  CG  . GLN A 1 72 ? 12.171  -3.694  1.486   1.00 30.28 ? 71  GLN X CG  1 
ATOM   578 C  CD  . GLN A 1 72 ? 13.540  -3.822  0.838   1.00 37.51 ? 71  GLN X CD  1 
ATOM   579 O  OE1 . GLN A 1 72 ? 13.702  -4.505  -0.180  1.00 40.70 ? 71  GLN X OE1 1 
ATOM   580 N  NE2 . GLN A 1 72 ? 14.533  -3.159  1.421   1.00 45.75 ? 71  GLN X NE2 1 
ATOM   581 N  N   . GLU A 1 73 ? 8.837   -2.783  -0.315  1.00 19.12 ? 72  GLU X N   1 
ATOM   582 C  CA  . GLU A 1 73 ? 8.362   -1.491  -0.783  1.00 19.56 ? 72  GLU X CA  1 
ATOM   583 C  C   . GLU A 1 73 ? 7.034   -1.149  -0.126  1.00 17.75 ? 72  GLU X C   1 
ATOM   584 O  O   . GLU A 1 73 ? 6.746   0.021   0.138   1.00 19.91 ? 72  GLU X O   1 
ATOM   585 C  CB  . GLU A 1 73 ? 8.273   -1.473  -2.312  1.00 19.79 ? 72  GLU X CB  1 
ATOM   586 C  CG  . GLU A 1 73 ? 9.652   -1.556  -2.989  1.00 21.37 ? 72  GLU X CG  1 
ATOM   587 C  CD  . GLU A 1 73 ? 9.588   -2.012  -4.445  1.00 21.35 ? 72  GLU X CD  1 
ATOM   588 O  OE1 . GLU A 1 73 ? 8.562   -2.587  -4.864  1.00 18.96 ? 72  GLU X OE1 1 
ATOM   589 O  OE2 . GLU A 1 73 ? 10.581  -1.792  -5.182  1.00 23.19 ? 72  GLU X OE2 1 
ATOM   590 N  N   . PHE A 1 74 ? 6.228   -2.165  0.165   1.00 18.37 ? 73  PHE X N   1 
ATOM   591 C  CA  . PHE A 1 74 ? 4.973   -1.925  0.871   1.00 19.12 ? 73  PHE X CA  1 
ATOM   592 C  C   . PHE A 1 74 ? 5.238   -1.459  2.314   1.00 18.30 ? 73  PHE X C   1 
ATOM   593 O  O   . PHE A 1 74 ? 4.544   -0.585  2.831   1.00 18.81 ? 73  PHE X O   1 
ATOM   594 C  CB  . PHE A 1 74 ? 4.099   -3.177  0.845   1.00 17.23 ? 73  PHE X CB  1 
ATOM   595 C  CG  . PHE A 1 74 ? 2.765   -3.003  1.521   1.00 17.16 ? 73  PHE X CG  1 
ATOM   596 C  CD1 . PHE A 1 74 ? 1.790   -2.178  0.968   1.00 16.63 ? 73  PHE X CD1 1 
ATOM   597 C  CD2 . PHE A 1 74 ? 2.481   -3.675  2.712   1.00 16.90 ? 73  PHE X CD2 1 
ATOM   598 C  CE1 . PHE A 1 74 ? 0.552   -2.016  1.596   1.00 17.01 ? 73  PHE X CE1 1 
ATOM   599 C  CE2 . PHE A 1 74 ? 1.244   -3.526  3.344   1.00 17.94 ? 73  PHE X CE2 1 
ATOM   600 C  CZ  . PHE A 1 74 ? 0.279   -2.697  2.784   1.00 14.69 ? 73  PHE X CZ  1 
ATOM   601 N  N   . MET A 1 75 ? 6.249   -2.033  2.956   1.00 18.14 ? 74  MET X N   1 
ATOM   602 C  CA  . MET A 1 75 ? 6.628   -1.589  4.300   1.00 19.62 ? 74  MET X CA  1 
ATOM   603 C  C   . MET A 1 75 ? 6.999   -0.110  4.298   1.00 18.45 ? 74  MET X C   1 
ATOM   604 O  O   . MET A 1 75 ? 6.652   0.635   5.219   1.00 17.89 ? 74  MET X O   1 
ATOM   605 C  CB  . MET A 1 75 ? 7.792   -2.419  4.833   1.00 22.99 ? 74  MET X CB  1 
ATOM   606 C  CG  . MET A 1 75 ? 7.477   -3.891  5.007   1.00 21.77 ? 74  MET X CG  1 
ATOM   607 S  SD  . MET A 1 75 ? 6.347   -4.123  6.383   1.00 27.32 ? 74  MET X SD  1 
ATOM   608 C  CE  . MET A 1 75 ? 4.766   -4.153  5.542   1.00 22.05 ? 74  MET X CE  1 
ATOM   609 N  N   . ALA A 1 76 ? 7.701   0.319   3.257   1.00 17.19 ? 75  ALA X N   1 
ATOM   610 C  CA  . ALA A 1 76 ? 8.043   1.729   3.139   1.00 17.02 ? 75  ALA X CA  1 
ATOM   611 C  C   . ALA A 1 76 ? 6.780   2.558   2.925   1.00 19.30 ? 75  ALA X C   1 
ATOM   612 O  O   . ALA A 1 76 ? 6.668   3.661   3.447   1.00 19.40 ? 75  ALA X O   1 
ATOM   613 C  CB  . ALA A 1 76 ? 9.051   1.956   2.016   1.00 21.15 ? 75  ALA X CB  1 
ATOM   614 N  N   . PHE A 1 77 ? 5.824   2.025   2.167   1.00 17.24 ? 76  PHE X N   1 
ATOM   615 C  CA  . PHE A 1 77 ? 4.541   2.706   1.971   1.00 18.18 ? 76  PHE X CA  1 
ATOM   616 C  C   . PHE A 1 77 ? 3.788   2.861   3.292   1.00 20.37 ? 76  PHE X C   1 
ATOM   617 O  O   . PHE A 1 77 ? 3.268   3.935   3.598   1.00 16.84 ? 76  PHE X O   1 
ATOM   618 C  CB  . PHE A 1 77 ? 3.692   1.957   0.938   1.00 18.71 ? 76  PHE X CB  1 
ATOM   619 C  CG  . PHE A 1 77 ? 2.380   2.632   0.610   1.00 21.87 ? 76  PHE X CG  1 
ATOM   620 C  CD1 . PHE A 1 77 ? 2.327   3.988   0.304   1.00 23.46 ? 76  PHE X CD1 1 
ATOM   621 C  CD2 . PHE A 1 77 ? 1.208   1.895   0.579   1.00 27.04 ? 76  PHE X CD2 1 
ATOM   622 C  CE1 . PHE A 1 77 ? 1.116   4.608   -0.004  1.00 24.40 ? 76  PHE X CE1 1 
ATOM   623 C  CE2 . PHE A 1 77 ? -0.012  2.500   0.262   1.00 26.86 ? 76  PHE X CE2 1 
ATOM   624 C  CZ  . PHE A 1 77 ? -0.055  3.861   -0.030  1.00 26.34 ? 76  PHE X CZ  1 
ATOM   625 N  N   . VAL A 1 78 ? 3.757   1.794   4.087   1.00 17.90 ? 77  VAL X N   1 
ATOM   626 C  CA  . VAL A 1 78 ? 3.130   1.846   5.405   1.00 18.25 ? 77  VAL X CA  1 
ATOM   627 C  C   . VAL A 1 78 ? 3.800   2.896   6.290   1.00 15.02 ? 77  VAL X C   1 
ATOM   628 O  O   . VAL A 1 78 ? 3.119   3.646   6.988   1.00 17.87 ? 77  VAL X O   1 
ATOM   629 C  CB  . VAL A 1 78 ? 3.152   0.473   6.105   1.00 19.70 ? 77  VAL X CB  1 
ATOM   630 C  CG1 . VAL A 1 78 ? 2.634   0.578   7.542   1.00 19.02 ? 77  VAL X CG1 1 
ATOM   631 C  CG2 . VAL A 1 78 ? 2.316   -0.533  5.323   1.00 19.23 ? 77  VAL X CG2 1 
ATOM   632 N  N   . ALA A 1 79 ? 5.127   2.968   6.252   1.00 18.88 ? 78  ALA X N   1 
ATOM   633 C  CA  . ALA A 1 79 ? 5.827   3.986   7.030   1.00 19.12 ? 78  ALA X CA  1 
ATOM   634 C  C   . ALA A 1 79 ? 5.419   5.390   6.569   1.00 19.50 ? 78  ALA X C   1 
ATOM   635 O  O   . ALA A 1 79 ? 5.230   6.293   7.390   1.00 19.55 ? 78  ALA X O   1 
ATOM   636 C  CB  . ALA A 1 79 ? 7.328   3.800   6.938   1.00 18.29 ? 78  ALA X CB  1 
ATOM   637 N  N   . MET A 1 80 ? 5.253   5.571   5.258   1.00 17.17 ? 79  MET X N   1 
ATOM   638 C  CA  . MET A 1 80 ? 4.831   6.870   4.714   1.00 18.37 ? 79  MET X CA  1 
ATOM   639 C  C   . MET A 1 80 ? 3.441   7.276   5.193   1.00 20.07 ? 79  MET X C   1 
ATOM   640 O  O   . MET A 1 80 ? 3.236   8.397   5.668   1.00 20.55 ? 79  MET X O   1 
ATOM   641 C  CB  . MET A 1 80 ? 4.834   6.836   3.186   1.00 22.40 ? 79  MET X CB  1 
ATOM   642 C  CG  . MET A 1 80 ? 6.204   6.890   2.561   1.00 26.85 ? 79  MET X CG  1 
ATOM   643 S  SD  . MET A 1 80 ? 6.065   6.683   0.776   1.00 38.63 ? 79  MET X SD  1 
ATOM   644 C  CE  . MET A 1 80 ? 4.749   7.849   0.430   1.00 33.61 ? 79  MET X CE  1 
ATOM   645 N  N   . ILE A 1 81 ? 2.486   6.359   5.060   1.00 21.03 ? 80  ILE X N   1 
ATOM   646 C  CA  . ILE A 1 81 ? 1.108   6.626   5.472   1.00 19.91 ? 80  ILE X CA  1 
ATOM   647 C  C   . ILE A 1 81 ? 1.020   6.876   6.971   1.00 21.64 ? 80  ILE X C   1 
ATOM   648 O  O   . ILE A 1 81 ? 0.334   7.809   7.423   1.00 20.00 ? 80  ILE X O   1 
ATOM   649 C  CB  . ILE A 1 81 ? 0.180   5.453   5.148   1.00 22.88 ? 80  ILE X CB  1 
ATOM   650 C  CG1 . ILE A 1 81 ? 0.169   5.159   3.656   1.00 23.12 ? 80  ILE X CG1 1 
ATOM   651 C  CG2 . ILE A 1 81 ? -1.237  5.755   5.594   1.00 22.36 ? 80  ILE X CG2 1 
ATOM   652 C  CD1 . ILE A 1 81 ? -0.253  3.744   3.385   1.00 29.89 ? 80  ILE X CD1 1 
ATOM   653 N  N   . THR A 1 82 ? 1.711   6.045   7.744   1.00 20.64 ? 81  THR X N   1 
ATOM   654 C  CA  . THR A 1 82 ? 1.694   6.178   9.196   1.00 19.30 ? 81  THR X CA  1 
ATOM   655 C  C   . THR A 1 82 ? 2.328   7.497   9.627   1.00 21.50 ? 81  THR X C   1 
ATOM   656 O  O   . THR A 1 82 ? 1.825   8.168   10.526  1.00 21.48 ? 81  THR X O   1 
ATOM   657 C  CB  . THR A 1 82 ? 2.416   5.004   9.876   1.00 18.50 ? 81  THR X CB  1 
ATOM   658 O  OG1 . THR A 1 82 ? 1.860   3.775   9.399   1.00 16.81 ? 81  THR X OG1 1 
ATOM   659 C  CG2 . THR A 1 82 ? 2.262   5.069   11.396  1.00 17.85 ? 81  THR X CG2 1 
ATOM   660 N  N   . THR A 1 83 ? 3.432   7.869   8.987   1.00 20.30 ? 82  THR X N   1 
ATOM   661 C  CA  . THR A 1 83 ? 4.076   9.144   9.278   1.00 22.96 ? 82  THR X CA  1 
ATOM   662 C  C   . THR A 1 83 ? 3.163   10.316  8.908   1.00 24.84 ? 82  THR X C   1 
ATOM   663 O  O   . THR A 1 83 ? 3.063   11.307  9.647   1.00 24.41 ? 82  THR X O   1 
ATOM   664 C  CB  . THR A 1 83 ? 5.420   9.253   8.548   1.00 24.42 ? 82  THR X CB  1 
ATOM   665 O  OG1 . THR A 1 83 ? 6.257   8.169   8.962   1.00 21.27 ? 82  THR X OG1 1 
ATOM   666 C  CG2 . THR A 1 83 ? 6.106   10.562  8.884   1.00 25.94 ? 82  THR X CG2 1 
ATOM   667 N  N   . ALA A 1 84 ? 2.478   10.197  7.776   1.00 20.99 ? 83  ALA X N   1 
ATOM   668 C  CA  . ALA A 1 84 ? 1.572   11.252  7.346   1.00 25.03 ? 83  ALA X CA  1 
ATOM   669 C  C   . ALA A 1 84 ? 0.380   11.326  8.295   1.00 26.52 ? 83  ALA X C   1 
ATOM   670 O  O   . ALA A 1 84 ? -0.105  12.414  8.623   1.00 24.00 ? 83  ALA X O   1 
ATOM   671 C  CB  . ALA A 1 84 ? 1.111   11.005  5.926   1.00 25.27 ? 83  ALA X CB  1 
ATOM   672 N  N   . CYS A 1 85 ? -0.092  10.161  8.731   1.00 23.16 ? 84  CYS X N   1 
ATOM   673 C  CA  . CYS A 1 85 ? -1.177  10.091  9.699   1.00 22.19 ? 84  CYS X CA  1 
ATOM   674 C  C   . CYS A 1 85 ? -0.737  10.756  10.995  1.00 25.96 ? 84  CYS X C   1 
ATOM   675 O  O   . CYS A 1 85 ? -1.500  11.488  11.627  1.00 29.33 ? 84  CYS X O   1 
ATOM   676 C  CB  . CYS A 1 85 ? -1.559  8.630   9.958   1.00 23.08 ? 84  CYS X CB  1 
ATOM   677 S  SG  . CYS A 1 85 ? -3.045  8.383   10.966  1.00 25.72 ? 84  CYS X SG  1 
ATOM   678 N  N   . HIS A 1 86 ? 0.507   10.502  11.381  1.00 22.96 ? 85  HIS X N   1 
ATOM   679 C  CA  . HIS A 1 86 ? 1.054   11.036  12.623  1.00 24.20 ? 85  HIS X CA  1 
ATOM   680 C  C   . HIS A 1 86 ? 1.276   12.548  12.559  1.00 27.99 ? 85  HIS X C   1 
ATOM   681 O  O   . HIS A 1 86 ? 1.151   13.242  13.567  1.00 29.51 ? 85  HIS X O   1 
ATOM   682 C  CB  . HIS A 1 86 ? 2.372   10.342  12.928  1.00 25.79 ? 85  HIS X CB  1 
ATOM   683 C  CG  . HIS A 1 86 ? 2.899   10.619  14.296  1.00 28.80 ? 85  HIS X CG  1 
ATOM   684 N  ND1 . HIS A 1 86 ? 4.246   10.722  14.565  1.00 26.49 ? 85  HIS X ND1 1 
ATOM   685 C  CD2 . HIS A 1 86 ? 2.263   10.800  15.479  1.00 24.76 ? 85  HIS X CD2 1 
ATOM   686 C  CE1 . HIS A 1 86 ? 4.419   10.958  15.853  1.00 26.96 ? 85  HIS X CE1 1 
ATOM   687 N  NE2 . HIS A 1 86 ? 3.230   11.014  16.426  1.00 32.30 ? 85  HIS X NE2 1 
ATOM   688 N  N   . GLU A 1 87 ? 1.616   13.052  11.377  1.00 27.00 ? 86  GLU X N   1 
ATOM   689 C  CA  . GLU A 1 87 ? 1.953   14.469  11.220  1.00 28.69 ? 86  GLU X CA  1 
ATOM   690 C  C   . GLU A 1 87 ? 0.741   15.342  10.914  1.00 31.96 ? 86  GLU X C   1 
ATOM   691 O  O   . GLU A 1 87 ? 0.821   16.575  10.964  1.00 33.27 ? 86  GLU X O   1 
ATOM   692 C  CB  . GLU A 1 87 ? 3.027   14.648  10.144  1.00 28.06 ? 86  GLU X CB  1 
ATOM   693 C  CG  . GLU A 1 87 ? 4.416   14.203  10.592  1.00 34.74 ? 86  GLU X CG  1 
ATOM   694 C  CD  . GLU A 1 87 ? 5.434   14.272  9.475   1.00 43.19 ? 86  GLU X CD  1 
ATOM   695 O  OE1 . GLU A 1 87 ? 6.649   14.222  9.775   1.00 46.58 ? 86  GLU X OE1 1 
ATOM   696 O  OE2 . GLU A 1 87 ? 5.019   14.374  8.298   1.00 41.81 ? 86  GLU X OE2 1 
ATOM   697 N  N   . PHE A 1 88 ? -0.384  14.704  10.618  1.00 23.68 ? 87  PHE X N   1 
ATOM   698 C  CA  . PHE A 1 88 ? -1.578  15.429  10.197  1.00 30.83 ? 87  PHE X CA  1 
ATOM   699 C  C   . PHE A 1 88 ? -2.099  16.402  11.254  1.00 32.25 ? 87  PHE X C   1 
ATOM   700 O  O   . PHE A 1 88 ? -2.610  17.474  10.923  1.00 32.54 ? 87  PHE X O   1 
ATOM   701 C  CB  . PHE A 1 88 ? -2.695  14.457  9.820   1.00 28.01 ? 87  PHE X CB  1 
ATOM   702 C  CG  . PHE A 1 88 ? -3.897  15.127  9.220   1.00 33.13 ? 87  PHE X CG  1 
ATOM   703 C  CD1 . PHE A 1 88 ? -3.951  15.376  7.858   1.00 32.25 ? 87  PHE X CD1 1 
ATOM   704 C  CD2 . PHE A 1 88 ? -4.970  15.520  10.019  1.00 32.80 ? 87  PHE X CD2 1 
ATOM   705 C  CE1 . PHE A 1 88 ? -5.053  16.004  7.294   1.00 34.64 ? 87  PHE X CE1 1 
ATOM   706 C  CE2 . PHE A 1 88 ? -6.081  16.150  9.462   1.00 36.80 ? 87  PHE X CE2 1 
ATOM   707 C  CZ  . PHE A 1 88 ? -6.119  16.392  8.096   1.00 34.26 ? 87  PHE X CZ  1 
ATOM   708 N  N   . PHE A 1 89 ? -1.968  16.021  12.520  1.00 30.68 ? 88  PHE X N   1 
ATOM   709 C  CA  . PHE A 1 89 ? -2.557  16.790  13.609  1.00 34.69 ? 88  PHE X CA  1 
ATOM   710 C  C   . PHE A 1 89 ? -1.575  17.750  14.268  1.00 41.91 ? 88  PHE X C   1 
ATOM   711 O  O   . PHE A 1 89 ? -1.862  18.291  15.338  1.00 44.61 ? 88  PHE X O   1 
ATOM   712 C  CB  . PHE A 1 89 ? -3.154  15.848  14.655  1.00 33.67 ? 88  PHE X CB  1 
ATOM   713 C  CG  . PHE A 1 89 ? -4.484  15.270  14.268  1.00 30.49 ? 88  PHE X CG  1 
ATOM   714 C  CD1 . PHE A 1 89 ? -5.445  16.056  13.656  1.00 33.47 ? 88  PHE X CD1 1 
ATOM   715 C  CD2 . PHE A 1 89 ? -4.776  13.935  14.517  1.00 32.32 ? 88  PHE X CD2 1 
ATOM   716 C  CE1 . PHE A 1 89 ? -6.677  15.527  13.299  1.00 32.12 ? 88  PHE X CE1 1 
ATOM   717 C  CE2 . PHE A 1 89 ? -6.003  13.398  14.169  1.00 33.72 ? 88  PHE X CE2 1 
ATOM   718 C  CZ  . PHE A 1 89 ? -6.958  14.197  13.560  1.00 34.98 ? 88  PHE X CZ  1 
ATOM   719 N  N   . GLU A 1 90 ? -0.421  17.959  13.633  1.00 41.13 ? 89  GLU X N   1 
ATOM   720 C  CA  . GLU A 1 90 ? 0.578   18.900  14.139  1.00 43.54 ? 89  GLU X CA  1 
ATOM   721 C  C   . GLU A 1 90 ? 0.506   20.230  13.388  1.00 46.38 ? 89  GLU X C   1 
ATOM   722 O  O   . GLU A 1 90 ? 0.914   21.272  13.905  1.00 55.57 ? 89  GLU X O   1 
ATOM   723 C  CB  . GLU A 1 90 ? 1.994   18.310  14.036  1.00 43.24 ? 89  GLU X CB  1 
ATOM   724 C  CG  . GLU A 1 90 ? 2.156   16.898  14.611  1.00 40.13 ? 89  GLU X CG  1 
ATOM   725 C  CD  . GLU A 1 90 ? 2.117   16.860  16.132  1.00 47.48 ? 89  GLU X CD  1 
ATOM   726 O  OE1 . GLU A 1 90 ? 3.138   17.212  16.760  1.00 52.40 ? 89  GLU X OE1 1 
ATOM   727 O  OE2 . GLU A 1 90 ? 1.071   16.475  16.703  1.00 48.09 ? 89  GLU X OE2 1 
HETATM 728 CA CA  . CA  B 2 .  ? -0.022  -9.474  -7.713  1.00 19.80 ? 101 CA  X CA  1 
HETATM 729 CA CA  . CA  C 2 .  ? 9.352   -2.916  -7.108  1.00 21.10 ? 102 CA  X CA  1 
HETATM 730 C  C10 . 5RL D 3 .  ? -2.180  10.206  18.620  1.00 23.57 ? 103 5RL X C10 1 
HETATM 731 C  C11 . 5RL D 3 .  ? -3.462  9.543   16.738  1.00 25.59 ? 103 5RL X C11 1 
HETATM 732 C  C12 . 5RL D 3 .  ? -2.479  10.351  17.232  1.00 23.19 ? 103 5RL X C12 1 
HETATM 733 C  C13 . 5RL D 3 .  ? -6.194  7.322   19.461  1.00 27.42 ? 103 5RL X C13 1 
HETATM 734 C  C14 . 5RL D 3 .  ? -1.588  9.904   21.387  1.00 27.04 ? 103 5RL X C14 1 
HETATM 735 C  C15 . 5RL D 3 .  ? -1.183  10.979  19.202  1.00 30.00 ? 103 5RL X C15 1 
HETATM 736 C  C16 . 5RL D 3 .  ? -3.866  9.569   15.392  1.00 27.90 ? 103 5RL X C16 1 
HETATM 737 C  C19 . 5RL D 3 .  ? -2.271  11.261  14.969  1.00 23.66 ? 103 5RL X C19 1 
HETATM 738 C  C20 . 5RL D 3 .  ? -3.265  10.437  14.503  1.00 24.62 ? 103 5RL X C20 1 
HETATM 739 O  O01 . 5RL D 3 .  ? -0.866  12.156  16.568  1.00 29.08 ? 103 5RL X O01 1 
HETATM 740 O  O02 . 5RL D 3 .  ? -1.652  12.159  14.113  1.00 26.05 ? 103 5RL X O02 1 
HETATM 741 N  N03 . 5RL D 3 .  ? -4.923  7.920   19.824  1.00 31.23 ? 103 5RL X N03 1 
HETATM 742 C  C04 . 5RL D 3 .  ? -3.932  8.448   18.910  1.00 29.94 ? 103 5RL X C04 1 
HETATM 743 C  C05 . 5RL D 3 .  ? -2.856  9.296   19.463  1.00 24.47 ? 103 5RL X C05 1 
HETATM 744 C  C06 . 5RL D 3 .  ? -4.246  8.554   17.457  1.00 27.38 ? 103 5RL X C06 1 
HETATM 745 C  C07 . 5RL D 3 .  ? -2.578  9.156   20.760  1.00 24.75 ? 103 5RL X C07 1 
HETATM 746 C  C08 . 5RL D 3 .  ? -4.682  7.946   21.283  1.00 31.59 ? 103 5RL X C08 1 
HETATM 747 C  C09 . 5RL D 3 .  ? -3.228  8.234   21.748  1.00 29.24 ? 103 5RL X C09 1 
HETATM 748 C  C17 . 5RL D 3 .  ? -1.869  11.244  16.297  1.00 24.07 ? 103 5RL X C17 1 
HETATM 749 C  C18 . 5RL D 3 .  ? -0.891  10.833  20.575  1.00 26.86 ? 103 5RL X C18 1 
HETATM 750 CA CA  . CA  E 2 .  ? -7.039  -16.136 -5.955  0.50 34.65 ? 104 CA  X CA  1 
HETATM 751 O  O   . HOH F 4 .  ? 6.634   13.837  6.949   1.00 44.17 ? 201 HOH X O   1 
HETATM 752 O  O   . HOH F 4 .  ? 14.641  -3.455  -10.925 1.00 39.59 ? 202 HOH X O   1 
HETATM 753 O  O   . HOH F 4 .  ? -16.177 9.734   -8.361  1.00 41.90 ? 203 HOH X O   1 
HETATM 754 O  O   . HOH F 4 .  ? -9.747  1.024   -11.599 1.00 37.34 ? 204 HOH X O   1 
HETATM 755 O  O   . HOH F 4 .  ? -1.017  -10.182 -14.278 1.00 42.73 ? 205 HOH X O   1 
HETATM 756 O  O   . HOH F 4 .  ? 8.702   12.998  9.928   1.00 37.05 ? 206 HOH X O   1 
HETATM 757 O  O   . HOH F 4 .  ? 4.420   12.891  6.508   1.00 35.59 ? 207 HOH X O   1 
HETATM 758 O  O   . HOH F 4 .  ? -0.173  14.255  15.593  1.00 33.96 ? 208 HOH X O   1 
HETATM 759 O  O   . HOH F 4 .  ? -5.024  -9.775  10.418  1.00 29.37 ? 209 HOH X O   1 
HETATM 760 O  O   . HOH F 4 .  ? 9.057   11.047  -13.188 1.00 45.22 ? 210 HOH X O   1 
HETATM 761 O  O   . HOH F 4 .  ? -4.261  -5.598  -13.413 1.00 39.20 ? 211 HOH X O   1 
HETATM 762 O  O   . HOH F 4 .  ? -11.077 11.944  -15.510 1.00 36.78 ? 212 HOH X O   1 
HETATM 763 O  O   . HOH F 4 .  ? 8.452   2.200   -11.430 1.00 35.82 ? 213 HOH X O   1 
HETATM 764 O  O   . HOH F 4 .  ? -5.958  3.173   -13.570 1.00 35.78 ? 214 HOH X O   1 
HETATM 765 O  O   . HOH F 4 .  ? -10.915 1.393   -7.105  1.00 23.44 ? 215 HOH X O   1 
HETATM 766 O  O   . HOH F 4 .  ? -1.513  18.771  17.843  1.00 41.30 ? 216 HOH X O   1 
HETATM 767 O  O   . HOH F 4 .  ? -10.996 2.246   4.388   1.00 21.95 ? 217 HOH X O   1 
HETATM 768 O  O   . HOH F 4 .  ? -11.898 -2.537  4.645   1.00 25.44 ? 218 HOH X O   1 
HETATM 769 O  O   . HOH F 4 .  ? 4.730   -7.055  -13.675 1.00 34.97 ? 219 HOH X O   1 
HETATM 770 O  O   . HOH F 4 .  ? 9.561   -5.210  -6.529  1.00 22.21 ? 220 HOH X O   1 
HETATM 771 O  O   . HOH F 4 .  ? -0.082  -13.840 -1.831  1.00 27.88 ? 221 HOH X O   1 
HETATM 772 O  O   . HOH F 4 .  ? -10.572 12.514  -11.210 1.00 31.45 ? 222 HOH X O   1 
HETATM 773 O  O   . HOH F 4 .  ? 3.873   -0.492  -13.097 1.00 30.44 ? 223 HOH X O   1 
HETATM 774 O  O   . HOH F 4 .  ? -11.121 4.800   -10.868 1.00 26.13 ? 224 HOH X O   1 
HETATM 775 O  O   . HOH F 4 .  ? 10.958  1.551   -0.857  1.00 30.11 ? 225 HOH X O   1 
HETATM 776 O  O   . HOH F 4 .  ? 1.112   -8.477  -9.596  1.00 20.00 ? 226 HOH X O   1 
HETATM 777 O  O   . HOH F 4 .  ? 6.683   -9.070  -11.907 1.00 33.84 ? 227 HOH X O   1 
HETATM 778 O  O   . HOH F 4 .  ? -9.402  -7.625  1.619   1.00 25.65 ? 228 HOH X O   1 
HETATM 779 O  O   . HOH F 4 .  ? -7.472  4.796   -12.196 1.00 29.98 ? 229 HOH X O   1 
HETATM 780 O  O   . HOH F 4 .  ? 10.412  4.239   -9.331  1.00 28.68 ? 230 HOH X O   1 
HETATM 781 O  O   . HOH F 4 .  ? -4.256  -8.891  12.886  1.00 26.80 ? 231 HOH X O   1 
HETATM 782 O  O   . HOH F 4 .  ? 11.412  -10.237 -7.767  1.00 37.05 ? 232 HOH X O   1 
HETATM 783 O  O   . HOH F 4 .  ? -5.961  -6.313  -9.802  1.00 25.13 ? 233 HOH X O   1 
HETATM 784 O  O   . HOH F 4 .  ? -8.444  -10.330 -2.567  1.00 28.23 ? 234 HOH X O   1 
HETATM 785 O  O   . HOH F 4 .  ? 13.234  -5.419  -4.092  1.00 33.02 ? 235 HOH X O   1 
HETATM 786 O  O   . HOH F 4 .  ? 4.081   4.050   -12.507 1.00 18.89 ? 236 HOH X O   1 
HETATM 787 O  O   . HOH F 4 .  ? -4.809  9.589   -2.696  1.00 39.91 ? 237 HOH X O   1 
HETATM 788 O  O   . HOH F 4 .  ? -11.050 11.315  -5.425  1.00 35.56 ? 238 HOH X O   1 
HETATM 789 O  O   . HOH F 4 .  ? -10.836 -5.961  2.942   1.00 27.29 ? 239 HOH X O   1 
HETATM 790 O  O   . HOH F 4 .  ? 2.529   -9.542  -11.726 1.00 26.60 ? 240 HOH X O   1 
HETATM 791 O  O   . HOH F 4 .  ? -7.320  -6.245  5.309   1.00 23.96 ? 241 HOH X O   1 
HETATM 792 O  O   . HOH F 4 .  ? -11.649 9.796   -13.340 1.00 33.53 ? 242 HOH X O   1 
HETATM 793 O  O   . HOH F 4 .  ? -11.709 5.052   -8.159  1.00 22.45 ? 243 HOH X O   1 
HETATM 794 O  O   . HOH F 4 .  ? 3.012   -15.814 -7.669  1.00 31.58 ? 244 HOH X O   1 
HETATM 795 O  O   . HOH F 4 .  ? -11.222 8.487   0.378   1.00 32.67 ? 245 HOH X O   1 
HETATM 796 O  O   . HOH F 4 .  ? 1.619   10.764  -13.190 1.00 30.84 ? 246 HOH X O   1 
HETATM 797 O  O   . HOH F 4 .  ? 8.167   -12.301 -6.101  1.00 32.51 ? 247 HOH X O   1 
HETATM 798 O  O   . HOH F 4 .  ? -4.615  -15.975 -5.032  1.00 25.78 ? 248 HOH X O   1 
HETATM 799 O  O   . HOH F 4 .  ? 4.439   8.267   -13.642 1.00 30.04 ? 249 HOH X O   1 
HETATM 800 O  O   . HOH F 4 .  ? -7.829  -4.894  18.653  1.00 45.84 ? 250 HOH X O   1 
HETATM 801 O  O   . HOH F 4 .  ? -4.153  14.430  -10.646 1.00 32.38 ? 251 HOH X O   1 
HETATM 802 O  O   . HOH F 4 .  ? 4.818   10.597  5.072   1.00 27.45 ? 252 HOH X O   1 
HETATM 803 O  O   . HOH F 4 .  ? 8.756   8.848   9.969   1.00 27.20 ? 253 HOH X O   1 
HETATM 804 O  O   . HOH F 4 .  ? -7.551  -3.371  5.681   1.00 20.32 ? 254 HOH X O   1 
HETATM 805 O  O   . HOH F 4 .  ? -7.701  7.722   -15.635 1.00 31.91 ? 255 HOH X O   1 
HETATM 806 O  O   . HOH F 4 .  ? -4.033  -12.262 3.362   1.00 27.40 ? 256 HOH X O   1 
HETATM 807 O  O   . HOH F 4 .  ? 7.458   -9.468  -1.914  1.00 22.12 ? 257 HOH X O   1 
HETATM 808 O  O   . HOH F 4 .  ? 0.456   14.751  7.158   1.00 31.29 ? 258 HOH X O   1 
HETATM 809 O  O   . HOH F 4 .  ? -8.792  5.996   -0.561  1.00 22.44 ? 259 HOH X O   1 
HETATM 810 O  O   . HOH F 4 .  ? 8.282   1.995   -1.239  1.00 22.05 ? 260 HOH X O   1 
HETATM 811 O  O   . HOH F 4 .  ? 8.935   5.271   4.005   1.00 22.77 ? 261 HOH X O   1 
HETATM 812 O  O   . HOH F 4 .  ? -2.939  16.045  -16.210 1.00 27.38 ? 262 HOH X O   1 
HETATM 813 O  O   . HOH F 4 .  ? -5.134  10.375  -15.369 1.00 26.10 ? 263 HOH X O   1 
HETATM 814 O  O   . HOH F 4 .  ? -4.141  -3.557  16.438  1.00 31.02 ? 264 HOH X O   1 
HETATM 815 O  O   . HOH F 4 .  ? -2.864  -13.305 -13.274 1.00 35.49 ? 265 HOH X O   1 
HETATM 816 O  O   . HOH F 4 .  ? -2.587  16.602  -13.233 1.00 36.72 ? 266 HOH X O   1 
HETATM 817 O  O   . HOH F 4 .  ? -5.508  -6.819  7.330   1.00 22.76 ? 267 HOH X O   1 
HETATM 818 O  O   . HOH F 4 .  ? -10.798 12.123  6.330   0.5  23.38 ? 268 HOH X O   1 
HETATM 819 O  O   . HOH F 4 .  ? -9.730  -8.395  -1.249  1.00 27.96 ? 269 HOH X O   1 
HETATM 820 O  O   . HOH F 4 .  ? 1.902   -2.827  -12.443 1.00 29.08 ? 270 HOH X O   1 
HETATM 821 O  O   . HOH F 4 .  ? -5.276  -12.684 -2.792  1.00 22.56 ? 271 HOH X O   1 
HETATM 822 O  O   . HOH F 4 .  ? -5.489  -15.274 -7.779  1.00 34.24 ? 272 HOH X O   1 
HETATM 823 O  O   . HOH F 4 .  ? -11.432 5.583   -1.303  1.00 23.18 ? 273 HOH X O   1 
HETATM 824 O  O   . HOH F 4 .  ? -7.388  10.682  -8.561  1.00 24.51 ? 274 HOH X O   1 
HETATM 825 O  O   . HOH F 4 .  ? 10.957  -1.212  3.998   1.00 33.09 ? 275 HOH X O   1 
HETATM 826 O  O   . HOH F 4 .  ? -3.028  -14.203 -1.339  1.00 33.03 ? 276 HOH X O   1 
HETATM 827 O  O   . HOH F 4 .  ? -8.197  -6.006  -8.480  1.00 29.92 ? 277 HOH X O   1 
HETATM 828 O  O   . HOH F 4 .  ? 17.322  -4.045  1.786   1.00 50.06 ? 278 HOH X O   1 
HETATM 829 O  O   . HOH F 4 .  ? 12.771  -2.897  -3.536  1.00 34.46 ? 279 HOH X O   1 
HETATM 830 O  O   . HOH F 4 .  ? -9.248  5.983   -13.880 1.00 31.38 ? 280 HOH X O   1 
HETATM 831 O  O   . HOH F 4 .  ? 6.068   11.975  12.603  1.00 33.22 ? 281 HOH X O   1 
HETATM 832 O  O   . HOH F 4 .  ? 11.126  -8.501  -4.883  1.00 37.62 ? 282 HOH X O   1 
HETATM 833 O  O   . HOH F 4 .  ? -6.558  -12.609 4.967   1.00 31.91 ? 283 HOH X O   1 
HETATM 834 O  O   . HOH F 4 .  ? -6.605  10.853  -5.861  1.00 31.83 ? 284 HOH X O   1 
HETATM 835 O  O   . HOH F 4 .  ? 10.908  5.124   -6.217  1.00 39.52 ? 285 HOH X O   1 
HETATM 836 O  O   . HOH F 4 .  ? 3.847   14.306  17.040  1.00 40.68 ? 286 HOH X O   1 
HETATM 837 O  O   . HOH F 4 .  ? -2.212  -4.884  23.791  1.00 27.84 ? 287 HOH X O   1 
HETATM 838 O  O   . HOH F 4 .  ? -14.797 -0.477  -0.997  1.00 31.97 ? 288 HOH X O   1 
HETATM 839 O  O   . HOH F 4 .  ? -2.276  -3.110  -13.301 1.00 23.11 ? 289 HOH X O   1 
HETATM 840 O  O   . HOH F 4 .  ? -12.338 10.024  -1.613  1.00 39.93 ? 290 HOH X O   1 
HETATM 841 O  O   . HOH F 4 .  ? 15.724  1.914   -9.463  1.00 44.07 ? 291 HOH X O   1 
HETATM 842 O  O   . HOH F 4 .  ? -8.101  -9.716  7.425   1.00 32.45 ? 292 HOH X O   1 
HETATM 843 O  O   . HOH F 4 .  ? -2.036  -14.936 -9.208  1.00 32.07 ? 293 HOH X O   1 
HETATM 844 O  O   . HOH F 4 .  ? -6.701  -13.214 7.601   1.00 36.14 ? 294 HOH X O   1 
HETATM 845 O  O   . HOH F 4 .  ? 2.692   -0.334  -15.967 1.00 35.93 ? 295 HOH X O   1 
HETATM 846 O  O   . HOH F 4 .  ? -0.337  14.153  -13.621 1.00 38.13 ? 296 HOH X O   1 
HETATM 847 O  O   . HOH F 4 .  ? 9.321   7.019   -14.877 1.00 32.94 ? 297 HOH X O   1 
HETATM 848 O  O   . HOH F 4 .  ? -1.810  -20.241 -4.306  1.00 36.69 ? 298 HOH X O   1 
HETATM 849 O  O   . HOH F 4 .  ? -12.861 0.175   5.066   1.00 27.43 ? 299 HOH X O   1 
HETATM 850 O  O   . HOH F 4 .  ? 10.269  0.707   5.569   1.00 33.47 ? 300 HOH X O   1 
HETATM 851 O  O   . HOH F 4 .  ? 8.230   7.361   5.972   1.00 28.00 ? 301 HOH X O   1 
HETATM 852 O  O   . HOH F 4 .  ? 10.406  -7.999  -0.827  1.00 30.26 ? 302 HOH X O   1 
HETATM 853 O  O   . HOH F 4 .  ? -4.557  13.636  -2.679  1.00 50.41 ? 303 HOH X O   1 
HETATM 854 O  O   . HOH F 4 .  ? 9.426   6.727   7.854   1.00 32.99 ? 304 HOH X O   1 
HETATM 855 O  O   . HOH F 4 .  ? 6.156   -14.101 -11.040 1.00 36.10 ? 305 HOH X O   1 
HETATM 856 O  O   . HOH F 4 .  ? -4.397  -13.666 1.439   1.00 36.47 ? 306 HOH X O   1 
HETATM 857 O  O   . HOH F 4 .  ? 10.652  -8.090  2.306   1.00 27.49 ? 307 HOH X O   1 
HETATM 858 O  O   . HOH F 4 .  ? 13.129  4.727   -8.505  1.00 45.76 ? 308 HOH X O   1 
HETATM 859 O  O   . HOH F 4 .  ? 0.646   -15.868 -12.884 1.00 32.68 ? 309 HOH X O   1 
HETATM 860 O  O   . HOH F 4 .  ? -13.637 6.436   -0.652  1.00 34.12 ? 310 HOH X O   1 
HETATM 861 O  O   . HOH F 4 .  ? -3.556  -16.370 -2.855  1.00 29.52 ? 311 HOH X O   1 
HETATM 862 O  O   . HOH F 4 .  ? 2.293   10.062  -4.643  1.00 40.38 ? 312 HOH X O   1 
HETATM 863 O  O   . HOH F 4 .  ? 7.400   12.328  16.166  1.00 31.63 ? 313 HOH X O   1 
HETATM 864 O  O   . HOH F 4 .  ? -6.553  -8.166  9.362   1.00 31.38 ? 314 HOH X O   1 
HETATM 865 O  O   . HOH F 4 .  ? 12.382  -0.423  -0.391  1.00 39.62 ? 315 HOH X O   1 
HETATM 866 O  O   . HOH F 4 .  ? -13.075 11.787  -11.823 1.00 31.28 ? 316 HOH X O   1 
HETATM 867 O  O   . HOH F 4 .  ? -10.029 -6.247  5.645   1.00 32.07 ? 317 HOH X O   1 
HETATM 868 O  O   . HOH F 4 .  ? -0.372  12.941  -9.753  1.00 38.11 ? 318 HOH X O   1 
HETATM 869 O  O   . HOH F 4 .  ? 2.765   8.705   -3.044  1.00 37.18 ? 319 HOH X O   1 
HETATM 870 O  O   . HOH F 4 .  ? 9.210   -10.141 -4.108  1.00 31.42 ? 320 HOH X O   1 
HETATM 871 O  O   . HOH F 4 .  ? 1.361   13.351  -12.084 1.00 41.54 ? 321 HOH X O   1 
HETATM 872 O  O   . HOH F 4 .  ? 7.616   9.727   5.239   1.00 33.20 ? 322 HOH X O   1 
HETATM 873 O  O   . HOH F 4 .  ? -6.962  1.931   -19.046 1.00 41.32 ? 323 HOH X O   1 
HETATM 874 O  O   . HOH F 4 .  ? -10.837 12.961  -7.070  1.00 35.98 ? 324 HOH X O   1 
HETATM 875 O  O   . HOH F 4 .  ? -3.100  -15.291 0.807   1.00 39.25 ? 325 HOH X O   1 
HETATM 876 O  O   . HOH F 4 .  ? -7.962  -4.891  15.948  0.5  55.14 ? 326 HOH X O   1 
HETATM 877 O  O   . HOH F 4 .  ? 10.908  3.570   5.039   1.00 30.53 ? 327 HOH X O   1 
HETATM 878 O  O   . HOH F 4 .  ? -6.152  -4.254  15.035  0.5  39.37 ? 328 HOH X O   1 
HETATM 879 O  O   . HOH F 4 .  ? -2.387  -16.302 -12.264 1.00 41.36 ? 329 HOH X O   1 
HETATM 880 O  O   . HOH F 4 .  ? -10.719 -8.430  7.031   1.00 39.76 ? 330 HOH X O   1 
HETATM 881 O  O   . HOH F 4 .  ? -4.720  8.813   9.657   1.00 34.67 ? 331 HOH X O   1 
HETATM 882 O  O   . HOH F 4 .  ? 1.180   9.220   1.394   1.00 42.52 ? 332 HOH X O   1 
HETATM 883 O  O   . HOH F 4 .  ? 9.065   11.645  6.428   1.00 39.15 ? 333 HOH X O   1 
HETATM 884 O  O   . HOH F 4 .  ? -8.939  -15.908 -9.557  0.5  39.44 ? 334 HOH X O   1 
HETATM 885 O  O   . HOH F 4 .  ? 12.810  2.627   3.081   1.00 31.65 ? 335 HOH X O   1 
HETATM 886 O  O   . HOH F 4 .  ? -1.336  10.154  -3.288  1.00 49.93 ? 336 HOH X O   1 
HETATM 887 O  O   . HOH F 4 .  ? -1.255  8.186   -1.912  1.00 46.59 ? 337 HOH X O   1 
HETATM 888 O  O   . HOH F 4 .  ? 1.447   10.844  -1.607  1.00 46.03 ? 338 HOH X O   1 
# 
loop_
_pdbx_poly_seq_scheme.asym_id 
_pdbx_poly_seq_scheme.entity_id 
_pdbx_poly_seq_scheme.seq_id 
_pdbx_poly_seq_scheme.mon_id 
_pdbx_poly_seq_scheme.ndb_seq_num 
_pdbx_poly_seq_scheme.pdb_seq_num 
_pdbx_poly_seq_scheme.auth_seq_num 
_pdbx_poly_seq_scheme.pdb_mon_id 
_pdbx_poly_seq_scheme.auth_mon_id 
_pdbx_poly_seq_scheme.pdb_strand_id 
_pdbx_poly_seq_scheme.pdb_ins_code 
_pdbx_poly_seq_scheme.hetero 
A 1 1  MET 1  0  0  MET MET X . n 
A 1 2  SER 2  1  1  SER SER X . n 
A 1 3  GLU 3  2  2  GLU GLU X . n 
A 1 4  LEU 4  3  3  LEU LEU X . n 
A 1 5  GLU 5  4  4  GLU GLU X . n 
A 1 6  LYS 6  5  5  LYS LYS X . n 
A 1 7  ALA 7  6  6  ALA ALA X . n 
A 1 8  VAL 8  7  7  VAL VAL X . n 
A 1 9  VAL 9  8  8  VAL VAL X . n 
A 1 10 ALA 10 9  9  ALA ALA X . n 
A 1 11 LEU 11 10 10 LEU LEU X . n 
A 1 12 ILE 12 11 11 ILE ILE X . n 
A 1 13 ASP 13 12 12 ASP ASP X . n 
A 1 14 VAL 14 13 13 VAL VAL X . n 
A 1 15 PHE 15 14 14 PHE PHE X . n 
A 1 16 HIS 16 15 15 HIS HIS X . n 
A 1 17 GLN 17 16 16 GLN GLN X . n 
A 1 18 TYR 18 17 17 TYR TYR X . n 
A 1 19 SER 19 18 18 SER SER X . n 
A 1 20 GLY 20 19 19 GLY GLY X . n 
A 1 21 ARG 21 20 20 ARG ARG X . n 
A 1 22 GLU 22 21 21 GLU GLU X . n 
A 1 23 GLY 23 22 22 GLY GLY X . n 
A 1 24 ASP 24 23 23 ASP ASP X . n 
A 1 25 LYS 25 24 24 LYS LYS X . n 
A 1 26 HIS 26 25 25 HIS HIS X . n 
A 1 27 LYS 27 26 26 LYS LYS X . n 
A 1 28 LEU 28 27 27 LEU LEU X . n 
A 1 29 LYS 29 28 28 LYS LYS X . n 
A 1 30 LYS 30 29 29 LYS LYS X . n 
A 1 31 SER 31 30 30 SER SER X . n 
A 1 32 GLU 32 31 31 GLU GLU X . n 
A 1 33 LEU 33 32 32 LEU LEU X . n 
A 1 34 LYS 34 33 33 LYS LYS X . n 
A 1 35 GLU 35 34 34 GLU GLU X . n 
A 1 36 LEU 36 35 35 LEU LEU X . n 
A 1 37 ILE 37 36 36 ILE ILE X . n 
A 1 38 ASN 38 37 37 ASN ASN X . n 
A 1 39 ASN 39 38 38 ASN ASN X . n 
A 1 40 GLU 40 39 39 GLU GLU X . n 
A 1 41 LEU 41 40 40 LEU LEU X . n 
A 1 42 SER 42 41 41 SER SER X . n 
A 1 43 HIS 43 42 42 HIS HIS X . n 
A 1 44 PHE 44 43 43 PHE PHE X . n 
A 1 45 LEU 45 44 44 LEU LEU X . n 
A 1 46 GLU 46 45 45 GLU GLU X . n 
A 1 47 GLU 47 46 46 GLU GLU X . n 
A 1 48 ILE 48 47 47 ILE ILE X . n 
A 1 49 LYS 49 48 48 LYS LYS X . n 
A 1 50 GLU 50 49 49 GLU GLU X . n 
A 1 51 GLN 51 50 50 GLN GLN X . n 
A 1 52 GLU 52 51 51 GLU GLU X . n 
A 1 53 VAL 53 52 52 VAL VAL X . n 
A 1 54 VAL 54 53 53 VAL VAL X . n 
A 1 55 ASP 55 54 54 ASP ASP X . n 
A 1 56 LYS 56 55 55 LYS LYS X . n 
A 1 57 VAL 57 56 56 VAL VAL X . n 
A 1 58 MET 58 57 57 MET MET X . n 
A 1 59 GLU 59 58 58 GLU GLU X . n 
A 1 60 THR 60 59 59 THR THR X . n 
A 1 61 LEU 61 60 60 LEU LEU X . n 
A 1 62 ASP 62 61 61 ASP ASP X . n 
A 1 63 SER 63 62 62 SER SER X . n 
A 1 64 ASP 64 63 63 ASP ASP X . n 
A 1 65 GLY 65 64 64 GLY GLY X . n 
A 1 66 ASP 66 65 65 ASP ASP X . n 
A 1 67 GLY 67 66 66 GLY GLY X . n 
A 1 68 GLU 68 67 67 GLU GLU X . n 
A 1 69 CYS 69 68 68 CYS CYS X . n 
A 1 70 ASP 70 69 69 ASP ASP X . n 
A 1 71 PHE 71 70 70 PHE PHE X . n 
A 1 72 GLN 72 71 71 GLN GLN X . n 
A 1 73 GLU 73 72 72 GLU GLU X . n 
A 1 74 PHE 74 73 73 PHE PHE X . n 
A 1 75 MET 75 74 74 MET MET X . n 
A 1 76 ALA 76 75 75 ALA ALA X . n 
A 1 77 PHE 77 76 76 PHE PHE X . n 
A 1 78 VAL 78 77 77 VAL VAL X . n 
A 1 79 ALA 79 78 78 ALA ALA X . n 
A 1 80 MET 80 79 79 MET MET X . n 
A 1 81 ILE 81 80 80 ILE ILE X . n 
A 1 82 THR 82 81 81 THR THR X . n 
A 1 83 THR 83 82 82 THR THR X . n 
A 1 84 ALA 84 83 83 ALA ALA X . n 
A 1 85 CYS 85 84 84 CYS CYS X . n 
A 1 86 HIS 86 85 85 HIS HIS X . n 
A 1 87 GLU 87 86 86 GLU GLU X . n 
A 1 88 PHE 88 87 87 PHE PHE X . n 
A 1 89 PHE 89 88 88 PHE PHE X . n 
A 1 90 GLU 90 89 89 GLU GLU X . n 
A 1 91 HIS 91 90 ?  ?   ?   X . n 
A 1 92 GLU 92 91 ?  ?   ?   X . n 
# 
loop_
_pdbx_nonpoly_scheme.asym_id 
_pdbx_nonpoly_scheme.entity_id 
_pdbx_nonpoly_scheme.mon_id 
_pdbx_nonpoly_scheme.ndb_seq_num 
_pdbx_nonpoly_scheme.pdb_seq_num 
_pdbx_nonpoly_scheme.auth_seq_num 
_pdbx_nonpoly_scheme.pdb_mon_id 
_pdbx_nonpoly_scheme.auth_mon_id 
_pdbx_nonpoly_scheme.pdb_strand_id 
_pdbx_nonpoly_scheme.pdb_ins_code 
B 2 CA  1   101 1   CA  CA  X . 
C 2 CA  1   102 1   CA  CA  X . 
D 3 5RL 1   103 1   5RL INH X . 
E 2 CA  1   104 1   CA  CA  X . 
F 4 HOH 1   201 106 HOH HOH X . 
F 4 HOH 2   202 136 HOH HOH X . 
F 4 HOH 3   203 114 HOH HOH X . 
F 4 HOH 4   204 80  HOH HOH X . 
F 4 HOH 5   205 122 HOH HOH X . 
F 4 HOH 6   206 75  HOH HOH X . 
F 4 HOH 7   207 86  HOH HOH X . 
F 4 HOH 8   208 77  HOH HOH X . 
F 4 HOH 9   209 81  HOH HOH X . 
F 4 HOH 10  210 128 HOH HOH X . 
F 4 HOH 11  211 92  HOH HOH X . 
F 4 HOH 12  212 83  HOH HOH X . 
F 4 HOH 13  213 126 HOH HOH X . 
F 4 HOH 14  214 85  HOH HOH X . 
F 4 HOH 15  215 26  HOH HOH X . 
F 4 HOH 16  216 112 HOH HOH X . 
F 4 HOH 17  217 5   HOH HOH X . 
F 4 HOH 18  218 13  HOH HOH X . 
F 4 HOH 19  219 72  HOH HOH X . 
F 4 HOH 20  220 2   HOH HOH X . 
F 4 HOH 21  221 48  HOH HOH X . 
F 4 HOH 22  222 47  HOH HOH X . 
F 4 HOH 23  223 64  HOH HOH X . 
F 4 HOH 24  224 23  HOH HOH X . 
F 4 HOH 25  225 24  HOH HOH X . 
F 4 HOH 26  226 1   HOH HOH X . 
F 4 HOH 27  227 82  HOH HOH X . 
F 4 HOH 28  228 36  HOH HOH X . 
F 4 HOH 29  229 43  HOH HOH X . 
F 4 HOH 30  230 30  HOH HOH X . 
F 4 HOH 31  231 62  HOH HOH X . 
F 4 HOH 32  232 73  HOH HOH X . 
F 4 HOH 33  233 67  HOH HOH X . 
F 4 HOH 34  234 33  HOH HOH X . 
F 4 HOH 35  235 133 HOH HOH X . 
F 4 HOH 36  236 6   HOH HOH X . 
F 4 HOH 37  237 74  HOH HOH X . 
F 4 HOH 38  238 71  HOH HOH X . 
F 4 HOH 39  239 58  HOH HOH X . 
F 4 HOH 40  240 10  HOH HOH X . 
F 4 HOH 41  241 11  HOH HOH X . 
F 4 HOH 42  242 94  HOH HOH X . 
F 4 HOH 43  243 34  HOH HOH X . 
F 4 HOH 44  244 32  HOH HOH X . 
F 4 HOH 45  245 88  HOH HOH X . 
F 4 HOH 46  246 63  HOH HOH X . 
F 4 HOH 47  247 59  HOH HOH X . 
F 4 HOH 48  248 18  HOH HOH X . 
F 4 HOH 49  249 20  HOH HOH X . 
F 4 HOH 50  250 123 HOH HOH X . 
F 4 HOH 51  251 49  HOH HOH X . 
F 4 HOH 52  252 3   HOH HOH X . 
F 4 HOH 53  253 55  HOH HOH X . 
F 4 HOH 54  254 4   HOH HOH X . 
F 4 HOH 55  255 84  HOH HOH X . 
F 4 HOH 56  256 14  HOH HOH X . 
F 4 HOH 57  257 9   HOH HOH X . 
F 4 HOH 58  258 35  HOH HOH X . 
F 4 HOH 59  259 7   HOH HOH X . 
F 4 HOH 60  260 15  HOH HOH X . 
F 4 HOH 61  261 16  HOH HOH X . 
F 4 HOH 62  262 28  HOH HOH X . 
F 4 HOH 63  263 45  HOH HOH X . 
F 4 HOH 64  264 93  HOH HOH X . 
F 4 HOH 65  265 53  HOH HOH X . 
F 4 HOH 66  266 60  HOH HOH X . 
F 4 HOH 67  267 17  HOH HOH X . 
F 4 HOH 68  268 118 HOH HOH X . 
F 4 HOH 69  269 8   HOH HOH X . 
F 4 HOH 70  270 40  HOH HOH X . 
F 4 HOH 71  271 57  HOH HOH X . 
F 4 HOH 72  272 79  HOH HOH X . 
F 4 HOH 73  273 19  HOH HOH X . 
F 4 HOH 74  274 27  HOH HOH X . 
F 4 HOH 75  275 39  HOH HOH X . 
F 4 HOH 76  276 100 HOH HOH X . 
F 4 HOH 77  277 42  HOH HOH X . 
F 4 HOH 78  278 113 HOH HOH X . 
F 4 HOH 79  279 110 HOH HOH X . 
F 4 HOH 80  280 87  HOH HOH X . 
F 4 HOH 81  281 65  HOH HOH X . 
F 4 HOH 82  282 76  HOH HOH X . 
F 4 HOH 83  283 91  HOH HOH X . 
F 4 HOH 84  284 37  HOH HOH X . 
F 4 HOH 85  285 108 HOH HOH X . 
F 4 HOH 86  286 116 HOH HOH X . 
F 4 HOH 87  287 22  HOH HOH X . 
F 4 HOH 88  288 68  HOH HOH X . 
F 4 HOH 89  289 25  HOH HOH X . 
F 4 HOH 90  290 138 HOH HOH X . 
F 4 HOH 91  291 90  HOH HOH X . 
F 4 HOH 92  292 89  HOH HOH X . 
F 4 HOH 93  293 127 HOH HOH X . 
F 4 HOH 94  294 50  HOH HOH X . 
F 4 HOH 95  295 105 HOH HOH X . 
F 4 HOH 96  296 134 HOH HOH X . 
F 4 HOH 97  297 99  HOH HOH X . 
F 4 HOH 98  298 135 HOH HOH X . 
F 4 HOH 99  299 95  HOH HOH X . 
F 4 HOH 100 300 98  HOH HOH X . 
F 4 HOH 101 301 29  HOH HOH X . 
F 4 HOH 102 302 129 HOH HOH X . 
F 4 HOH 103 303 137 HOH HOH X . 
F 4 HOH 104 304 69  HOH HOH X . 
F 4 HOH 105 305 102 HOH HOH X . 
F 4 HOH 106 306 52  HOH HOH X . 
F 4 HOH 107 307 46  HOH HOH X . 
F 4 HOH 108 308 101 HOH HOH X . 
F 4 HOH 109 309 66  HOH HOH X . 
F 4 HOH 110 310 38  HOH HOH X . 
F 4 HOH 111 311 61  HOH HOH X . 
F 4 HOH 112 312 97  HOH HOH X . 
F 4 HOH 113 313 44  HOH HOH X . 
F 4 HOH 114 314 54  HOH HOH X . 
F 4 HOH 115 315 131 HOH HOH X . 
F 4 HOH 116 316 51  HOH HOH X . 
F 4 HOH 117 317 41  HOH HOH X . 
F 4 HOH 118 318 107 HOH HOH X . 
F 4 HOH 119 319 103 HOH HOH X . 
F 4 HOH 120 320 31  HOH HOH X . 
F 4 HOH 121 321 104 HOH HOH X . 
F 4 HOH 122 322 12  HOH HOH X . 
F 4 HOH 123 323 117 HOH HOH X . 
F 4 HOH 124 324 96  HOH HOH X . 
F 4 HOH 125 325 109 HOH HOH X . 
F 4 HOH 126 326 124 HOH HOH X . 
F 4 HOH 127 327 70  HOH HOH X . 
F 4 HOH 128 328 119 HOH HOH X . 
F 4 HOH 129 329 56  HOH HOH X . 
F 4 HOH 130 330 78  HOH HOH X . 
F 4 HOH 131 331 21  HOH HOH X . 
F 4 HOH 132 332 132 HOH HOH X . 
F 4 HOH 133 333 115 HOH HOH X . 
F 4 HOH 134 334 130 HOH HOH X . 
F 4 HOH 135 335 111 HOH HOH X . 
F 4 HOH 136 336 121 HOH HOH X . 
F 4 HOH 137 337 120 HOH HOH X . 
F 4 HOH 138 338 125 HOH HOH X . 
# 
_pdbx_struct_assembly.id                   1 
_pdbx_struct_assembly.details              author_and_software_defined_assembly 
_pdbx_struct_assembly.method_details       PISA 
_pdbx_struct_assembly.oligomeric_details   dimeric 
_pdbx_struct_assembly.oligomeric_count     2 
# 
_pdbx_struct_assembly_gen.assembly_id       1 
_pdbx_struct_assembly_gen.oper_expression   1,2 
_pdbx_struct_assembly_gen.asym_id_list      A,B,C,D,E,F 
# 
loop_
_pdbx_struct_assembly_prop.biol_id 
_pdbx_struct_assembly_prop.type 
_pdbx_struct_assembly_prop.value 
_pdbx_struct_assembly_prop.details 
1 'ABSA (A^2)' 3250  ? 
1 MORE         -82   ? 
1 'SSA (A^2)'  10100 ? 
# 
loop_
_pdbx_struct_oper_list.id 
_pdbx_struct_oper_list.type 
_pdbx_struct_oper_list.name 
_pdbx_struct_oper_list.symmetry_operation 
_pdbx_struct_oper_list.matrix[1][1] 
_pdbx_struct_oper_list.matrix[1][2] 
_pdbx_struct_oper_list.matrix[1][3] 
_pdbx_struct_oper_list.vector[1] 
_pdbx_struct_oper_list.matrix[2][1] 
_pdbx_struct_oper_list.matrix[2][2] 
_pdbx_struct_oper_list.matrix[2][3] 
_pdbx_struct_oper_list.vector[2] 
_pdbx_struct_oper_list.matrix[3][1] 
_pdbx_struct_oper_list.matrix[3][2] 
_pdbx_struct_oper_list.matrix[3][3] 
_pdbx_struct_oper_list.vector[3] 
1 'identity operation'         1_555 x,y,z   1.0000000000 0.0000000000 0.0000000000  0.0000000000 0.0000000000 1.0000000000  0.0000000000  0.0000000000  0.0000000000  0.0000000000  1.0000000000  0.0000000000  
2 'crystal symmetry operation' 4_555 x,-y,-z 0.4507823669 0.5110163869 -0.7318862685 9.7986480397 0.5110163869 -0.8200021219 -0.2577959900 -0.7219415682 -0.7318862685 -0.2577959900 -0.6307802451 18.9193081227 
# 
loop_
_pdbx_struct_special_symmetry.id 
_pdbx_struct_special_symmetry.PDB_model_num 
_pdbx_struct_special_symmetry.auth_asym_id 
_pdbx_struct_special_symmetry.auth_comp_id 
_pdbx_struct_special_symmetry.auth_seq_id 
_pdbx_struct_special_symmetry.PDB_ins_code 
_pdbx_struct_special_symmetry.label_asym_id 
_pdbx_struct_special_symmetry.label_comp_id 
_pdbx_struct_special_symmetry.label_seq_id 
1 1 X CA  104 ? E CA  . 
2 1 X HOH 268 ? F HOH . 
3 1 X HOH 326 ? F HOH . 
4 1 X HOH 328 ? F HOH . 
5 1 X HOH 334 ? F HOH . 
# 
loop_
_pdbx_struct_conn_angle.id 
_pdbx_struct_conn_angle.ptnr1_label_atom_id 
_pdbx_struct_conn_angle.ptnr1_label_alt_id 
_pdbx_struct_conn_angle.ptnr1_label_asym_id 
_pdbx_struct_conn_angle.ptnr1_label_comp_id 
_pdbx_struct_conn_angle.ptnr1_label_seq_id 
_pdbx_struct_conn_angle.ptnr1_auth_atom_id 
_pdbx_struct_conn_angle.ptnr1_auth_asym_id 
_pdbx_struct_conn_angle.ptnr1_auth_comp_id 
_pdbx_struct_conn_angle.ptnr1_auth_seq_id 
_pdbx_struct_conn_angle.ptnr1_PDB_ins_code 
_pdbx_struct_conn_angle.ptnr1_symmetry 
_pdbx_struct_conn_angle.ptnr2_label_atom_id 
_pdbx_struct_conn_angle.ptnr2_label_alt_id 
_pdbx_struct_conn_angle.ptnr2_label_asym_id 
_pdbx_struct_conn_angle.ptnr2_label_comp_id 
_pdbx_struct_conn_angle.ptnr2_label_seq_id 
_pdbx_struct_conn_angle.ptnr2_auth_atom_id 
_pdbx_struct_conn_angle.ptnr2_auth_asym_id 
_pdbx_struct_conn_angle.ptnr2_auth_comp_id 
_pdbx_struct_conn_angle.ptnr2_auth_seq_id 
_pdbx_struct_conn_angle.ptnr2_PDB_ins_code 
_pdbx_struct_conn_angle.ptnr2_symmetry 
_pdbx_struct_conn_angle.ptnr3_label_atom_id 
_pdbx_struct_conn_angle.ptnr3_label_alt_id 
_pdbx_struct_conn_angle.ptnr3_label_asym_id 
_pdbx_struct_conn_angle.ptnr3_label_comp_id 
_pdbx_struct_conn_angle.ptnr3_label_seq_id 
_pdbx_struct_conn_angle.ptnr3_auth_atom_id 
_pdbx_struct_conn_angle.ptnr3_auth_asym_id 
_pdbx_struct_conn_angle.ptnr3_auth_comp_id 
_pdbx_struct_conn_angle.ptnr3_auth_seq_id 
_pdbx_struct_conn_angle.ptnr3_PDB_ins_code 
_pdbx_struct_conn_angle.ptnr3_symmetry 
_pdbx_struct_conn_angle.value 
_pdbx_struct_conn_angle.value_esd 
1  O   ? A SER 19 ? X SER 18  ? 1_555 CA ? B CA . ? X CA 101 ? 1_555 O   ? A GLU 22 ? X GLU 21  ? 1_555 99.9  ? 
2  O   ? A SER 19 ? X SER 18  ? 1_555 CA ? B CA . ? X CA 101 ? 1_555 O   ? A ASP 24 ? X ASP 23  ? 1_555 78.6  ? 
3  O   ? A GLU 22 ? X GLU 21  ? 1_555 CA ? B CA . ? X CA 101 ? 1_555 O   ? A ASP 24 ? X ASP 23  ? 1_555 84.7  ? 
4  O   ? A SER 19 ? X SER 18  ? 1_555 CA ? B CA . ? X CA 101 ? 1_555 O   ? A LYS 27 ? X LYS 26  ? 1_555 88.6  ? 
5  O   ? A GLU 22 ? X GLU 21  ? 1_555 CA ? B CA . ? X CA 101 ? 1_555 O   ? A LYS 27 ? X LYS 26  ? 1_555 160.6 ? 
6  O   ? A ASP 24 ? X ASP 23  ? 1_555 CA ? B CA . ? X CA 101 ? 1_555 O   ? A LYS 27 ? X LYS 26  ? 1_555 79.8  ? 
7  O   ? A SER 19 ? X SER 18  ? 1_555 CA ? B CA . ? X CA 101 ? 1_555 OE1 ? A GLU 32 ? X GLU 31  ? 1_555 101.9 ? 
8  O   ? A GLU 22 ? X GLU 21  ? 1_555 CA ? B CA . ? X CA 101 ? 1_555 OE1 ? A GLU 32 ? X GLU 31  ? 1_555 120.5 ? 
9  O   ? A ASP 24 ? X ASP 23  ? 1_555 CA ? B CA . ? X CA 101 ? 1_555 OE1 ? A GLU 32 ? X GLU 31  ? 1_555 153.7 ? 
10 O   ? A LYS 27 ? X LYS 26  ? 1_555 CA ? B CA . ? X CA 101 ? 1_555 OE1 ? A GLU 32 ? X GLU 31  ? 1_555 74.0  ? 
11 O   ? A SER 19 ? X SER 18  ? 1_555 CA ? B CA . ? X CA 101 ? 1_555 OE2 ? A GLU 32 ? X GLU 31  ? 1_555 80.4  ? 
12 O   ? A GLU 22 ? X GLU 21  ? 1_555 CA ? B CA . ? X CA 101 ? 1_555 OE2 ? A GLU 32 ? X GLU 31  ? 1_555 76.8  ? 
13 O   ? A ASP 24 ? X ASP 23  ? 1_555 CA ? B CA . ? X CA 101 ? 1_555 OE2 ? A GLU 32 ? X GLU 31  ? 1_555 149.1 ? 
14 O   ? A LYS 27 ? X LYS 26  ? 1_555 CA ? B CA . ? X CA 101 ? 1_555 OE2 ? A GLU 32 ? X GLU 31  ? 1_555 122.2 ? 
15 OE1 ? A GLU 32 ? X GLU 31  ? 1_555 CA ? B CA . ? X CA 101 ? 1_555 OE2 ? A GLU 32 ? X GLU 31  ? 1_555 53.8  ? 
16 O   ? A SER 19 ? X SER 18  ? 1_555 CA ? B CA . ? X CA 101 ? 1_555 O   ? F HOH .  ? X HOH 226 ? 1_555 168.4 ? 
17 O   ? A GLU 22 ? X GLU 21  ? 1_555 CA ? B CA . ? X CA 101 ? 1_555 O   ? F HOH .  ? X HOH 226 ? 1_555 82.8  ? 
18 O   ? A ASP 24 ? X ASP 23  ? 1_555 CA ? B CA . ? X CA 101 ? 1_555 O   ? F HOH .  ? X HOH 226 ? 1_555 90.5  ? 
19 O   ? A LYS 27 ? X LYS 26  ? 1_555 CA ? B CA . ? X CA 101 ? 1_555 O   ? F HOH .  ? X HOH 226 ? 1_555 85.7  ? 
20 OE1 ? A GLU 32 ? X GLU 31  ? 1_555 CA ? B CA . ? X CA 101 ? 1_555 O   ? F HOH .  ? X HOH 226 ? 1_555 86.2  ? 
21 OE2 ? A GLU 32 ? X GLU 31  ? 1_555 CA ? B CA . ? X CA 101 ? 1_555 O   ? F HOH .  ? X HOH 226 ? 1_555 111.1 ? 
22 OD1 ? A ASP 62 ? X ASP 61  ? 1_555 CA ? C CA . ? X CA 102 ? 1_555 OD1 ? A ASP 64 ? X ASP 63  ? 1_555 79.8  ? 
23 OD1 ? A ASP 62 ? X ASP 61  ? 1_555 CA ? C CA . ? X CA 102 ? 1_555 OD1 ? A ASP 66 ? X ASP 65  ? 1_555 84.8  ? 
24 OD1 ? A ASP 64 ? X ASP 63  ? 1_555 CA ? C CA . ? X CA 102 ? 1_555 OD1 ? A ASP 66 ? X ASP 65  ? 1_555 83.2  ? 
25 OD1 ? A ASP 62 ? X ASP 61  ? 1_555 CA ? C CA . ? X CA 102 ? 1_555 O   ? A GLU 68 ? X GLU 67  ? 1_555 82.8  ? 
26 OD1 ? A ASP 64 ? X ASP 63  ? 1_555 CA ? C CA . ? X CA 102 ? 1_555 O   ? A GLU 68 ? X GLU 67  ? 1_555 157.6 ? 
27 OD1 ? A ASP 66 ? X ASP 65  ? 1_555 CA ? C CA . ? X CA 102 ? 1_555 O   ? A GLU 68 ? X GLU 67  ? 1_555 81.2  ? 
28 OD1 ? A ASP 62 ? X ASP 61  ? 1_555 CA ? C CA . ? X CA 102 ? 1_555 OE1 ? A GLU 73 ? X GLU 72  ? 1_555 114.5 ? 
29 OD1 ? A ASP 64 ? X ASP 63  ? 1_555 CA ? C CA . ? X CA 102 ? 1_555 OE1 ? A GLU 73 ? X GLU 72  ? 1_555 123.2 ? 
30 OD1 ? A ASP 66 ? X ASP 65  ? 1_555 CA ? C CA . ? X CA 102 ? 1_555 OE1 ? A GLU 73 ? X GLU 72  ? 1_555 148.4 ? 
31 O   ? A GLU 68 ? X GLU 67  ? 1_555 CA ? C CA . ? X CA 102 ? 1_555 OE1 ? A GLU 73 ? X GLU 72  ? 1_555 77.0  ? 
32 OD1 ? A ASP 62 ? X ASP 61  ? 1_555 CA ? C CA . ? X CA 102 ? 1_555 OE2 ? A GLU 73 ? X GLU 72  ? 1_555 91.9  ? 
33 OD1 ? A ASP 64 ? X ASP 63  ? 1_555 CA ? C CA . ? X CA 102 ? 1_555 OE2 ? A GLU 73 ? X GLU 72  ? 1_555 73.5  ? 
34 OD1 ? A ASP 66 ? X ASP 65  ? 1_555 CA ? C CA . ? X CA 102 ? 1_555 OE2 ? A GLU 73 ? X GLU 72  ? 1_555 156.7 ? 
35 O   ? A GLU 68 ? X GLU 67  ? 1_555 CA ? C CA . ? X CA 102 ? 1_555 OE2 ? A GLU 73 ? X GLU 72  ? 1_555 121.3 ? 
36 OE1 ? A GLU 73 ? X GLU 72  ? 1_555 CA ? C CA . ? X CA 102 ? 1_555 OE2 ? A GLU 73 ? X GLU 72  ? 1_555 52.5  ? 
37 OD1 ? A ASP 62 ? X ASP 61  ? 1_555 CA ? C CA . ? X CA 102 ? 1_555 O   ? F HOH .  ? X HOH 220 ? 1_555 159.3 ? 
38 OD1 ? A ASP 64 ? X ASP 63  ? 1_555 CA ? C CA . ? X CA 102 ? 1_555 O   ? F HOH .  ? X HOH 220 ? 1_555 89.0  ? 
39 OD1 ? A ASP 66 ? X ASP 65  ? 1_555 CA ? C CA . ? X CA 102 ? 1_555 O   ? F HOH .  ? X HOH 220 ? 1_555 76.6  ? 
40 O   ? A GLU 68 ? X GLU 67  ? 1_555 CA ? C CA . ? X CA 102 ? 1_555 O   ? F HOH .  ? X HOH 220 ? 1_555 102.9 ? 
41 OE1 ? A GLU 73 ? X GLU 72  ? 1_555 CA ? C CA . ? X CA 102 ? 1_555 O   ? F HOH .  ? X HOH 220 ? 1_555 86.2  ? 
42 OE2 ? A GLU 73 ? X GLU 72  ? 1_555 CA ? C CA . ? X CA 102 ? 1_555 O   ? F HOH .  ? X HOH 220 ? 1_555 101.5 ? 
43 O   ? F HOH .  ? X HOH 248 ? 1_555 CA ? E CA . ? X CA 104 ? 1_555 O   ? F HOH .  ? X HOH 248 ? 3_754 83.8  ? 
44 O   ? F HOH .  ? X HOH 248 ? 1_555 CA ? E CA . ? X CA 104 ? 1_555 O   ? F HOH .  ? X HOH 262 ? 8_455 78.7  ? 
45 O   ? F HOH .  ? X HOH 248 ? 3_754 CA ? E CA . ? X CA 104 ? 1_555 O   ? F HOH .  ? X HOH 262 ? 8_455 71.1  ? 
46 O   ? F HOH .  ? X HOH 248 ? 1_555 CA ? E CA . ? X CA 104 ? 1_555 O   ? F HOH .  ? X HOH 266 ? 8_455 145.1 ? 
47 O   ? F HOH .  ? X HOH 248 ? 3_754 CA ? E CA . ? X CA 104 ? 1_555 O   ? F HOH .  ? X HOH 266 ? 8_455 108.7 ? 
48 O   ? F HOH .  ? X HOH 262 ? 8_455 CA ? E CA . ? X CA 104 ? 1_555 O   ? F HOH .  ? X HOH 266 ? 8_455 75.2  ? 
49 O   ? F HOH .  ? X HOH 248 ? 1_555 CA ? E CA . ? X CA 104 ? 1_555 O   ? F HOH .  ? X HOH 272 ? 1_555 70.4  ? 
50 O   ? F HOH .  ? X HOH 248 ? 3_754 CA ? E CA . ? X CA 104 ? 1_555 O   ? F HOH .  ? X HOH 272 ? 1_555 152.2 ? 
51 O   ? F HOH .  ? X HOH 262 ? 8_455 CA ? E CA . ? X CA 104 ? 1_555 O   ? F HOH .  ? X HOH 272 ? 1_555 93.2  ? 
52 O   ? F HOH .  ? X HOH 266 ? 8_455 CA ? E CA . ? X CA 104 ? 1_555 O   ? F HOH .  ? X HOH 272 ? 1_555 88.2  ? 
53 O   ? F HOH .  ? X HOH 248 ? 1_555 CA ? E CA . ? X CA 104 ? 1_555 O   ? F HOH .  ? X HOH 272 ? 3_754 152.0 ? 
54 O   ? F HOH .  ? X HOH 248 ? 3_754 CA ? E CA . ? X CA 104 ? 1_555 O   ? F HOH .  ? X HOH 272 ? 3_754 70.4  ? 
55 O   ? F HOH .  ? X HOH 262 ? 8_455 CA ? E CA . ? X CA 104 ? 1_555 O   ? F HOH .  ? X HOH 272 ? 3_754 102.0 ? 
56 O   ? F HOH .  ? X HOH 266 ? 8_455 CA ? E CA . ? X CA 104 ? 1_555 O   ? F HOH .  ? X HOH 272 ? 3_754 58.1  ? 
57 O   ? F HOH .  ? X HOH 272 ? 1_555 CA ? E CA . ? X CA 104 ? 1_555 O   ? F HOH .  ? X HOH 272 ? 3_754 136.8 ? 
# 
loop_
_pdbx_audit_revision_history.ordinal 
_pdbx_audit_revision_history.data_content_type 
_pdbx_audit_revision_history.major_revision 
_pdbx_audit_revision_history.minor_revision 
_pdbx_audit_revision_history.revision_date 
1 'Structure model' 1 0 2016-06-08 
2 'Structure model' 1 1 2017-09-27 
3 'Structure model' 1 2 2018-04-18 
4 'Structure model' 1 3 2019-12-04 
5 'Structure model' 1 4 2023-09-27 
# 
_pdbx_audit_revision_details.ordinal             1 
_pdbx_audit_revision_details.revision_ordinal    1 
_pdbx_audit_revision_details.data_content_type   'Structure model' 
_pdbx_audit_revision_details.provider            repository 
_pdbx_audit_revision_details.type                'Initial release' 
_pdbx_audit_revision_details.description         ? 
_pdbx_audit_revision_details.details             ? 
# 
loop_
_pdbx_audit_revision_group.ordinal 
_pdbx_audit_revision_group.revision_ordinal 
_pdbx_audit_revision_group.data_content_type 
_pdbx_audit_revision_group.group 
1 2 'Structure model' 'Author supporting evidence' 
2 2 'Structure model' 'Derived calculations'       
3 3 'Structure model' 'Data collection'            
4 3 'Structure model' 'Database references'        
5 4 'Structure model' 'Author supporting evidence' 
6 5 'Structure model' 'Data collection'            
7 5 'Structure model' 'Database references'        
8 5 'Structure model' 'Derived calculations'       
9 5 'Structure model' 'Refinement description'     
# 
loop_
_pdbx_audit_revision_category.ordinal 
_pdbx_audit_revision_category.revision_ordinal 
_pdbx_audit_revision_category.data_content_type 
_pdbx_audit_revision_category.category 
1  2 'Structure model' pdbx_audit_support            
2  2 'Structure model' pdbx_struct_oper_list         
3  3 'Structure model' citation                      
4  3 'Structure model' citation_author               
5  4 'Structure model' pdbx_audit_support            
6  5 'Structure model' chem_comp_atom                
7  5 'Structure model' chem_comp_bond                
8  5 'Structure model' database_2                    
9  5 'Structure model' pdbx_initial_refinement_model 
10 5 'Structure model' pdbx_struct_conn_angle        
11 5 'Structure model' struct_conn                   
# 
loop_
_pdbx_audit_revision_item.ordinal 
_pdbx_audit_revision_item.revision_ordinal 
_pdbx_audit_revision_item.data_content_type 
_pdbx_audit_revision_item.item 
1  2 'Structure model' '_pdbx_audit_support.funding_organization'  
2  2 'Structure model' '_pdbx_struct_oper_list.symmetry_operation' 
3  3 'Structure model' '_citation.country'                         
4  3 'Structure model' '_citation.journal_abbrev'                  
5  3 'Structure model' '_citation.journal_id_ASTM'                 
6  3 'Structure model' '_citation.journal_id_ISSN'                 
7  3 'Structure model' '_citation.journal_volume'                  
8  3 'Structure model' '_citation.pdbx_database_id_PubMed'         
9  3 'Structure model' '_citation.title'                           
10 4 'Structure model' '_pdbx_audit_support.funding_organization'  
11 5 'Structure model' '_database_2.pdbx_DOI'                      
12 5 'Structure model' '_database_2.pdbx_database_accession'       
13 5 'Structure model' '_pdbx_struct_conn_angle.ptnr1_auth_seq_id' 
14 5 'Structure model' '_pdbx_struct_conn_angle.ptnr1_symmetry'    
15 5 'Structure model' '_pdbx_struct_conn_angle.ptnr3_auth_seq_id' 
16 5 'Structure model' '_pdbx_struct_conn_angle.ptnr3_symmetry'    
17 5 'Structure model' '_pdbx_struct_conn_angle.value'             
18 5 'Structure model' '_struct_conn.pdbx_dist_value'              
19 5 'Structure model' '_struct_conn.ptnr2_auth_seq_id'            
20 5 'Structure model' '_struct_conn.ptnr2_symmetry'               
# 
loop_
_software.citation_id 
_software.classification 
_software.compiler_name 
_software.compiler_version 
_software.contact_author 
_software.contact_author_email 
_software.date 
_software.description 
_software.dependencies 
_software.hardware 
_software.language 
_software.location 
_software.mods 
_software.name 
_software.os 
_software.os_version 
_software.type 
_software.version 
_software.pdbx_ordinal 
? 'data scaling'    ? ? ? ? ? ? ? ? ? ? ? Aimless     ? ? ? 0.1.24 1 
? refinement        ? ? ? ? ? ? ? ? ? ? ? PHENIX      ? ? ? .      2 
? 'data extraction' ? ? ? ? ? ? ? ? ? ? ? PDB_EXTRACT ? ? ? 3.15   3 
? 'data reduction'  ? ? ? ? ? ? ? ? ? ? ? HKL-2000    ? ? ? .      4 
? phasing           ? ? ? ? ? ? ? ? ? ? ? PHENIX      ? ? ? .      5 
# 
loop_
_pdbx_validate_close_contact.id 
_pdbx_validate_close_contact.PDB_model_num 
_pdbx_validate_close_contact.auth_atom_id_1 
_pdbx_validate_close_contact.auth_asym_id_1 
_pdbx_validate_close_contact.auth_comp_id_1 
_pdbx_validate_close_contact.auth_seq_id_1 
_pdbx_validate_close_contact.PDB_ins_code_1 
_pdbx_validate_close_contact.label_alt_id_1 
_pdbx_validate_close_contact.auth_atom_id_2 
_pdbx_validate_close_contact.auth_asym_id_2 
_pdbx_validate_close_contact.auth_comp_id_2 
_pdbx_validate_close_contact.auth_seq_id_2 
_pdbx_validate_close_contact.PDB_ins_code_2 
_pdbx_validate_close_contact.label_alt_id_2 
_pdbx_validate_close_contact.dist 
1 1 O   X HOH 312 ? ? O X HOH 319 ? ? 2.15 
2 1 SG  X CYS 84  ? ? O X HOH 331 ? ? 2.17 
3 1 OE2 X GLU 86  ? ? O X HOH 201 ? ? 2.17 
4 1 O   X HOH 306 ? ? O X HOH 325 ? ? 2.17 
5 1 O   X ASP 63  ? ? O X HOH 202 ? ? 2.19 
# 
_pdbx_validate_symm_contact.id                1 
_pdbx_validate_symm_contact.PDB_model_num     1 
_pdbx_validate_symm_contact.auth_atom_id_1    O 
_pdbx_validate_symm_contact.auth_asym_id_1    X 
_pdbx_validate_symm_contact.auth_comp_id_1    HOH 
_pdbx_validate_symm_contact.auth_seq_id_1     212 
_pdbx_validate_symm_contact.PDB_ins_code_1    ? 
_pdbx_validate_symm_contact.label_alt_id_1    ? 
_pdbx_validate_symm_contact.site_symmetry_1   1_555 
_pdbx_validate_symm_contact.auth_atom_id_2    O 
_pdbx_validate_symm_contact.auth_asym_id_2    X 
_pdbx_validate_symm_contact.auth_comp_id_2    HOH 
_pdbx_validate_symm_contact.auth_seq_id_2     244 
_pdbx_validate_symm_contact.PDB_ins_code_2    ? 
_pdbx_validate_symm_contact.label_alt_id_2    ? 
_pdbx_validate_symm_contact.site_symmetry_2   6_755 
_pdbx_validate_symm_contact.dist              2.19 
# 
loop_
_pdbx_distant_solvent_atoms.id 
_pdbx_distant_solvent_atoms.PDB_model_num 
_pdbx_distant_solvent_atoms.auth_atom_id 
_pdbx_distant_solvent_atoms.label_alt_id 
_pdbx_distant_solvent_atoms.auth_asym_id 
_pdbx_distant_solvent_atoms.auth_comp_id 
_pdbx_distant_solvent_atoms.auth_seq_id 
_pdbx_distant_solvent_atoms.PDB_ins_code 
_pdbx_distant_solvent_atoms.neighbor_macromolecule_distance 
_pdbx_distant_solvent_atoms.neighbor_ligand_distance 
1 1 O ? X HOH 336 ? 5.97 . 
2 1 O ? X HOH 337 ? 6.17 . 
3 1 O ? X HOH 338 ? 6.41 . 
# 
loop_
_pdbx_unobs_or_zero_occ_residues.id 
_pdbx_unobs_or_zero_occ_residues.PDB_model_num 
_pdbx_unobs_or_zero_occ_residues.polymer_flag 
_pdbx_unobs_or_zero_occ_residues.occupancy_flag 
_pdbx_unobs_or_zero_occ_residues.auth_asym_id 
_pdbx_unobs_or_zero_occ_residues.auth_comp_id 
_pdbx_unobs_or_zero_occ_residues.auth_seq_id 
_pdbx_unobs_or_zero_occ_residues.PDB_ins_code 
_pdbx_unobs_or_zero_occ_residues.label_asym_id 
_pdbx_unobs_or_zero_occ_residues.label_comp_id 
_pdbx_unobs_or_zero_occ_residues.label_seq_id 
1 1 Y 1 X HIS 90 ? A HIS 91 
2 1 Y 1 X GLU 91 ? A GLU 92 
# 
loop_
_chem_comp_atom.comp_id 
_chem_comp_atom.atom_id 
_chem_comp_atom.type_symbol 
_chem_comp_atom.pdbx_aromatic_flag 
_chem_comp_atom.pdbx_stereo_config 
_chem_comp_atom.pdbx_ordinal 
5RL C10  C  Y N 1   
5RL C11  C  Y N 2   
5RL C12  C  Y N 3   
5RL C13  C  N N 4   
5RL C14  C  Y N 5   
5RL C15  C  Y N 6   
5RL C16  C  Y N 7   
5RL C19  C  Y N 8   
5RL C20  C  Y N 9   
5RL O01  O  N N 10  
5RL O02  O  N N 11  
5RL N03  N  N N 12  
5RL C04  C  N S 13  
5RL C05  C  Y N 14  
5RL C06  C  N N 15  
5RL C07  C  Y N 16  
5RL C08  C  N N 17  
5RL C09  C  N N 18  
5RL C17  C  Y N 19  
5RL C18  C  Y N 20  
5RL H1   H  N N 21  
5RL H2   H  N N 22  
5RL H3   H  N N 23  
5RL H4   H  N N 24  
5RL H5   H  N N 25  
5RL H6   H  N N 26  
5RL H7   H  N N 27  
5RL H8   H  N N 28  
5RL H9   H  N N 29  
5RL H11  H  N N 30  
5RL H12  H  N N 31  
5RL H13  H  N N 32  
5RL H14  H  N N 33  
5RL H15  H  N N 34  
5RL H10  H  N N 35  
5RL H16  H  N N 36  
5RL H17  H  N N 37  
ALA N    N  N N 38  
ALA CA   C  N S 39  
ALA C    C  N N 40  
ALA O    O  N N 41  
ALA CB   C  N N 42  
ALA OXT  O  N N 43  
ALA H    H  N N 44  
ALA H2   H  N N 45  
ALA HA   H  N N 46  
ALA HB1  H  N N 47  
ALA HB2  H  N N 48  
ALA HB3  H  N N 49  
ALA HXT  H  N N 50  
ARG N    N  N N 51  
ARG CA   C  N S 52  
ARG C    C  N N 53  
ARG O    O  N N 54  
ARG CB   C  N N 55  
ARG CG   C  N N 56  
ARG CD   C  N N 57  
ARG NE   N  N N 58  
ARG CZ   C  N N 59  
ARG NH1  N  N N 60  
ARG NH2  N  N N 61  
ARG OXT  O  N N 62  
ARG H    H  N N 63  
ARG H2   H  N N 64  
ARG HA   H  N N 65  
ARG HB2  H  N N 66  
ARG HB3  H  N N 67  
ARG HG2  H  N N 68  
ARG HG3  H  N N 69  
ARG HD2  H  N N 70  
ARG HD3  H  N N 71  
ARG HE   H  N N 72  
ARG HH11 H  N N 73  
ARG HH12 H  N N 74  
ARG HH21 H  N N 75  
ARG HH22 H  N N 76  
ARG HXT  H  N N 77  
ASN N    N  N N 78  
ASN CA   C  N S 79  
ASN C    C  N N 80  
ASN O    O  N N 81  
ASN CB   C  N N 82  
ASN CG   C  N N 83  
ASN OD1  O  N N 84  
ASN ND2  N  N N 85  
ASN OXT  O  N N 86  
ASN H    H  N N 87  
ASN H2   H  N N 88  
ASN HA   H  N N 89  
ASN HB2  H  N N 90  
ASN HB3  H  N N 91  
ASN HD21 H  N N 92  
ASN HD22 H  N N 93  
ASN HXT  H  N N 94  
ASP N    N  N N 95  
ASP CA   C  N S 96  
ASP C    C  N N 97  
ASP O    O  N N 98  
ASP CB   C  N N 99  
ASP CG   C  N N 100 
ASP OD1  O  N N 101 
ASP OD2  O  N N 102 
ASP OXT  O  N N 103 
ASP H    H  N N 104 
ASP H2   H  N N 105 
ASP HA   H  N N 106 
ASP HB2  H  N N 107 
ASP HB3  H  N N 108 
ASP HD2  H  N N 109 
ASP HXT  H  N N 110 
CA  CA   CA N N 111 
CYS N    N  N N 112 
CYS CA   C  N R 113 
CYS C    C  N N 114 
CYS O    O  N N 115 
CYS CB   C  N N 116 
CYS SG   S  N N 117 
CYS OXT  O  N N 118 
CYS H    H  N N 119 
CYS H2   H  N N 120 
CYS HA   H  N N 121 
CYS HB2  H  N N 122 
CYS HB3  H  N N 123 
CYS HG   H  N N 124 
CYS HXT  H  N N 125 
GLN N    N  N N 126 
GLN CA   C  N S 127 
GLN C    C  N N 128 
GLN O    O  N N 129 
GLN CB   C  N N 130 
GLN CG   C  N N 131 
GLN CD   C  N N 132 
GLN OE1  O  N N 133 
GLN NE2  N  N N 134 
GLN OXT  O  N N 135 
GLN H    H  N N 136 
GLN H2   H  N N 137 
GLN HA   H  N N 138 
GLN HB2  H  N N 139 
GLN HB3  H  N N 140 
GLN HG2  H  N N 141 
GLN HG3  H  N N 142 
GLN HE21 H  N N 143 
GLN HE22 H  N N 144 
GLN HXT  H  N N 145 
GLU N    N  N N 146 
GLU CA   C  N S 147 
GLU C    C  N N 148 
GLU O    O  N N 149 
GLU CB   C  N N 150 
GLU CG   C  N N 151 
GLU CD   C  N N 152 
GLU OE1  O  N N 153 
GLU OE2  O  N N 154 
GLU OXT  O  N N 155 
GLU H    H  N N 156 
GLU H2   H  N N 157 
GLU HA   H  N N 158 
GLU HB2  H  N N 159 
GLU HB3  H  N N 160 
GLU HG2  H  N N 161 
GLU HG3  H  N N 162 
GLU HE2  H  N N 163 
GLU HXT  H  N N 164 
GLY N    N  N N 165 
GLY CA   C  N N 166 
GLY C    C  N N 167 
GLY O    O  N N 168 
GLY OXT  O  N N 169 
GLY H    H  N N 170 
GLY H2   H  N N 171 
GLY HA2  H  N N 172 
GLY HA3  H  N N 173 
GLY HXT  H  N N 174 
HIS N    N  N N 175 
HIS CA   C  N S 176 
HIS C    C  N N 177 
HIS O    O  N N 178 
HIS CB   C  N N 179 
HIS CG   C  Y N 180 
HIS ND1  N  Y N 181 
HIS CD2  C  Y N 182 
HIS CE1  C  Y N 183 
HIS NE2  N  Y N 184 
HIS OXT  O  N N 185 
HIS H    H  N N 186 
HIS H2   H  N N 187 
HIS HA   H  N N 188 
HIS HB2  H  N N 189 
HIS HB3  H  N N 190 
HIS HD1  H  N N 191 
HIS HD2  H  N N 192 
HIS HE1  H  N N 193 
HIS HE2  H  N N 194 
HIS HXT  H  N N 195 
HOH O    O  N N 196 
HOH H1   H  N N 197 
HOH H2   H  N N 198 
ILE N    N  N N 199 
ILE CA   C  N S 200 
ILE C    C  N N 201 
ILE O    O  N N 202 
ILE CB   C  N S 203 
ILE CG1  C  N N 204 
ILE CG2  C  N N 205 
ILE CD1  C  N N 206 
ILE OXT  O  N N 207 
ILE H    H  N N 208 
ILE H2   H  N N 209 
ILE HA   H  N N 210 
ILE HB   H  N N 211 
ILE HG12 H  N N 212 
ILE HG13 H  N N 213 
ILE HG21 H  N N 214 
ILE HG22 H  N N 215 
ILE HG23 H  N N 216 
ILE HD11 H  N N 217 
ILE HD12 H  N N 218 
ILE HD13 H  N N 219 
ILE HXT  H  N N 220 
LEU N    N  N N 221 
LEU CA   C  N S 222 
LEU C    C  N N 223 
LEU O    O  N N 224 
LEU CB   C  N N 225 
LEU CG   C  N N 226 
LEU CD1  C  N N 227 
LEU CD2  C  N N 228 
LEU OXT  O  N N 229 
LEU H    H  N N 230 
LEU H2   H  N N 231 
LEU HA   H  N N 232 
LEU HB2  H  N N 233 
LEU HB3  H  N N 234 
LEU HG   H  N N 235 
LEU HD11 H  N N 236 
LEU HD12 H  N N 237 
LEU HD13 H  N N 238 
LEU HD21 H  N N 239 
LEU HD22 H  N N 240 
LEU HD23 H  N N 241 
LEU HXT  H  N N 242 
LYS N    N  N N 243 
LYS CA   C  N S 244 
LYS C    C  N N 245 
LYS O    O  N N 246 
LYS CB   C  N N 247 
LYS CG   C  N N 248 
LYS CD   C  N N 249 
LYS CE   C  N N 250 
LYS NZ   N  N N 251 
LYS OXT  O  N N 252 
LYS H    H  N N 253 
LYS H2   H  N N 254 
LYS HA   H  N N 255 
LYS HB2  H  N N 256 
LYS HB3  H  N N 257 
LYS HG2  H  N N 258 
LYS HG3  H  N N 259 
LYS HD2  H  N N 260 
LYS HD3  H  N N 261 
LYS HE2  H  N N 262 
LYS HE3  H  N N 263 
LYS HZ1  H  N N 264 
LYS HZ2  H  N N 265 
LYS HZ3  H  N N 266 
LYS HXT  H  N N 267 
MET N    N  N N 268 
MET CA   C  N S 269 
MET C    C  N N 270 
MET O    O  N N 271 
MET CB   C  N N 272 
MET CG   C  N N 273 
MET SD   S  N N 274 
MET CE   C  N N 275 
MET OXT  O  N N 276 
MET H    H  N N 277 
MET H2   H  N N 278 
MET HA   H  N N 279 
MET HB2  H  N N 280 
MET HB3  H  N N 281 
MET HG2  H  N N 282 
MET HG3  H  N N 283 
MET HE1  H  N N 284 
MET HE2  H  N N 285 
MET HE3  H  N N 286 
MET HXT  H  N N 287 
PHE N    N  N N 288 
PHE CA   C  N S 289 
PHE C    C  N N 290 
PHE O    O  N N 291 
PHE CB   C  N N 292 
PHE CG   C  Y N 293 
PHE CD1  C  Y N 294 
PHE CD2  C  Y N 295 
PHE CE1  C  Y N 296 
PHE CE2  C  Y N 297 
PHE CZ   C  Y N 298 
PHE OXT  O  N N 299 
PHE H    H  N N 300 
PHE H2   H  N N 301 
PHE HA   H  N N 302 
PHE HB2  H  N N 303 
PHE HB3  H  N N 304 
PHE HD1  H  N N 305 
PHE HD2  H  N N 306 
PHE HE1  H  N N 307 
PHE HE2  H  N N 308 
PHE HZ   H  N N 309 
PHE HXT  H  N N 310 
SER N    N  N N 311 
SER CA   C  N S 312 
SER C    C  N N 313 
SER O    O  N N 314 
SER CB   C  N N 315 
SER OG   O  N N 316 
SER OXT  O  N N 317 
SER H    H  N N 318 
SER H2   H  N N 319 
SER HA   H  N N 320 
SER HB2  H  N N 321 
SER HB3  H  N N 322 
SER HG   H  N N 323 
SER HXT  H  N N 324 
THR N    N  N N 325 
THR CA   C  N S 326 
THR C    C  N N 327 
THR O    O  N N 328 
THR CB   C  N R 329 
THR OG1  O  N N 330 
THR CG2  C  N N 331 
THR OXT  O  N N 332 
THR H    H  N N 333 
THR H2   H  N N 334 
THR HA   H  N N 335 
THR HB   H  N N 336 
THR HG1  H  N N 337 
THR HG21 H  N N 338 
THR HG22 H  N N 339 
THR HG23 H  N N 340 
THR HXT  H  N N 341 
TYR N    N  N N 342 
TYR CA   C  N S 343 
TYR C    C  N N 344 
TYR O    O  N N 345 
TYR CB   C  N N 346 
TYR CG   C  Y N 347 
TYR CD1  C  Y N 348 
TYR CD2  C  Y N 349 
TYR CE1  C  Y N 350 
TYR CE2  C  Y N 351 
TYR CZ   C  Y N 352 
TYR OH   O  N N 353 
TYR OXT  O  N N 354 
TYR H    H  N N 355 
TYR H2   H  N N 356 
TYR HA   H  N N 357 
TYR HB2  H  N N 358 
TYR HB3  H  N N 359 
TYR HD1  H  N N 360 
TYR HD2  H  N N 361 
TYR HE1  H  N N 362 
TYR HE2  H  N N 363 
TYR HH   H  N N 364 
TYR HXT  H  N N 365 
VAL N    N  N N 366 
VAL CA   C  N S 367 
VAL C    C  N N 368 
VAL O    O  N N 369 
VAL CB   C  N N 370 
VAL CG1  C  N N 371 
VAL CG2  C  N N 372 
VAL OXT  O  N N 373 
VAL H    H  N N 374 
VAL H2   H  N N 375 
VAL HA   H  N N 376 
VAL HB   H  N N 377 
VAL HG11 H  N N 378 
VAL HG12 H  N N 379 
VAL HG13 H  N N 380 
VAL HG21 H  N N 381 
VAL HG22 H  N N 382 
VAL HG23 H  N N 383 
VAL HXT  H  N N 384 
# 
loop_
_chem_comp_bond.comp_id 
_chem_comp_bond.atom_id_1 
_chem_comp_bond.atom_id_2 
_chem_comp_bond.value_order 
_chem_comp_bond.pdbx_aromatic_flag 
_chem_comp_bond.pdbx_stereo_config 
_chem_comp_bond.pdbx_ordinal 
5RL C13 N03  sing N N 1   
5RL C06 C04  sing N N 2   
5RL C06 C11  sing N N 3   
5RL N03 C04  sing N N 4   
5RL N03 C08  sing N N 5   
5RL C04 C05  sing N N 6   
5RL C08 C09  sing N N 7   
5RL C09 C07  sing N N 8   
5RL C16 C11  sing Y N 9   
5RL C16 C20  doub Y N 10  
5RL C11 C12  doub Y N 11  
5RL C05 C07  doub Y N 12  
5RL C05 C10  sing Y N 13  
5RL C07 C14  sing Y N 14  
5RL C20 C19  sing Y N 15  
5RL C12 C10  sing N N 16  
5RL C12 C17  sing Y N 17  
5RL C10 C15  doub Y N 18  
5RL C14 C18  doub Y N 19  
5RL C19 C17  doub Y N 20  
5RL C19 O02  sing N N 21  
5RL C17 O01  sing N N 22  
5RL C15 C18  sing Y N 23  
5RL C13 H1   sing N N 24  
5RL C13 H2   sing N N 25  
5RL C13 H3   sing N N 26  
5RL C14 H4   sing N N 27  
5RL C15 H5   sing N N 28  
5RL C16 H6   sing N N 29  
5RL C20 H7   sing N N 30  
5RL O01 H8   sing N N 31  
5RL O02 H9   sing N N 32  
5RL C08 H11  sing N N 33  
5RL C08 H12  sing N N 34  
5RL C09 H13  sing N N 35  
5RL C09 H14  sing N N 36  
5RL C18 H15  sing N N 37  
5RL C06 H10  sing N N 38  
5RL C06 H16  sing N N 39  
5RL C04 H17  sing N N 40  
ALA N   CA   sing N N 41  
ALA N   H    sing N N 42  
ALA N   H2   sing N N 43  
ALA CA  C    sing N N 44  
ALA CA  CB   sing N N 45  
ALA CA  HA   sing N N 46  
ALA C   O    doub N N 47  
ALA C   OXT  sing N N 48  
ALA CB  HB1  sing N N 49  
ALA CB  HB2  sing N N 50  
ALA CB  HB3  sing N N 51  
ALA OXT HXT  sing N N 52  
ARG N   CA   sing N N 53  
ARG N   H    sing N N 54  
ARG N   H2   sing N N 55  
ARG CA  C    sing N N 56  
ARG CA  CB   sing N N 57  
ARG CA  HA   sing N N 58  
ARG C   O    doub N N 59  
ARG C   OXT  sing N N 60  
ARG CB  CG   sing N N 61  
ARG CB  HB2  sing N N 62  
ARG CB  HB3  sing N N 63  
ARG CG  CD   sing N N 64  
ARG CG  HG2  sing N N 65  
ARG CG  HG3  sing N N 66  
ARG CD  NE   sing N N 67  
ARG CD  HD2  sing N N 68  
ARG CD  HD3  sing N N 69  
ARG NE  CZ   sing N N 70  
ARG NE  HE   sing N N 71  
ARG CZ  NH1  sing N N 72  
ARG CZ  NH2  doub N N 73  
ARG NH1 HH11 sing N N 74  
ARG NH1 HH12 sing N N 75  
ARG NH2 HH21 sing N N 76  
ARG NH2 HH22 sing N N 77  
ARG OXT HXT  sing N N 78  
ASN N   CA   sing N N 79  
ASN N   H    sing N N 80  
ASN N   H2   sing N N 81  
ASN CA  C    sing N N 82  
ASN CA  CB   sing N N 83  
ASN CA  HA   sing N N 84  
ASN C   O    doub N N 85  
ASN C   OXT  sing N N 86  
ASN CB  CG   sing N N 87  
ASN CB  HB2  sing N N 88  
ASN CB  HB3  sing N N 89  
ASN CG  OD1  doub N N 90  
ASN CG  ND2  sing N N 91  
ASN ND2 HD21 sing N N 92  
ASN ND2 HD22 sing N N 93  
ASN OXT HXT  sing N N 94  
ASP N   CA   sing N N 95  
ASP N   H    sing N N 96  
ASP N   H2   sing N N 97  
ASP CA  C    sing N N 98  
ASP CA  CB   sing N N 99  
ASP CA  HA   sing N N 100 
ASP C   O    doub N N 101 
ASP C   OXT  sing N N 102 
ASP CB  CG   sing N N 103 
ASP CB  HB2  sing N N 104 
ASP CB  HB3  sing N N 105 
ASP CG  OD1  doub N N 106 
ASP CG  OD2  sing N N 107 
ASP OD2 HD2  sing N N 108 
ASP OXT HXT  sing N N 109 
CYS N   CA   sing N N 110 
CYS N   H    sing N N 111 
CYS N   H2   sing N N 112 
CYS CA  C    sing N N 113 
CYS CA  CB   sing N N 114 
CYS CA  HA   sing N N 115 
CYS C   O    doub N N 116 
CYS C   OXT  sing N N 117 
CYS CB  SG   sing N N 118 
CYS CB  HB2  sing N N 119 
CYS CB  HB3  sing N N 120 
CYS SG  HG   sing N N 121 
CYS OXT HXT  sing N N 122 
GLN N   CA   sing N N 123 
GLN N   H    sing N N 124 
GLN N   H2   sing N N 125 
GLN CA  C    sing N N 126 
GLN CA  CB   sing N N 127 
GLN CA  HA   sing N N 128 
GLN C   O    doub N N 129 
GLN C   OXT  sing N N 130 
GLN CB  CG   sing N N 131 
GLN CB  HB2  sing N N 132 
GLN CB  HB3  sing N N 133 
GLN CG  CD   sing N N 134 
GLN CG  HG2  sing N N 135 
GLN CG  HG3  sing N N 136 
GLN CD  OE1  doub N N 137 
GLN CD  NE2  sing N N 138 
GLN NE2 HE21 sing N N 139 
GLN NE2 HE22 sing N N 140 
GLN OXT HXT  sing N N 141 
GLU N   CA   sing N N 142 
GLU N   H    sing N N 143 
GLU N   H2   sing N N 144 
GLU CA  C    sing N N 145 
GLU CA  CB   sing N N 146 
GLU CA  HA   sing N N 147 
GLU C   O    doub N N 148 
GLU C   OXT  sing N N 149 
GLU CB  CG   sing N N 150 
GLU CB  HB2  sing N N 151 
GLU CB  HB3  sing N N 152 
GLU CG  CD   sing N N 153 
GLU CG  HG2  sing N N 154 
GLU CG  HG3  sing N N 155 
GLU CD  OE1  doub N N 156 
GLU CD  OE2  sing N N 157 
GLU OE2 HE2  sing N N 158 
GLU OXT HXT  sing N N 159 
GLY N   CA   sing N N 160 
GLY N   H    sing N N 161 
GLY N   H2   sing N N 162 
GLY CA  C    sing N N 163 
GLY CA  HA2  sing N N 164 
GLY CA  HA3  sing N N 165 
GLY C   O    doub N N 166 
GLY C   OXT  sing N N 167 
GLY OXT HXT  sing N N 168 
HIS N   CA   sing N N 169 
HIS N   H    sing N N 170 
HIS N   H2   sing N N 171 
HIS CA  C    sing N N 172 
HIS CA  CB   sing N N 173 
HIS CA  HA   sing N N 174 
HIS C   O    doub N N 175 
HIS C   OXT  sing N N 176 
HIS CB  CG   sing N N 177 
HIS CB  HB2  sing N N 178 
HIS CB  HB3  sing N N 179 
HIS CG  ND1  sing Y N 180 
HIS CG  CD2  doub Y N 181 
HIS ND1 CE1  doub Y N 182 
HIS ND1 HD1  sing N N 183 
HIS CD2 NE2  sing Y N 184 
HIS CD2 HD2  sing N N 185 
HIS CE1 NE2  sing Y N 186 
HIS CE1 HE1  sing N N 187 
HIS NE2 HE2  sing N N 188 
HIS OXT HXT  sing N N 189 
HOH O   H1   sing N N 190 
HOH O   H2   sing N N 191 
ILE N   CA   sing N N 192 
ILE N   H    sing N N 193 
ILE N   H2   sing N N 194 
ILE CA  C    sing N N 195 
ILE CA  CB   sing N N 196 
ILE CA  HA   sing N N 197 
ILE C   O    doub N N 198 
ILE C   OXT  sing N N 199 
ILE CB  CG1  sing N N 200 
ILE CB  CG2  sing N N 201 
ILE CB  HB   sing N N 202 
ILE CG1 CD1  sing N N 203 
ILE CG1 HG12 sing N N 204 
ILE CG1 HG13 sing N N 205 
ILE CG2 HG21 sing N N 206 
ILE CG2 HG22 sing N N 207 
ILE CG2 HG23 sing N N 208 
ILE CD1 HD11 sing N N 209 
ILE CD1 HD12 sing N N 210 
ILE CD1 HD13 sing N N 211 
ILE OXT HXT  sing N N 212 
LEU N   CA   sing N N 213 
LEU N   H    sing N N 214 
LEU N   H2   sing N N 215 
LEU CA  C    sing N N 216 
LEU CA  CB   sing N N 217 
LEU CA  HA   sing N N 218 
LEU C   O    doub N N 219 
LEU C   OXT  sing N N 220 
LEU CB  CG   sing N N 221 
LEU CB  HB2  sing N N 222 
LEU CB  HB3  sing N N 223 
LEU CG  CD1  sing N N 224 
LEU CG  CD2  sing N N 225 
LEU CG  HG   sing N N 226 
LEU CD1 HD11 sing N N 227 
LEU CD1 HD12 sing N N 228 
LEU CD1 HD13 sing N N 229 
LEU CD2 HD21 sing N N 230 
LEU CD2 HD22 sing N N 231 
LEU CD2 HD23 sing N N 232 
LEU OXT HXT  sing N N 233 
LYS N   CA   sing N N 234 
LYS N   H    sing N N 235 
LYS N   H2   sing N N 236 
LYS CA  C    sing N N 237 
LYS CA  CB   sing N N 238 
LYS CA  HA   sing N N 239 
LYS C   O    doub N N 240 
LYS C   OXT  sing N N 241 
LYS CB  CG   sing N N 242 
LYS CB  HB2  sing N N 243 
LYS CB  HB3  sing N N 244 
LYS CG  CD   sing N N 245 
LYS CG  HG2  sing N N 246 
LYS CG  HG3  sing N N 247 
LYS CD  CE   sing N N 248 
LYS CD  HD2  sing N N 249 
LYS CD  HD3  sing N N 250 
LYS CE  NZ   sing N N 251 
LYS CE  HE2  sing N N 252 
LYS CE  HE3  sing N N 253 
LYS NZ  HZ1  sing N N 254 
LYS NZ  HZ2  sing N N 255 
LYS NZ  HZ3  sing N N 256 
LYS OXT HXT  sing N N 257 
MET N   CA   sing N N 258 
MET N   H    sing N N 259 
MET N   H2   sing N N 260 
MET CA  C    sing N N 261 
MET CA  CB   sing N N 262 
MET CA  HA   sing N N 263 
MET C   O    doub N N 264 
MET C   OXT  sing N N 265 
MET CB  CG   sing N N 266 
MET CB  HB2  sing N N 267 
MET CB  HB3  sing N N 268 
MET CG  SD   sing N N 269 
MET CG  HG2  sing N N 270 
MET CG  HG3  sing N N 271 
MET SD  CE   sing N N 272 
MET CE  HE1  sing N N 273 
MET CE  HE2  sing N N 274 
MET CE  HE3  sing N N 275 
MET OXT HXT  sing N N 276 
PHE N   CA   sing N N 277 
PHE N   H    sing N N 278 
PHE N   H2   sing N N 279 
PHE CA  C    sing N N 280 
PHE CA  CB   sing N N 281 
PHE CA  HA   sing N N 282 
PHE C   O    doub N N 283 
PHE C   OXT  sing N N 284 
PHE CB  CG   sing N N 285 
PHE CB  HB2  sing N N 286 
PHE CB  HB3  sing N N 287 
PHE CG  CD1  doub Y N 288 
PHE CG  CD2  sing Y N 289 
PHE CD1 CE1  sing Y N 290 
PHE CD1 HD1  sing N N 291 
PHE CD2 CE2  doub Y N 292 
PHE CD2 HD2  sing N N 293 
PHE CE1 CZ   doub Y N 294 
PHE CE1 HE1  sing N N 295 
PHE CE2 CZ   sing Y N 296 
PHE CE2 HE2  sing N N 297 
PHE CZ  HZ   sing N N 298 
PHE OXT HXT  sing N N 299 
SER N   CA   sing N N 300 
SER N   H    sing N N 301 
SER N   H2   sing N N 302 
SER CA  C    sing N N 303 
SER CA  CB   sing N N 304 
SER CA  HA   sing N N 305 
SER C   O    doub N N 306 
SER C   OXT  sing N N 307 
SER CB  OG   sing N N 308 
SER CB  HB2  sing N N 309 
SER CB  HB3  sing N N 310 
SER OG  HG   sing N N 311 
SER OXT HXT  sing N N 312 
THR N   CA   sing N N 313 
THR N   H    sing N N 314 
THR N   H2   sing N N 315 
THR CA  C    sing N N 316 
THR CA  CB   sing N N 317 
THR CA  HA   sing N N 318 
THR C   O    doub N N 319 
THR C   OXT  sing N N 320 
THR CB  OG1  sing N N 321 
THR CB  CG2  sing N N 322 
THR CB  HB   sing N N 323 
THR OG1 HG1  sing N N 324 
THR CG2 HG21 sing N N 325 
THR CG2 HG22 sing N N 326 
THR CG2 HG23 sing N N 327 
THR OXT HXT  sing N N 328 
TYR N   CA   sing N N 329 
TYR N   H    sing N N 330 
TYR N   H2   sing N N 331 
TYR CA  C    sing N N 332 
TYR CA  CB   sing N N 333 
TYR CA  HA   sing N N 334 
TYR C   O    doub N N 335 
TYR C   OXT  sing N N 336 
TYR CB  CG   sing N N 337 
TYR CB  HB2  sing N N 338 
TYR CB  HB3  sing N N 339 
TYR CG  CD1  doub Y N 340 
TYR CG  CD2  sing Y N 341 
TYR CD1 CE1  sing Y N 342 
TYR CD1 HD1  sing N N 343 
TYR CD2 CE2  doub Y N 344 
TYR CD2 HD2  sing N N 345 
TYR CE1 CZ   doub Y N 346 
TYR CE1 HE1  sing N N 347 
TYR CE2 CZ   sing Y N 348 
TYR CE2 HE2  sing N N 349 
TYR CZ  OH   sing N N 350 
TYR OH  HH   sing N N 351 
TYR OXT HXT  sing N N 352 
VAL N   CA   sing N N 353 
VAL N   H    sing N N 354 
VAL N   H2   sing N N 355 
VAL CA  C    sing N N 356 
VAL CA  CB   sing N N 357 
VAL CA  HA   sing N N 358 
VAL C   O    doub N N 359 
VAL C   OXT  sing N N 360 
VAL CB  CG1  sing N N 361 
VAL CB  CG2  sing N N 362 
VAL CB  HB   sing N N 363 
VAL CG1 HG11 sing N N 364 
VAL CG1 HG12 sing N N 365 
VAL CG1 HG13 sing N N 366 
VAL CG2 HG21 sing N N 367 
VAL CG2 HG22 sing N N 368 
VAL CG2 HG23 sing N N 369 
VAL OXT HXT  sing N N 370 
# 
loop_
_pdbx_audit_support.funding_organization 
_pdbx_audit_support.country 
_pdbx_audit_support.grant_number 
_pdbx_audit_support.ordinal 
'National Institutes of Health/National Institute of General Medical Sciences (NIH/NIGMS)'                        'United States' 
GM58888  1 
'National Institutes of Health/National Cancer Institute (NIH/NCI)'                                               'United States' 
CA107331 2 
'National Institutes of Health/National Cancer Institute (NIH/NCI)'                                               'United States' 
CA154274 3 
'National Institutes of Health/National Institute of Arthritis and Musculoskeletal and Skin Diseases (NIH/NIAMS)' 'United States' 
AR007592 4 
# 
loop_
_pdbx_entity_nonpoly.entity_id 
_pdbx_entity_nonpoly.name 
_pdbx_entity_nonpoly.comp_id 
2 'CALCIUM ION'                                                             CA  
3 '6-methyl-5,6,6~{a},7-tetrahydro-4~{H}-dibenzo[de,g]quinoline-10,11-diol' 5RL 
4 water                                                                     HOH 
# 
_pdbx_initial_refinement_model.id               1 
_pdbx_initial_refinement_model.entity_id_list   ? 
_pdbx_initial_refinement_model.type             'experimental model' 
_pdbx_initial_refinement_model.source_name      PDB 
_pdbx_initial_refinement_model.accession_code   1MHO 
_pdbx_initial_refinement_model.details          ? 
# 
